data_1VAU
# 
_entry.id   1VAU 
# 
_audit_conform.dict_name       mmcif_pdbx.dic 
_audit_conform.dict_version    5.398 
_audit_conform.dict_location   http://mmcif.pdb.org/dictionaries/ascii/mmcif_pdbx.dic 
# 
loop_
_database_2.database_id 
_database_2.database_code 
_database_2.pdbx_database_accession 
_database_2.pdbx_DOI 
PDB   1VAU         pdb_00001vau 10.2210/pdb1vau/pdb 
RCSB  RCSB006412   ?            ?                   
WWPDB D_1000006412 ?            ?                   
# 
loop_
_pdbx_audit_revision_history.ordinal 
_pdbx_audit_revision_history.data_content_type 
_pdbx_audit_revision_history.major_revision 
_pdbx_audit_revision_history.minor_revision 
_pdbx_audit_revision_history.revision_date 
1 'Structure model' 1 0 2005-03-08 
2 'Structure model' 1 1 2008-04-27 
3 'Structure model' 1 2 2011-07-13 
4 'Structure model' 1 3 2023-12-27 
5 'Structure model' 1 4 2024-10-30 
# 
_pdbx_audit_revision_details.ordinal             1 
_pdbx_audit_revision_details.revision_ordinal    1 
_pdbx_audit_revision_details.data_content_type   'Structure model' 
_pdbx_audit_revision_details.provider            repository 
_pdbx_audit_revision_details.type                'Initial release' 
_pdbx_audit_revision_details.description         ? 
_pdbx_audit_revision_details.details             ? 
# 
loop_
_pdbx_audit_revision_group.ordinal 
_pdbx_audit_revision_group.revision_ordinal 
_pdbx_audit_revision_group.data_content_type 
_pdbx_audit_revision_group.group 
1 2 'Structure model' 'Version format compliance' 
2 3 'Structure model' 'Version format compliance' 
3 4 'Structure model' 'Data collection'           
4 4 'Structure model' 'Database references'       
5 4 'Structure model' 'Derived calculations'      
6 5 'Structure model' 'Structure summary'         
# 
loop_
_pdbx_audit_revision_category.ordinal 
_pdbx_audit_revision_category.revision_ordinal 
_pdbx_audit_revision_category.data_content_type 
_pdbx_audit_revision_category.category 
1 4 'Structure model' chem_comp_atom            
2 4 'Structure model' chem_comp_bond            
3 4 'Structure model' database_2                
4 4 'Structure model' pdbx_struct_conn_angle    
5 4 'Structure model' struct_conn               
6 4 'Structure model' struct_site               
7 5 'Structure model' pdbx_entry_details        
8 5 'Structure model' pdbx_modification_feature 
# 
loop_
_pdbx_audit_revision_item.ordinal 
_pdbx_audit_revision_item.revision_ordinal 
_pdbx_audit_revision_item.data_content_type 
_pdbx_audit_revision_item.item 
1  4 'Structure model' '_database_2.pdbx_DOI'                        
2  4 'Structure model' '_database_2.pdbx_database_accession'         
3  4 'Structure model' '_pdbx_struct_conn_angle.ptnr1_auth_comp_id'  
4  4 'Structure model' '_pdbx_struct_conn_angle.ptnr1_auth_seq_id'   
5  4 'Structure model' '_pdbx_struct_conn_angle.ptnr1_label_asym_id' 
6  4 'Structure model' '_pdbx_struct_conn_angle.ptnr1_label_atom_id' 
7  4 'Structure model' '_pdbx_struct_conn_angle.ptnr1_label_comp_id' 
8  4 'Structure model' '_pdbx_struct_conn_angle.ptnr1_label_seq_id'  
9  4 'Structure model' '_pdbx_struct_conn_angle.ptnr3_auth_comp_id'  
10 4 'Structure model' '_pdbx_struct_conn_angle.ptnr3_auth_seq_id'   
11 4 'Structure model' '_pdbx_struct_conn_angle.ptnr3_label_asym_id' 
12 4 'Structure model' '_pdbx_struct_conn_angle.ptnr3_label_atom_id' 
13 4 'Structure model' '_pdbx_struct_conn_angle.ptnr3_label_comp_id' 
14 4 'Structure model' '_pdbx_struct_conn_angle.ptnr3_label_seq_id'  
15 4 'Structure model' '_pdbx_struct_conn_angle.value'               
16 4 'Structure model' '_struct_conn.pdbx_dist_value'                
17 4 'Structure model' '_struct_conn.ptnr1_auth_comp_id'             
18 4 'Structure model' '_struct_conn.ptnr1_auth_seq_id'              
19 4 'Structure model' '_struct_conn.ptnr1_label_asym_id'            
20 4 'Structure model' '_struct_conn.ptnr1_label_atom_id'            
21 4 'Structure model' '_struct_conn.ptnr1_label_comp_id'            
22 4 'Structure model' '_struct_conn.ptnr1_label_seq_id'             
23 4 'Structure model' '_struct_conn.ptnr2_auth_comp_id'             
24 4 'Structure model' '_struct_conn.ptnr2_auth_seq_id'              
25 4 'Structure model' '_struct_conn.ptnr2_label_asym_id'            
26 4 'Structure model' '_struct_conn.ptnr2_label_atom_id'            
27 4 'Structure model' '_struct_conn.ptnr2_label_comp_id'            
28 4 'Structure model' '_struct_conn.ptnr2_label_seq_id'             
29 4 'Structure model' '_struct_site.pdbx_auth_asym_id'              
30 4 'Structure model' '_struct_site.pdbx_auth_comp_id'              
31 4 'Structure model' '_struct_site.pdbx_auth_seq_id'               
# 
_pdbx_database_status.status_code                     REL 
_pdbx_database_status.entry_id                        1VAU 
_pdbx_database_status.recvd_initial_deposition_date   2004-02-19 
_pdbx_database_status.deposit_site                    PDBJ 
_pdbx_database_status.process_site                    PDBJ 
_pdbx_database_status.status_code_sf                  REL 
_pdbx_database_status.status_code_mr                  ? 
_pdbx_database_status.SG_entry                        Y 
_pdbx_database_status.pdb_format_compatible           Y 
_pdbx_database_status.status_code_cs                  ? 
_pdbx_database_status.status_code_nmr_data            ? 
_pdbx_database_status.methods_development_category    ? 
# 
loop_
_pdbx_database_related.db_name 
_pdbx_database_related.db_id 
_pdbx_database_related.details 
_pdbx_database_related.content_type 
PDB      1VAT           'Iodine derivative' unspecified 
TargetDB my_001000041.2 .                   unspecified 
# 
loop_
_audit_author.name 
_audit_author.pdbx_ordinal 
'Takeda, K.'                                             1 
'Miyatake, H.'                                           2 
'Park, S.Y.'                                             3 
'Kawamoto, M.'                                           4 
'Kamiya, N.'                                             5 
'Miki, K.'                                               6 
'RIKEN Structural Genomics/Proteomics Initiative (RSGI)' 7 
# 
_citation.id                        primary 
_citation.title                     
'Multi-wavelength anomalous diffraction method for I and Xe atoms using ultra-high-energy X-rays from SPring-8' 
_citation.journal_abbrev            J.Appl.Crystallogr. 
_citation.journal_volume            37 
_citation.page_first                925 
_citation.page_last                 933 
_citation.year                      2004 
_citation.journal_id_ASTM           JACGAR 
_citation.country                   DK 
_citation.journal_id_ISSN           0021-8898 
_citation.journal_id_CSD            0228 
_citation.book_publisher            ? 
_citation.pdbx_database_id_PubMed   -1 
_citation.pdbx_database_id_DOI      ? 
# 
loop_
_citation_author.citation_id 
_citation_author.name 
_citation_author.ordinal 
_citation_author.identifier_ORCID 
primary 'Takeda, K.'   1 ? 
primary 'Miyatake, H.' 2 ? 
primary 'Park, S.Y.'   3 ? 
primary 'Kawamoto, M.' 4 ? 
primary 'Kamiya, N.'   5 ? 
primary 'Miki, K.'     6 ? 
# 
loop_
_entity.id 
_entity.type 
_entity.src_method 
_entity.pdbx_description 
_entity.formula_weight 
_entity.pdbx_number_of_molecules 
_entity.pdbx_ec 
_entity.pdbx_mutation 
_entity.pdbx_fragment 
_entity.details 
1 polymer     nat 'Lysozyme C'   14331.160 1   3.2.1.17 ? ? ? 
2 non-polymer syn 'CHLORIDE ION' 35.453    2   ?        ? ? ? 
3 non-polymer syn 'SODIUM ION'   22.990    1   ?        ? ? ? 
4 non-polymer syn XENON          131.293   3   ?        ? ? ? 
5 water       nat water          18.015    124 ?        ? ? ? 
# 
_entity_name_com.entity_id   1 
_entity_name_com.name        '1,4-beta-N-acetylmuramidase C, Allergen Gal d 4, Gal d IV' 
# 
_entity_poly.entity_id                      1 
_entity_poly.type                           'polypeptide(L)' 
_entity_poly.nstd_linkage                   no 
_entity_poly.nstd_monomer                   no 
_entity_poly.pdbx_seq_one_letter_code       
;KVFGRCELAAAMKRHGLDNYRGYSLGNWVCAAKFESNFNTQATNRNTDGSTDYGILQINSRWWCNDGRTPGSRNLCNIPC
SALLSSDITASVNCAKKIVSDGNGMNAWVAWRNRCKGTDVQAWIRGCRL
;
_entity_poly.pdbx_seq_one_letter_code_can   
;KVFGRCELAAAMKRHGLDNYRGYSLGNWVCAAKFESNFNTQATNRNTDGSTDYGILQINSRWWCNDGRTPGSRNLCNIPC
SALLSSDITASVNCAKKIVSDGNGMNAWVAWRNRCKGTDVQAWIRGCRL
;
_entity_poly.pdbx_strand_id                 A 
_entity_poly.pdbx_target_identifier         my_001000041.2 
# 
loop_
_pdbx_entity_nonpoly.entity_id 
_pdbx_entity_nonpoly.name 
_pdbx_entity_nonpoly.comp_id 
2 'CHLORIDE ION' CL  
3 'SODIUM ION'   NA  
4 XENON          XE  
5 water          HOH 
# 
loop_
_entity_poly_seq.entity_id 
_entity_poly_seq.num 
_entity_poly_seq.mon_id 
_entity_poly_seq.hetero 
1 1   LYS n 
1 2   VAL n 
1 3   PHE n 
1 4   GLY n 
1 5   ARG n 
1 6   CYS n 
1 7   GLU n 
1 8   LEU n 
1 9   ALA n 
1 10  ALA n 
1 11  ALA n 
1 12  MET n 
1 13  LYS n 
1 14  ARG n 
1 15  HIS n 
1 16  GLY n 
1 17  LEU n 
1 18  ASP n 
1 19  ASN n 
1 20  TYR n 
1 21  ARG n 
1 22  GLY n 
1 23  TYR n 
1 24  SER n 
1 25  LEU n 
1 26  GLY n 
1 27  ASN n 
1 28  TRP n 
1 29  VAL n 
1 30  CYS n 
1 31  ALA n 
1 32  ALA n 
1 33  LYS n 
1 34  PHE n 
1 35  GLU n 
1 36  SER n 
1 37  ASN n 
1 38  PHE n 
1 39  ASN n 
1 40  THR n 
1 41  GLN n 
1 42  ALA n 
1 43  THR n 
1 44  ASN n 
1 45  ARG n 
1 46  ASN n 
1 47  THR n 
1 48  ASP n 
1 49  GLY n 
1 50  SER n 
1 51  THR n 
1 52  ASP n 
1 53  TYR n 
1 54  GLY n 
1 55  ILE n 
1 56  LEU n 
1 57  GLN n 
1 58  ILE n 
1 59  ASN n 
1 60  SER n 
1 61  ARG n 
1 62  TRP n 
1 63  TRP n 
1 64  CYS n 
1 65  ASN n 
1 66  ASP n 
1 67  GLY n 
1 68  ARG n 
1 69  THR n 
1 70  PRO n 
1 71  GLY n 
1 72  SER n 
1 73  ARG n 
1 74  ASN n 
1 75  LEU n 
1 76  CYS n 
1 77  ASN n 
1 78  ILE n 
1 79  PRO n 
1 80  CYS n 
1 81  SER n 
1 82  ALA n 
1 83  LEU n 
1 84  LEU n 
1 85  SER n 
1 86  SER n 
1 87  ASP n 
1 88  ILE n 
1 89  THR n 
1 90  ALA n 
1 91  SER n 
1 92  VAL n 
1 93  ASN n 
1 94  CYS n 
1 95  ALA n 
1 96  LYS n 
1 97  LYS n 
1 98  ILE n 
1 99  VAL n 
1 100 SER n 
1 101 ASP n 
1 102 GLY n 
1 103 ASN n 
1 104 GLY n 
1 105 MET n 
1 106 ASN n 
1 107 ALA n 
1 108 TRP n 
1 109 VAL n 
1 110 ALA n 
1 111 TRP n 
1 112 ARG n 
1 113 ASN n 
1 114 ARG n 
1 115 CYS n 
1 116 LYS n 
1 117 GLY n 
1 118 THR n 
1 119 ASP n 
1 120 VAL n 
1 121 GLN n 
1 122 ALA n 
1 123 TRP n 
1 124 ILE n 
1 125 ARG n 
1 126 GLY n 
1 127 CYS n 
1 128 ARG n 
1 129 LEU n 
# 
_entity_src_nat.entity_id                  1 
_entity_src_nat.pdbx_src_id                1 
_entity_src_nat.pdbx_alt_source_flag       sample 
_entity_src_nat.pdbx_beg_seq_num           ? 
_entity_src_nat.pdbx_end_seq_num           ? 
_entity_src_nat.common_name                chicken 
_entity_src_nat.pdbx_organism_scientific   'Gallus gallus' 
_entity_src_nat.pdbx_ncbi_taxonomy_id      9031 
_entity_src_nat.genus                      Gallus 
_entity_src_nat.species                    ? 
_entity_src_nat.strain                     ? 
_entity_src_nat.tissue                     'hen egg-white' 
_entity_src_nat.tissue_fraction            ? 
_entity_src_nat.pdbx_secretion             ? 
_entity_src_nat.pdbx_fragment              ? 
_entity_src_nat.pdbx_variant               ? 
_entity_src_nat.pdbx_cell_line             ? 
_entity_src_nat.pdbx_atcc                  ? 
_entity_src_nat.pdbx_cellular_location     ? 
_entity_src_nat.pdbx_organ                 ? 
_entity_src_nat.pdbx_organelle             ? 
_entity_src_nat.pdbx_cell                  ? 
_entity_src_nat.pdbx_plasmid_name          ? 
_entity_src_nat.pdbx_plasmid_details       ? 
_entity_src_nat.details                    ? 
# 
loop_
_chem_comp.id 
_chem_comp.type 
_chem_comp.mon_nstd_flag 
_chem_comp.name 
_chem_comp.pdbx_synonyms 
_chem_comp.formula 
_chem_comp.formula_weight 
ALA 'L-peptide linking' y ALANINE         ? 'C3 H7 N O2'     89.093  
ARG 'L-peptide linking' y ARGININE        ? 'C6 H15 N4 O2 1' 175.209 
ASN 'L-peptide linking' y ASPARAGINE      ? 'C4 H8 N2 O3'    132.118 
ASP 'L-peptide linking' y 'ASPARTIC ACID' ? 'C4 H7 N O4'     133.103 
CL  non-polymer         . 'CHLORIDE ION'  ? 'Cl -1'          35.453  
CYS 'L-peptide linking' y CYSTEINE        ? 'C3 H7 N O2 S'   121.158 
GLN 'L-peptide linking' y GLUTAMINE       ? 'C5 H10 N2 O3'   146.144 
GLU 'L-peptide linking' y 'GLUTAMIC ACID' ? 'C5 H9 N O4'     147.129 
GLY 'peptide linking'   y GLYCINE         ? 'C2 H5 N O2'     75.067  
HIS 'L-peptide linking' y HISTIDINE       ? 'C6 H10 N3 O2 1' 156.162 
HOH non-polymer         . WATER           ? 'H2 O'           18.015  
ILE 'L-peptide linking' y ISOLEUCINE      ? 'C6 H13 N O2'    131.173 
LEU 'L-peptide linking' y LEUCINE         ? 'C6 H13 N O2'    131.173 
LYS 'L-peptide linking' y LYSINE          ? 'C6 H15 N2 O2 1' 147.195 
MET 'L-peptide linking' y METHIONINE      ? 'C5 H11 N O2 S'  149.211 
NA  non-polymer         . 'SODIUM ION'    ? 'Na 1'           22.990  
PHE 'L-peptide linking' y PHENYLALANINE   ? 'C9 H11 N O2'    165.189 
PRO 'L-peptide linking' y PROLINE         ? 'C5 H9 N O2'     115.130 
SER 'L-peptide linking' y SERINE          ? 'C3 H7 N O3'     105.093 
THR 'L-peptide linking' y THREONINE       ? 'C4 H9 N O3'     119.119 
TRP 'L-peptide linking' y TRYPTOPHAN      ? 'C11 H12 N2 O2'  204.225 
TYR 'L-peptide linking' y TYROSINE        ? 'C9 H11 N O3'    181.189 
VAL 'L-peptide linking' y VALINE          ? 'C5 H11 N O2'    117.146 
XE  non-polymer         . XENON           ? Xe               131.293 
# 
loop_
_pdbx_poly_seq_scheme.asym_id 
_pdbx_poly_seq_scheme.entity_id 
_pdbx_poly_seq_scheme.seq_id 
_pdbx_poly_seq_scheme.mon_id 
_pdbx_poly_seq_scheme.ndb_seq_num 
_pdbx_poly_seq_scheme.pdb_seq_num 
_pdbx_poly_seq_scheme.auth_seq_num 
_pdbx_poly_seq_scheme.pdb_mon_id 
_pdbx_poly_seq_scheme.auth_mon_id 
_pdbx_poly_seq_scheme.pdb_strand_id 
_pdbx_poly_seq_scheme.pdb_ins_code 
_pdbx_poly_seq_scheme.hetero 
A 1 1   LYS 1   1   1   LYS LYS A . n 
A 1 2   VAL 2   2   2   VAL VAL A . n 
A 1 3   PHE 3   3   3   PHE PHE A . n 
A 1 4   GLY 4   4   4   GLY GLY A . n 
A 1 5   ARG 5   5   5   ARG ARG A . n 
A 1 6   CYS 6   6   6   CYS CYS A . n 
A 1 7   GLU 7   7   7   GLU GLU A . n 
A 1 8   LEU 8   8   8   LEU LEU A . n 
A 1 9   ALA 9   9   9   ALA ALA A . n 
A 1 10  ALA 10  10  10  ALA ALA A . n 
A 1 11  ALA 11  11  11  ALA ALA A . n 
A 1 12  MET 12  12  12  MET MET A . n 
A 1 13  LYS 13  13  13  LYS LYS A . n 
A 1 14  ARG 14  14  14  ARG ARG A . n 
A 1 15  HIS 15  15  15  HIS HIS A . n 
A 1 16  GLY 16  16  16  GLY GLY A . n 
A 1 17  LEU 17  17  17  LEU LEU A . n 
A 1 18  ASP 18  18  18  ASP ASP A . n 
A 1 19  ASN 19  19  19  ASN ASN A . n 
A 1 20  TYR 20  20  20  TYR TYR A . n 
A 1 21  ARG 21  21  21  ARG ARG A . n 
A 1 22  GLY 22  22  22  GLY GLY A . n 
A 1 23  TYR 23  23  23  TYR TYR A . n 
A 1 24  SER 24  24  24  SER SER A . n 
A 1 25  LEU 25  25  25  LEU LEU A . n 
A 1 26  GLY 26  26  26  GLY GLY A . n 
A 1 27  ASN 27  27  27  ASN ASN A . n 
A 1 28  TRP 28  28  28  TRP TRP A . n 
A 1 29  VAL 29  29  29  VAL VAL A . n 
A 1 30  CYS 30  30  30  CYS CYS A . n 
A 1 31  ALA 31  31  31  ALA ALA A . n 
A 1 32  ALA 32  32  32  ALA ALA A . n 
A 1 33  LYS 33  33  33  LYS LYS A . n 
A 1 34  PHE 34  34  34  PHE PHE A . n 
A 1 35  GLU 35  35  35  GLU GLU A . n 
A 1 36  SER 36  36  36  SER SER A . n 
A 1 37  ASN 37  37  37  ASN ASN A . n 
A 1 38  PHE 38  38  38  PHE PHE A . n 
A 1 39  ASN 39  39  39  ASN ASN A . n 
A 1 40  THR 40  40  40  THR THR A . n 
A 1 41  GLN 41  41  41  GLN GLN A . n 
A 1 42  ALA 42  42  42  ALA ALA A . n 
A 1 43  THR 43  43  43  THR THR A . n 
A 1 44  ASN 44  44  44  ASN ASN A . n 
A 1 45  ARG 45  45  45  ARG ARG A . n 
A 1 46  ASN 46  46  46  ASN ASN A . n 
A 1 47  THR 47  47  47  THR THR A . n 
A 1 48  ASP 48  48  48  ASP ASP A . n 
A 1 49  GLY 49  49  49  GLY GLY A . n 
A 1 50  SER 50  50  50  SER SER A . n 
A 1 51  THR 51  51  51  THR THR A . n 
A 1 52  ASP 52  52  52  ASP ASP A . n 
A 1 53  TYR 53  53  53  TYR TYR A . n 
A 1 54  GLY 54  54  54  GLY GLY A . n 
A 1 55  ILE 55  55  55  ILE ILE A . n 
A 1 56  LEU 56  56  56  LEU LEU A . n 
A 1 57  GLN 57  57  57  GLN GLN A . n 
A 1 58  ILE 58  58  58  ILE ILE A . n 
A 1 59  ASN 59  59  59  ASN ASN A . n 
A 1 60  SER 60  60  60  SER SER A . n 
A 1 61  ARG 61  61  61  ARG ARG A . n 
A 1 62  TRP 62  62  62  TRP TRP A . n 
A 1 63  TRP 63  63  63  TRP TRP A . n 
A 1 64  CYS 64  64  64  CYS CYS A . n 
A 1 65  ASN 65  65  65  ASN ASN A . n 
A 1 66  ASP 66  66  66  ASP ASP A . n 
A 1 67  GLY 67  67  67  GLY GLY A . n 
A 1 68  ARG 68  68  68  ARG ARG A . n 
A 1 69  THR 69  69  69  THR THR A . n 
A 1 70  PRO 70  70  70  PRO PRO A . n 
A 1 71  GLY 71  71  71  GLY GLY A . n 
A 1 72  SER 72  72  72  SER SER A . n 
A 1 73  ARG 73  73  73  ARG ARG A . n 
A 1 74  ASN 74  74  74  ASN ASN A . n 
A 1 75  LEU 75  75  75  LEU LEU A . n 
A 1 76  CYS 76  76  76  CYS CYS A . n 
A 1 77  ASN 77  77  77  ASN ASN A . n 
A 1 78  ILE 78  78  78  ILE ILE A . n 
A 1 79  PRO 79  79  79  PRO PRO A . n 
A 1 80  CYS 80  80  80  CYS CYS A . n 
A 1 81  SER 81  81  81  SER SER A . n 
A 1 82  ALA 82  82  82  ALA ALA A . n 
A 1 83  LEU 83  83  83  LEU LEU A . n 
A 1 84  LEU 84  84  84  LEU LEU A . n 
A 1 85  SER 85  85  85  SER SER A . n 
A 1 86  SER 86  86  86  SER SER A . n 
A 1 87  ASP 87  87  87  ASP ASP A . n 
A 1 88  ILE 88  88  88  ILE ILE A . n 
A 1 89  THR 89  89  89  THR THR A . n 
A 1 90  ALA 90  90  90  ALA ALA A . n 
A 1 91  SER 91  91  91  SER SER A . n 
A 1 92  VAL 92  92  92  VAL VAL A . n 
A 1 93  ASN 93  93  93  ASN ASN A . n 
A 1 94  CYS 94  94  94  CYS CYS A . n 
A 1 95  ALA 95  95  95  ALA ALA A . n 
A 1 96  LYS 96  96  96  LYS LYS A . n 
A 1 97  LYS 97  97  97  LYS LYS A . n 
A 1 98  ILE 98  98  98  ILE ILE A . n 
A 1 99  VAL 99  99  99  VAL VAL A . n 
A 1 100 SER 100 100 100 SER SER A . n 
A 1 101 ASP 101 101 101 ASP ASP A . n 
A 1 102 GLY 102 102 102 GLY GLY A . n 
A 1 103 ASN 103 103 103 ASN ASN A . n 
A 1 104 GLY 104 104 104 GLY GLY A . n 
A 1 105 MET 105 105 105 MET MET A . n 
A 1 106 ASN 106 106 106 ASN ASN A . n 
A 1 107 ALA 107 107 107 ALA ALA A . n 
A 1 108 TRP 108 108 108 TRP TRP A . n 
A 1 109 VAL 109 109 109 VAL VAL A . n 
A 1 110 ALA 110 110 110 ALA ALA A . n 
A 1 111 TRP 111 111 111 TRP TRP A . n 
A 1 112 ARG 112 112 112 ARG ARG A . n 
A 1 113 ASN 113 113 113 ASN ASN A . n 
A 1 114 ARG 114 114 114 ARG ARG A . n 
A 1 115 CYS 115 115 115 CYS CYS A . n 
A 1 116 LYS 116 116 116 LYS LYS A . n 
A 1 117 GLY 117 117 117 GLY GLY A . n 
A 1 118 THR 118 118 118 THR THR A . n 
A 1 119 ASP 119 119 119 ASP ASP A . n 
A 1 120 VAL 120 120 120 VAL VAL A . n 
A 1 121 GLN 121 121 121 GLN GLN A . n 
A 1 122 ALA 122 122 122 ALA ALA A . n 
A 1 123 TRP 123 123 123 TRP TRP A . n 
A 1 124 ILE 124 124 124 ILE ILE A . n 
A 1 125 ARG 125 125 125 ARG ARG A . n 
A 1 126 GLY 126 126 126 GLY GLY A . n 
A 1 127 CYS 127 127 127 CYS CYS A . n 
A 1 128 ARG 128 128 128 ARG ARG A . n 
A 1 129 LEU 129 129 129 LEU LEU A . n 
# 
loop_
_pdbx_nonpoly_scheme.asym_id 
_pdbx_nonpoly_scheme.entity_id 
_pdbx_nonpoly_scheme.mon_id 
_pdbx_nonpoly_scheme.ndb_seq_num 
_pdbx_nonpoly_scheme.pdb_seq_num 
_pdbx_nonpoly_scheme.auth_seq_num 
_pdbx_nonpoly_scheme.pdb_mon_id 
_pdbx_nonpoly_scheme.auth_mon_id 
_pdbx_nonpoly_scheme.pdb_strand_id 
_pdbx_nonpoly_scheme.pdb_ins_code 
B 2 CL  1   301 301 CL  CL1 A . 
C 2 CL  1   302 302 CL  CL1 A . 
D 3 NA  1   303 303 NA  NA1 A . 
E 4 XE  1   201 201 XE  XE  A . 
F 4 XE  1   202 202 XE  XE  A . 
G 4 XE  1   203 203 XE  XE  A . 
H 5 HOH 1   304 304 HOH HOH A . 
H 5 HOH 2   305 305 HOH HOH A . 
H 5 HOH 3   306 306 HOH HOH A . 
H 5 HOH 4   307 307 HOH HOH A . 
H 5 HOH 5   308 308 HOH HOH A . 
H 5 HOH 6   309 309 HOH HOH A . 
H 5 HOH 7   310 310 HOH HOH A . 
H 5 HOH 8   311 311 HOH HOH A . 
H 5 HOH 9   312 312 HOH HOH A . 
H 5 HOH 10  313 313 HOH HOH A . 
H 5 HOH 11  314 314 HOH HOH A . 
H 5 HOH 12  315 315 HOH HOH A . 
H 5 HOH 13  316 316 HOH HOH A . 
H 5 HOH 14  317 317 HOH HOH A . 
H 5 HOH 15  318 318 HOH HOH A . 
H 5 HOH 16  319 319 HOH HOH A . 
H 5 HOH 17  320 320 HOH HOH A . 
H 5 HOH 18  321 321 HOH HOH A . 
H 5 HOH 19  322 322 HOH HOH A . 
H 5 HOH 20  323 323 HOH HOH A . 
H 5 HOH 21  324 324 HOH HOH A . 
H 5 HOH 22  325 325 HOH HOH A . 
H 5 HOH 23  326 326 HOH HOH A . 
H 5 HOH 24  327 327 HOH HOH A . 
H 5 HOH 25  328 328 HOH HOH A . 
H 5 HOH 26  329 329 HOH HOH A . 
H 5 HOH 27  330 330 HOH HOH A . 
H 5 HOH 28  331 331 HOH HOH A . 
H 5 HOH 29  332 332 HOH HOH A . 
H 5 HOH 30  333 333 HOH HOH A . 
H 5 HOH 31  334 334 HOH HOH A . 
H 5 HOH 32  335 335 HOH HOH A . 
H 5 HOH 33  336 336 HOH HOH A . 
H 5 HOH 34  337 337 HOH HOH A . 
H 5 HOH 35  338 338 HOH HOH A . 
H 5 HOH 36  339 339 HOH HOH A . 
H 5 HOH 37  340 340 HOH HOH A . 
H 5 HOH 38  341 341 HOH HOH A . 
H 5 HOH 39  342 342 HOH HOH A . 
H 5 HOH 40  343 343 HOH HOH A . 
H 5 HOH 41  344 344 HOH HOH A . 
H 5 HOH 42  345 345 HOH HOH A . 
H 5 HOH 43  346 346 HOH HOH A . 
H 5 HOH 44  347 347 HOH HOH A . 
H 5 HOH 45  348 348 HOH HOH A . 
H 5 HOH 46  349 349 HOH HOH A . 
H 5 HOH 47  350 350 HOH HOH A . 
H 5 HOH 48  351 351 HOH HOH A . 
H 5 HOH 49  352 352 HOH HOH A . 
H 5 HOH 50  353 353 HOH HOH A . 
H 5 HOH 51  354 354 HOH HOH A . 
H 5 HOH 52  355 355 HOH HOH A . 
H 5 HOH 53  356 356 HOH HOH A . 
H 5 HOH 54  357 357 HOH HOH A . 
H 5 HOH 55  358 358 HOH HOH A . 
H 5 HOH 56  359 359 HOH HOH A . 
H 5 HOH 57  360 360 HOH HOH A . 
H 5 HOH 58  361 361 HOH HOH A . 
H 5 HOH 59  362 362 HOH HOH A . 
H 5 HOH 60  363 363 HOH HOH A . 
H 5 HOH 61  364 364 HOH HOH A . 
H 5 HOH 62  365 365 HOH HOH A . 
H 5 HOH 63  366 366 HOH HOH A . 
H 5 HOH 64  367 367 HOH HOH A . 
H 5 HOH 65  368 368 HOH HOH A . 
H 5 HOH 66  369 369 HOH HOH A . 
H 5 HOH 67  370 370 HOH HOH A . 
H 5 HOH 68  371 371 HOH HOH A . 
H 5 HOH 69  372 372 HOH HOH A . 
H 5 HOH 70  373 373 HOH HOH A . 
H 5 HOH 71  374 374 HOH HOH A . 
H 5 HOH 72  375 375 HOH HOH A . 
H 5 HOH 73  376 376 HOH HOH A . 
H 5 HOH 74  377 377 HOH HOH A . 
H 5 HOH 75  378 378 HOH HOH A . 
H 5 HOH 76  379 379 HOH HOH A . 
H 5 HOH 77  380 380 HOH HOH A . 
H 5 HOH 78  381 381 HOH HOH A . 
H 5 HOH 79  382 382 HOH HOH A . 
H 5 HOH 80  383 383 HOH HOH A . 
H 5 HOH 81  384 384 HOH HOH A . 
H 5 HOH 82  385 385 HOH HOH A . 
H 5 HOH 83  386 386 HOH HOH A . 
H 5 HOH 84  387 387 HOH HOH A . 
H 5 HOH 85  388 388 HOH HOH A . 
H 5 HOH 86  389 389 HOH HOH A . 
H 5 HOH 87  390 390 HOH HOH A . 
H 5 HOH 88  391 391 HOH HOH A . 
H 5 HOH 89  392 392 HOH HOH A . 
H 5 HOH 90  393 393 HOH HOH A . 
H 5 HOH 91  394 394 HOH HOH A . 
H 5 HOH 92  395 395 HOH HOH A . 
H 5 HOH 93  396 396 HOH HOH A . 
H 5 HOH 94  397 397 HOH HOH A . 
H 5 HOH 95  398 398 HOH HOH A . 
H 5 HOH 96  399 399 HOH HOH A . 
H 5 HOH 97  400 400 HOH HOH A . 
H 5 HOH 98  401 401 HOH HOH A . 
H 5 HOH 99  402 402 HOH HOH A . 
H 5 HOH 100 403 403 HOH HOH A . 
H 5 HOH 101 404 404 HOH HOH A . 
H 5 HOH 102 405 405 HOH HOH A . 
H 5 HOH 103 406 406 HOH HOH A . 
H 5 HOH 104 407 407 HOH HOH A . 
H 5 HOH 105 408 408 HOH HOH A . 
H 5 HOH 106 409 409 HOH HOH A . 
H 5 HOH 107 410 410 HOH HOH A . 
H 5 HOH 108 411 411 HOH HOH A . 
H 5 HOH 109 412 412 HOH HOH A . 
H 5 HOH 110 413 413 HOH HOH A . 
H 5 HOH 111 414 414 HOH HOH A . 
H 5 HOH 112 415 415 HOH HOH A . 
H 5 HOH 113 416 416 HOH HOH A . 
H 5 HOH 114 417 417 HOH HOH A . 
H 5 HOH 115 418 418 HOH HOH A . 
H 5 HOH 116 419 419 HOH HOH A . 
H 5 HOH 117 420 420 HOH HOH A . 
H 5 HOH 118 421 421 HOH HOH A . 
H 5 HOH 119 422 422 HOH HOH A . 
H 5 HOH 120 423 423 HOH HOH A . 
H 5 HOH 121 424 424 HOH HOH A . 
H 5 HOH 122 425 425 HOH HOH A . 
H 5 HOH 123 426 426 HOH HOH A . 
H 5 HOH 124 427 427 HOH HOH A . 
# 
loop_
_software.name 
_software.classification 
_software.version 
_software.citation_id 
_software.pdbx_ordinal 
HKL-2000  'data collection' . ? 1 
SCALEPACK 'data scaling'    . ? 2 
SHARP     phasing           . ? 3 
CNS       refinement        . ? 4 
HKL-2000  'data reduction'  . ? 5 
# 
_cell.entry_id           1VAU 
_cell.length_a           78.33 
_cell.length_b           78.33 
_cell.length_c           36.94 
_cell.angle_alpha        90.00 
_cell.angle_beta         90.00 
_cell.angle_gamma        90.00 
_cell.Z_PDB              8 
_cell.pdbx_unique_axis   ? 
_cell.length_a_esd       ? 
_cell.length_b_esd       ? 
_cell.length_c_esd       ? 
_cell.angle_alpha_esd    ? 
_cell.angle_beta_esd     ? 
_cell.angle_gamma_esd    ? 
# 
_symmetry.entry_id                         1VAU 
_symmetry.space_group_name_H-M             'P 43 21 2' 
_symmetry.pdbx_full_space_group_name_H-M   ? 
_symmetry.cell_setting                     ? 
_symmetry.Int_Tables_number                96 
_symmetry.space_group_name_Hall            ? 
# 
_exptl.entry_id          1VAU 
_exptl.method            'X-RAY DIFFRACTION' 
_exptl.crystals_number   1 
# 
_exptl_crystal.id                    1 
_exptl_crystal.density_meas          ? 
_exptl_crystal.density_Matthews      1.77 
_exptl_crystal.density_percent_sol   29.80 
_exptl_crystal.description           ? 
_exptl_crystal.F_000                 ? 
_exptl_crystal.preparation           ? 
# 
_exptl_crystal_grow.crystal_id      1 
_exptl_crystal_grow.method          'VAPOR DIFFUSION, SITTING DROP' 
_exptl_crystal_grow.temp            293 
_exptl_crystal_grow.temp_details    ? 
_exptl_crystal_grow.pH              4.5 
_exptl_crystal_grow.pdbx_details    
'50mg/ml HEWL, 1.8M NaCl, 100mM sodium citrate (pH 4.5), 30%(v/v) glycerol, VAPOR DIFFUSION, SITTING DROP, temperature 293K' 
_exptl_crystal_grow.pdbx_pH_range   . 
# 
_diffrn.id                     1 
_diffrn.ambient_temp           100 
_diffrn.ambient_temp_details   ? 
_diffrn.crystal_id             1 
# 
_diffrn_detector.diffrn_id              1 
_diffrn_detector.detector               CCD 
_diffrn_detector.type                   MARRESEARCH 
_diffrn_detector.pdbx_collection_date   2001-03-29 
_diffrn_detector.details                ? 
# 
_diffrn_radiation.diffrn_id                        1 
_diffrn_radiation.wavelength_id                    1 
_diffrn_radiation.pdbx_monochromatic_or_laue_m_l   M 
_diffrn_radiation.monochromator                    'Si(111)' 
_diffrn_radiation.pdbx_diffrn_protocol             MAD 
_diffrn_radiation.pdbx_scattering_type             x-ray 
# 
loop_
_diffrn_radiation_wavelength.id 
_diffrn_radiation_wavelength.wavelength 
_diffrn_radiation_wavelength.wt 
1 0.5400 1.0 
2 0.3580 1.0 
3 0.3579 1.0 
# 
_diffrn_source.diffrn_id                   1 
_diffrn_source.source                      SYNCHROTRON 
_diffrn_source.type                        'SPRING-8 BEAMLINE BL41XU' 
_diffrn_source.pdbx_synchrotron_site       SPring-8 
_diffrn_source.pdbx_synchrotron_beamline   BL41XU 
_diffrn_source.pdbx_wavelength             ? 
_diffrn_source.pdbx_wavelength_list        '0.5400, 0.3580, 0.3579' 
# 
_reflns.entry_id                     1VAU 
_reflns.observed_criterion_sigma_F   0 
_reflns.observed_criterion_sigma_I   0 
_reflns.d_resolution_high            1.5 
_reflns.d_resolution_low             25 
_reflns.number_all                   18835 
_reflns.number_obs                   18835 
_reflns.percent_possible_obs         99.9 
_reflns.pdbx_Rmerge_I_obs            ? 
_reflns.pdbx_Rsym_value              0.044 
_reflns.pdbx_netI_over_sigmaI        38.9 
_reflns.B_iso_Wilson_estimate        14.4 
_reflns.pdbx_redundancy              11.7 
_reflns.R_free_details               ? 
_reflns.limit_h_max                  ? 
_reflns.limit_h_min                  ? 
_reflns.limit_k_max                  ? 
_reflns.limit_k_min                  ? 
_reflns.limit_l_max                  ? 
_reflns.limit_l_min                  ? 
_reflns.observed_criterion_F_max     ? 
_reflns.observed_criterion_F_min     ? 
_reflns.pdbx_chi_squared             ? 
_reflns.pdbx_scaling_rejects         ? 
_reflns.pdbx_diffrn_id               1 
_reflns.pdbx_ordinal                 1 
# 
_reflns_shell.d_res_high             1.5 
_reflns_shell.d_res_low              1.55 
_reflns_shell.percent_possible_all   99.9 
_reflns_shell.Rmerge_I_obs           ? 
_reflns_shell.pdbx_Rsym_value        0.2 
_reflns_shell.meanI_over_sigI_obs    4.8 
_reflns_shell.pdbx_redundancy        ? 
_reflns_shell.percent_possible_obs   ? 
_reflns_shell.number_unique_all      1844 
_reflns_shell.number_measured_all    ? 
_reflns_shell.number_measured_obs    ? 
_reflns_shell.number_unique_obs      ? 
_reflns_shell.pdbx_chi_squared       ? 
_reflns_shell.pdbx_diffrn_id         ? 
_reflns_shell.pdbx_ordinal           1 
# 
_refine.entry_id                                 1VAU 
_refine.ls_d_res_high                            1.5 
_refine.ls_d_res_low                             25 
_refine.pdbx_ls_sigma_F                          0 
_refine.pdbx_ls_sigma_I                          ? 
_refine.ls_number_reflns_all                     18805 
_refine.ls_number_reflns_obs                     18805 
_refine.ls_number_reflns_R_free                  938 
_refine.ls_percent_reflns_obs                    99.7 
_refine.ls_R_factor_all                          ? 
_refine.ls_R_factor_obs                          ? 
_refine.ls_R_factor_R_work                       0.187 
_refine.ls_R_factor_R_free                       0.203 
_refine.ls_redundancy_reflns_obs                 ? 
_refine.pdbx_data_cutoff_high_absF               ? 
_refine.pdbx_data_cutoff_low_absF                ? 
_refine.ls_number_parameters                     ? 
_refine.ls_number_restraints                     ? 
_refine.ls_percent_reflns_R_free                 ? 
_refine.ls_R_factor_R_free_error                 ? 
_refine.ls_R_factor_R_free_error_details         ? 
_refine.pdbx_method_to_determine_struct          MAD 
_refine.pdbx_starting_model                      ? 
_refine.pdbx_ls_cross_valid_method               THROUGHOUT 
_refine.pdbx_R_Free_selection_details            RANDOM 
_refine.pdbx_stereochem_target_val_spec_case     ? 
_refine.pdbx_stereochemistry_target_values       'Engh & Huber' 
_refine.solvent_model_details                    ? 
_refine.solvent_model_param_bsol                 ? 
_refine.solvent_model_param_ksol                 ? 
_refine.occupancy_max                            ? 
_refine.occupancy_min                            ? 
_refine.pdbx_isotropic_thermal_model             Isotropic 
_refine.B_iso_mean                               13.9 
_refine.aniso_B[1][1]                            0.63 
_refine.aniso_B[1][2]                            0 
_refine.aniso_B[1][3]                            0 
_refine.aniso_B[2][2]                            0.63 
_refine.aniso_B[2][3]                            0 
_refine.aniso_B[3][3]                            -1.27 
_refine.details                                  ? 
_refine.B_iso_min                                ? 
_refine.B_iso_max                                ? 
_refine.correlation_coeff_Fo_to_Fc               ? 
_refine.correlation_coeff_Fo_to_Fc_free          ? 
_refine.pdbx_solvent_vdw_probe_radii             ? 
_refine.pdbx_solvent_ion_probe_radii             ? 
_refine.pdbx_solvent_shrinkage_radii             ? 
_refine.overall_SU_R_Cruickshank_DPI             ? 
_refine.overall_SU_R_free                        ? 
_refine.overall_SU_B                             ? 
_refine.overall_SU_ML                            ? 
_refine.pdbx_overall_ESU_R                       ? 
_refine.pdbx_overall_ESU_R_Free                  ? 
_refine.pdbx_data_cutoff_high_rms_absF           ? 
_refine.ls_wR_factor_R_free                      ? 
_refine.ls_wR_factor_R_work                      ? 
_refine.overall_FOM_free_R_set                   ? 
_refine.overall_FOM_work_R_set                   ? 
_refine.pdbx_refine_id                           'X-RAY DIFFRACTION' 
_refine.pdbx_overall_phase_error                 ? 
_refine.pdbx_diffrn_id                           1 
_refine.pdbx_TLS_residual_ADP_flag               ? 
_refine.pdbx_overall_SU_R_free_Cruickshank_DPI   ? 
_refine.pdbx_overall_SU_R_Blow_DPI               ? 
_refine.pdbx_overall_SU_R_free_Blow_DPI          ? 
# 
_refine_analyze.entry_id                        1VAU 
_refine_analyze.Luzzati_coordinate_error_obs    0.16 
_refine_analyze.Luzzati_sigma_a_obs             0.08 
_refine_analyze.Luzzati_d_res_low_obs           5 
_refine_analyze.Luzzati_coordinate_error_free   0.17 
_refine_analyze.Luzzati_sigma_a_free            0.07 
_refine_analyze.Luzzati_d_res_low_free          ? 
_refine_analyze.number_disordered_residues      ? 
_refine_analyze.occupancy_sum_non_hydrogen      ? 
_refine_analyze.occupancy_sum_hydrogen          ? 
_refine_analyze.pdbx_Luzzati_d_res_high_obs     ? 
_refine_analyze.pdbx_refine_id                  'X-RAY DIFFRACTION' 
# 
_refine_hist.pdbx_refine_id                   'X-RAY DIFFRACTION' 
_refine_hist.cycle_id                         LAST 
_refine_hist.pdbx_number_atoms_protein        1016 
_refine_hist.pdbx_number_atoms_nucleic_acid   0 
_refine_hist.pdbx_number_atoms_ligand         6 
_refine_hist.number_atoms_solvent             124 
_refine_hist.number_atoms_total               1146 
_refine_hist.d_res_high                       1.5 
_refine_hist.d_res_low                        25 
# 
loop_
_refine_ls_restr.type 
_refine_ls_restr.dev_ideal 
_refine_ls_restr.dev_ideal_target 
_refine_ls_restr.weight 
_refine_ls_restr.number 
_refine_ls_restr.pdbx_refine_id 
_refine_ls_restr.pdbx_restraint_function 
c_bond_d    0.006 ? ? ? 'X-RAY DIFFRACTION' ? 
c_angle_deg 1.3   ? ? ? 'X-RAY DIFFRACTION' ? 
# 
_refine_ls_shell.pdbx_total_number_of_bins_used   ? 
_refine_ls_shell.d_res_high                       1.5 
_refine_ls_shell.d_res_low                        1.59 
_refine_ls_shell.number_reflns_R_work             ? 
_refine_ls_shell.R_factor_R_work                  0.211 
_refine_ls_shell.percent_reflns_obs               95.2 
_refine_ls_shell.R_factor_R_free                  0.2 
_refine_ls_shell.R_factor_R_free_error            0.018 
_refine_ls_shell.percent_reflns_R_free            ? 
_refine_ls_shell.number_reflns_R_free             127 
_refine_ls_shell.number_reflns_obs                2822 
_refine_ls_shell.redundancy_reflns_obs            ? 
_refine_ls_shell.number_reflns_all                ? 
_refine_ls_shell.pdbx_refine_id                   'X-RAY DIFFRACTION' 
_refine_ls_shell.R_factor_all                     ? 
# 
_struct.entry_id                  1VAU 
_struct.title                     'Xenon derivative of hen egg-white lysozyme' 
_struct.pdbx_model_details        ? 
_struct.pdbx_CASP_flag            ? 
_struct.pdbx_model_type_details   ? 
# 
_struct_keywords.entry_id        1VAU 
_struct_keywords.pdbx_keywords   HYDROLASE 
_struct_keywords.text            
'xenon derivative, RIKEN Structural Genomics/Proteomics Initiative, RSGI, Structural Genomics, HYDROLASE' 
# 
loop_
_struct_asym.id 
_struct_asym.pdbx_blank_PDB_chainid_flag 
_struct_asym.pdbx_modified 
_struct_asym.entity_id 
_struct_asym.details 
A N N 1 ? 
B N N 2 ? 
C N N 2 ? 
D N N 3 ? 
E N N 4 ? 
F N N 4 ? 
G N N 4 ? 
H N N 5 ? 
# 
_struct_ref.id                         1 
_struct_ref.db_name                    UNP 
_struct_ref.db_code                    LYSC_CHICK 
_struct_ref.pdbx_db_accession          P00698 
_struct_ref.entity_id                  1 
_struct_ref.pdbx_seq_one_letter_code   
;KVFGRCELAAAMKRHGLDNYRGYSLGNWVCAAKFESNFNTQATNRNTDGSTDYGILQINSRWWCNDGRTPGSRNLCNIPC
SALLSSDITASVNCAKKIVSDGNGMNAWVAWRNRCKGTDVQAWIRGCRL
;
_struct_ref.pdbx_align_begin           19 
_struct_ref.pdbx_db_isoform            ? 
# 
_struct_ref_seq.align_id                      1 
_struct_ref_seq.ref_id                        1 
_struct_ref_seq.pdbx_PDB_id_code              1VAU 
_struct_ref_seq.pdbx_strand_id                A 
_struct_ref_seq.seq_align_beg                 1 
_struct_ref_seq.pdbx_seq_align_beg_ins_code   ? 
_struct_ref_seq.seq_align_end                 129 
_struct_ref_seq.pdbx_seq_align_end_ins_code   ? 
_struct_ref_seq.pdbx_db_accession             P00698 
_struct_ref_seq.db_align_beg                  19 
_struct_ref_seq.pdbx_db_align_beg_ins_code    ? 
_struct_ref_seq.db_align_end                  147 
_struct_ref_seq.pdbx_db_align_end_ins_code    ? 
_struct_ref_seq.pdbx_auth_seq_align_beg       1 
_struct_ref_seq.pdbx_auth_seq_align_end       129 
# 
_pdbx_struct_assembly.id                   1 
_pdbx_struct_assembly.details              author_defined_assembly 
_pdbx_struct_assembly.method_details       ? 
_pdbx_struct_assembly.oligomeric_details   monomeric 
_pdbx_struct_assembly.oligomeric_count     1 
# 
_pdbx_struct_assembly_gen.assembly_id       1 
_pdbx_struct_assembly_gen.oper_expression   1 
_pdbx_struct_assembly_gen.asym_id_list      A,B,C,D,E,F,G,H 
# 
_pdbx_struct_oper_list.id                   1 
_pdbx_struct_oper_list.type                 'identity operation' 
_pdbx_struct_oper_list.name                 1_555 
_pdbx_struct_oper_list.symmetry_operation   x,y,z 
_pdbx_struct_oper_list.matrix[1][1]         1.0000000000 
_pdbx_struct_oper_list.matrix[1][2]         0.0000000000 
_pdbx_struct_oper_list.matrix[1][3]         0.0000000000 
_pdbx_struct_oper_list.vector[1]            0.0000000000 
_pdbx_struct_oper_list.matrix[2][1]         0.0000000000 
_pdbx_struct_oper_list.matrix[2][2]         1.0000000000 
_pdbx_struct_oper_list.matrix[2][3]         0.0000000000 
_pdbx_struct_oper_list.vector[2]            0.0000000000 
_pdbx_struct_oper_list.matrix[3][1]         0.0000000000 
_pdbx_struct_oper_list.matrix[3][2]         0.0000000000 
_pdbx_struct_oper_list.matrix[3][3]         1.0000000000 
_pdbx_struct_oper_list.vector[3]            0.0000000000 
# 
_struct_biol.id        1 
_struct_biol.details   ? 
# 
loop_
_struct_conf.conf_type_id 
_struct_conf.id 
_struct_conf.pdbx_PDB_helix_id 
_struct_conf.beg_label_comp_id 
_struct_conf.beg_label_asym_id 
_struct_conf.beg_label_seq_id 
_struct_conf.pdbx_beg_PDB_ins_code 
_struct_conf.end_label_comp_id 
_struct_conf.end_label_asym_id 
_struct_conf.end_label_seq_id 
_struct_conf.pdbx_end_PDB_ins_code 
_struct_conf.beg_auth_comp_id 
_struct_conf.beg_auth_asym_id 
_struct_conf.beg_auth_seq_id 
_struct_conf.end_auth_comp_id 
_struct_conf.end_auth_asym_id 
_struct_conf.end_auth_seq_id 
_struct_conf.pdbx_PDB_helix_class 
_struct_conf.details 
_struct_conf.pdbx_PDB_helix_length 
HELX_P HELX_P1 1 GLY A 4   ? HIS A 15  ? GLY A 4   HIS A 15  1 ? 12 
HELX_P HELX_P2 2 ASN A 19  ? TYR A 23  ? ASN A 19  TYR A 23  5 ? 5  
HELX_P HELX_P3 3 SER A 24  ? ASN A 37  ? SER A 24  ASN A 37  1 ? 14 
HELX_P HELX_P4 4 PRO A 79  ? SER A 85  ? PRO A 79  SER A 85  5 ? 7  
HELX_P HELX_P5 5 ILE A 88  ? SER A 100 ? ILE A 88  SER A 100 1 ? 13 
HELX_P HELX_P6 6 ASN A 103 ? ALA A 107 ? ASN A 103 ALA A 107 5 ? 5  
HELX_P HELX_P7 7 TRP A 108 ? CYS A 115 ? TRP A 108 CYS A 115 1 ? 8  
HELX_P HELX_P8 8 ASP A 119 ? ARG A 125 ? ASP A 119 ARG A 125 5 ? 7  
# 
_struct_conf_type.id          HELX_P 
_struct_conf_type.criteria    ? 
_struct_conf_type.reference   ? 
# 
loop_
_struct_conn.id 
_struct_conn.conn_type_id 
_struct_conn.pdbx_leaving_atom_flag 
_struct_conn.pdbx_PDB_id 
_struct_conn.ptnr1_label_asym_id 
_struct_conn.ptnr1_label_comp_id 
_struct_conn.ptnr1_label_seq_id 
_struct_conn.ptnr1_label_atom_id 
_struct_conn.pdbx_ptnr1_label_alt_id 
_struct_conn.pdbx_ptnr1_PDB_ins_code 
_struct_conn.pdbx_ptnr1_standard_comp_id 
_struct_conn.ptnr1_symmetry 
_struct_conn.ptnr2_label_asym_id 
_struct_conn.ptnr2_label_comp_id 
_struct_conn.ptnr2_label_seq_id 
_struct_conn.ptnr2_label_atom_id 
_struct_conn.pdbx_ptnr2_label_alt_id 
_struct_conn.pdbx_ptnr2_PDB_ins_code 
_struct_conn.ptnr1_auth_asym_id 
_struct_conn.ptnr1_auth_comp_id 
_struct_conn.ptnr1_auth_seq_id 
_struct_conn.ptnr2_auth_asym_id 
_struct_conn.ptnr2_auth_comp_id 
_struct_conn.ptnr2_auth_seq_id 
_struct_conn.ptnr2_symmetry 
_struct_conn.pdbx_ptnr3_label_atom_id 
_struct_conn.pdbx_ptnr3_label_seq_id 
_struct_conn.pdbx_ptnr3_label_comp_id 
_struct_conn.pdbx_ptnr3_label_asym_id 
_struct_conn.pdbx_ptnr3_label_alt_id 
_struct_conn.pdbx_ptnr3_PDB_ins_code 
_struct_conn.details 
_struct_conn.pdbx_dist_value 
_struct_conn.pdbx_value_order 
_struct_conn.pdbx_role 
disulf1 disulf ? ? A CYS 6  SG ? ? ? 1_555 A CYS 127 SG ? ? A CYS 6   A CYS 127 1_555 ? ? ? ? ? ? ? 2.028 ? ? 
disulf2 disulf ? ? A CYS 30 SG ? ? ? 1_555 A CYS 115 SG ? ? A CYS 30  A CYS 115 1_555 ? ? ? ? ? ? ? 2.035 ? ? 
disulf3 disulf ? ? A CYS 64 SG ? ? ? 1_555 A CYS 80  SG ? ? A CYS 64  A CYS 80  1_555 ? ? ? ? ? ? ? 2.035 ? ? 
disulf4 disulf ? ? A CYS 76 SG ? ? ? 1_555 A CYS 94  SG ? ? A CYS 76  A CYS 94  1_555 ? ? ? ? ? ? ? 2.034 ? ? 
metalc1 metalc ? ? A SER 60 O  ? ? ? 1_555 D NA  .   NA ? ? A SER 60  A NA  303 1_555 ? ? ? ? ? ? ? 2.271 ? ? 
metalc2 metalc ? ? A CYS 64 O  ? ? ? 1_555 D NA  .   NA ? ? A CYS 64  A NA  303 1_555 ? ? ? ? ? ? ? 2.442 ? ? 
metalc3 metalc ? ? A SER 72 OG ? ? ? 1_555 D NA  .   NA ? ? A SER 72  A NA  303 1_555 ? ? ? ? ? ? ? 2.558 ? ? 
metalc4 metalc ? ? A ARG 73 O  ? ? ? 1_555 D NA  .   NA ? ? A ARG 73  A NA  303 1_555 ? ? ? ? ? ? ? 2.488 ? ? 
metalc5 metalc ? ? D NA  .  NA ? ? ? 1_555 H HOH .   O  ? ? A NA  303 A HOH 315 1_555 ? ? ? ? ? ? ? 2.390 ? ? 
metalc6 metalc ? ? D NA  .  NA ? ? ? 1_555 H HOH .   O  ? ? A NA  303 A HOH 319 1_555 ? ? ? ? ? ? ? 2.404 ? ? 
# 
loop_
_struct_conn_type.id 
_struct_conn_type.criteria 
_struct_conn_type.reference 
disulf ? ? 
metalc ? ? 
# 
loop_
_pdbx_struct_conn_angle.id 
_pdbx_struct_conn_angle.ptnr1_label_atom_id 
_pdbx_struct_conn_angle.ptnr1_label_alt_id 
_pdbx_struct_conn_angle.ptnr1_label_asym_id 
_pdbx_struct_conn_angle.ptnr1_label_comp_id 
_pdbx_struct_conn_angle.ptnr1_label_seq_id 
_pdbx_struct_conn_angle.ptnr1_auth_atom_id 
_pdbx_struct_conn_angle.ptnr1_auth_asym_id 
_pdbx_struct_conn_angle.ptnr1_auth_comp_id 
_pdbx_struct_conn_angle.ptnr1_auth_seq_id 
_pdbx_struct_conn_angle.ptnr1_PDB_ins_code 
_pdbx_struct_conn_angle.ptnr1_symmetry 
_pdbx_struct_conn_angle.ptnr2_label_atom_id 
_pdbx_struct_conn_angle.ptnr2_label_alt_id 
_pdbx_struct_conn_angle.ptnr2_label_asym_id 
_pdbx_struct_conn_angle.ptnr2_label_comp_id 
_pdbx_struct_conn_angle.ptnr2_label_seq_id 
_pdbx_struct_conn_angle.ptnr2_auth_atom_id 
_pdbx_struct_conn_angle.ptnr2_auth_asym_id 
_pdbx_struct_conn_angle.ptnr2_auth_comp_id 
_pdbx_struct_conn_angle.ptnr2_auth_seq_id 
_pdbx_struct_conn_angle.ptnr2_PDB_ins_code 
_pdbx_struct_conn_angle.ptnr2_symmetry 
_pdbx_struct_conn_angle.ptnr3_label_atom_id 
_pdbx_struct_conn_angle.ptnr3_label_alt_id 
_pdbx_struct_conn_angle.ptnr3_label_asym_id 
_pdbx_struct_conn_angle.ptnr3_label_comp_id 
_pdbx_struct_conn_angle.ptnr3_label_seq_id 
_pdbx_struct_conn_angle.ptnr3_auth_atom_id 
_pdbx_struct_conn_angle.ptnr3_auth_asym_id 
_pdbx_struct_conn_angle.ptnr3_auth_comp_id 
_pdbx_struct_conn_angle.ptnr3_auth_seq_id 
_pdbx_struct_conn_angle.ptnr3_PDB_ins_code 
_pdbx_struct_conn_angle.ptnr3_symmetry 
_pdbx_struct_conn_angle.value 
_pdbx_struct_conn_angle.value_esd 
1  O  ? A SER 60 ? A SER 60  ? 1_555 NA ? D NA . ? A NA 303 ? 1_555 O  ? A CYS 64 ? A CYS 64  ? 1_555 88.2  ? 
2  O  ? A SER 60 ? A SER 60  ? 1_555 NA ? D NA . ? A NA 303 ? 1_555 OG ? A SER 72 ? A SER 72  ? 1_555 89.2  ? 
3  O  ? A CYS 64 ? A CYS 64  ? 1_555 NA ? D NA . ? A NA 303 ? 1_555 OG ? A SER 72 ? A SER 72  ? 1_555 167.2 ? 
4  O  ? A SER 60 ? A SER 60  ? 1_555 NA ? D NA . ? A NA 303 ? 1_555 O  ? A ARG 73 ? A ARG 73  ? 1_555 92.6  ? 
5  O  ? A CYS 64 ? A CYS 64  ? 1_555 NA ? D NA . ? A NA 303 ? 1_555 O  ? A ARG 73 ? A ARG 73  ? 1_555 89.6  ? 
6  OG ? A SER 72 ? A SER 72  ? 1_555 NA ? D NA . ? A NA 303 ? 1_555 O  ? A ARG 73 ? A ARG 73  ? 1_555 103.0 ? 
7  O  ? A SER 60 ? A SER 60  ? 1_555 NA ? D NA . ? A NA 303 ? 1_555 O  ? H HOH .  ? A HOH 315 ? 1_555 100.3 ? 
8  O  ? A CYS 64 ? A CYS 64  ? 1_555 NA ? D NA . ? A NA 303 ? 1_555 O  ? H HOH .  ? A HOH 315 ? 1_555 88.2  ? 
9  OG ? A SER 72 ? A SER 72  ? 1_555 NA ? D NA . ? A NA 303 ? 1_555 O  ? H HOH .  ? A HOH 315 ? 1_555 80.0  ? 
10 O  ? A ARG 73 ? A ARG 73  ? 1_555 NA ? D NA . ? A NA 303 ? 1_555 O  ? H HOH .  ? A HOH 315 ? 1_555 166.9 ? 
11 O  ? A SER 60 ? A SER 60  ? 1_555 NA ? D NA . ? A NA 303 ? 1_555 O  ? H HOH .  ? A HOH 319 ? 1_555 172.5 ? 
12 O  ? A CYS 64 ? A CYS 64  ? 1_555 NA ? D NA . ? A NA 303 ? 1_555 O  ? H HOH .  ? A HOH 319 ? 1_555 99.3  ? 
13 OG ? A SER 72 ? A SER 72  ? 1_555 NA ? D NA . ? A NA 303 ? 1_555 O  ? H HOH .  ? A HOH 319 ? 1_555 83.8  ? 
14 O  ? A ARG 73 ? A ARG 73  ? 1_555 NA ? D NA . ? A NA 303 ? 1_555 O  ? H HOH .  ? A HOH 319 ? 1_555 86.6  ? 
15 O  ? H HOH .  ? A HOH 315 ? 1_555 NA ? D NA . ? A NA 303 ? 1_555 O  ? H HOH .  ? A HOH 319 ? 1_555 81.0  ? 
# 
loop_
_pdbx_modification_feature.ordinal 
_pdbx_modification_feature.label_comp_id 
_pdbx_modification_feature.label_asym_id 
_pdbx_modification_feature.label_seq_id 
_pdbx_modification_feature.label_alt_id 
_pdbx_modification_feature.modified_residue_label_comp_id 
_pdbx_modification_feature.modified_residue_label_asym_id 
_pdbx_modification_feature.modified_residue_label_seq_id 
_pdbx_modification_feature.modified_residue_label_alt_id 
_pdbx_modification_feature.auth_comp_id 
_pdbx_modification_feature.auth_asym_id 
_pdbx_modification_feature.auth_seq_id 
_pdbx_modification_feature.PDB_ins_code 
_pdbx_modification_feature.symmetry 
_pdbx_modification_feature.modified_residue_auth_comp_id 
_pdbx_modification_feature.modified_residue_auth_asym_id 
_pdbx_modification_feature.modified_residue_auth_seq_id 
_pdbx_modification_feature.modified_residue_PDB_ins_code 
_pdbx_modification_feature.modified_residue_symmetry 
_pdbx_modification_feature.comp_id_linking_atom 
_pdbx_modification_feature.modified_residue_id_linking_atom 
_pdbx_modification_feature.modified_residue_id 
_pdbx_modification_feature.ref_pcm_id 
_pdbx_modification_feature.ref_comp_id 
_pdbx_modification_feature.type 
_pdbx_modification_feature.category 
1 CYS A 6  ? CYS A 127 ? CYS A 6  ? 1_555 CYS A 127 ? 1_555 SG SG . . . None 'Disulfide bridge' 
2 CYS A 30 ? CYS A 115 ? CYS A 30 ? 1_555 CYS A 115 ? 1_555 SG SG . . . None 'Disulfide bridge' 
3 CYS A 64 ? CYS A 80  ? CYS A 64 ? 1_555 CYS A 80  ? 1_555 SG SG . . . None 'Disulfide bridge' 
4 CYS A 76 ? CYS A 94  ? CYS A 76 ? 1_555 CYS A 94  ? 1_555 SG SG . . . None 'Disulfide bridge' 
# 
_struct_sheet.id               A 
_struct_sheet.type             ? 
_struct_sheet.number_strands   3 
_struct_sheet.details          ? 
# 
loop_
_struct_sheet_order.sheet_id 
_struct_sheet_order.range_id_1 
_struct_sheet_order.range_id_2 
_struct_sheet_order.offset 
_struct_sheet_order.sense 
A 1 2 ? anti-parallel 
A 2 3 ? anti-parallel 
# 
loop_
_struct_sheet_range.sheet_id 
_struct_sheet_range.id 
_struct_sheet_range.beg_label_comp_id 
_struct_sheet_range.beg_label_asym_id 
_struct_sheet_range.beg_label_seq_id 
_struct_sheet_range.pdbx_beg_PDB_ins_code 
_struct_sheet_range.end_label_comp_id 
_struct_sheet_range.end_label_asym_id 
_struct_sheet_range.end_label_seq_id 
_struct_sheet_range.pdbx_end_PDB_ins_code 
_struct_sheet_range.beg_auth_comp_id 
_struct_sheet_range.beg_auth_asym_id 
_struct_sheet_range.beg_auth_seq_id 
_struct_sheet_range.end_auth_comp_id 
_struct_sheet_range.end_auth_asym_id 
_struct_sheet_range.end_auth_seq_id 
A 1 THR A 43 ? ARG A 45 ? THR A 43 ARG A 45 
A 2 THR A 51 ? TYR A 53 ? THR A 51 TYR A 53 
A 3 ILE A 58 ? ASN A 59 ? ILE A 58 ASN A 59 
# 
loop_
_pdbx_struct_sheet_hbond.sheet_id 
_pdbx_struct_sheet_hbond.range_id_1 
_pdbx_struct_sheet_hbond.range_id_2 
_pdbx_struct_sheet_hbond.range_1_label_atom_id 
_pdbx_struct_sheet_hbond.range_1_label_comp_id 
_pdbx_struct_sheet_hbond.range_1_label_asym_id 
_pdbx_struct_sheet_hbond.range_1_label_seq_id 
_pdbx_struct_sheet_hbond.range_1_PDB_ins_code 
_pdbx_struct_sheet_hbond.range_1_auth_atom_id 
_pdbx_struct_sheet_hbond.range_1_auth_comp_id 
_pdbx_struct_sheet_hbond.range_1_auth_asym_id 
_pdbx_struct_sheet_hbond.range_1_auth_seq_id 
_pdbx_struct_sheet_hbond.range_2_label_atom_id 
_pdbx_struct_sheet_hbond.range_2_label_comp_id 
_pdbx_struct_sheet_hbond.range_2_label_asym_id 
_pdbx_struct_sheet_hbond.range_2_label_seq_id 
_pdbx_struct_sheet_hbond.range_2_PDB_ins_code 
_pdbx_struct_sheet_hbond.range_2_auth_atom_id 
_pdbx_struct_sheet_hbond.range_2_auth_comp_id 
_pdbx_struct_sheet_hbond.range_2_auth_asym_id 
_pdbx_struct_sheet_hbond.range_2_auth_seq_id 
A 1 2 N ASN A 44 ? N ASN A 44 O ASP A 52 ? O ASP A 52 
A 2 3 N TYR A 53 ? N TYR A 53 O ILE A 58 ? O ILE A 58 
# 
loop_
_struct_site.id 
_struct_site.pdbx_evidence_code 
_struct_site.pdbx_auth_asym_id 
_struct_site.pdbx_auth_comp_id 
_struct_site.pdbx_auth_seq_id 
_struct_site.pdbx_auth_ins_code 
_struct_site.pdbx_num_residues 
_struct_site.details 
AC1 Software A CL 301 ? 2 'BINDING SITE FOR RESIDUE CL A 301' 
AC2 Software A CL 302 ? 5 'BINDING SITE FOR RESIDUE CL A 302' 
AC3 Software A NA 303 ? 6 'BINDING SITE FOR RESIDUE NA A 303' 
AC4 Software A XE 201 ? 4 'BINDING SITE FOR RESIDUE XE A 201' 
AC5 Software A XE 202 ? 3 'BINDING SITE FOR RESIDUE XE A 202' 
# 
loop_
_struct_site_gen.id 
_struct_site_gen.site_id 
_struct_site_gen.pdbx_num_res 
_struct_site_gen.label_comp_id 
_struct_site_gen.label_asym_id 
_struct_site_gen.label_seq_id 
_struct_site_gen.pdbx_auth_ins_code 
_struct_site_gen.auth_comp_id 
_struct_site_gen.auth_asym_id 
_struct_site_gen.auth_seq_id 
_struct_site_gen.label_atom_id 
_struct_site_gen.label_alt_id 
_struct_site_gen.symmetry 
_struct_site_gen.details 
1  AC1 2 TYR A 23  ? TYR A 23  . ? 1_555 ? 
2  AC1 2 ASN A 113 ? ASN A 113 . ? 4_455 ? 
3  AC2 5 ASN A 65  ? ASN A 65  . ? 1_555 ? 
4  AC2 5 GLY A 67  ? GLY A 67  . ? 1_555 ? 
5  AC2 5 ARG A 68  ? ARG A 68  . ? 1_555 ? 
6  AC2 5 THR A 69  ? THR A 69  . ? 1_555 ? 
7  AC2 5 SER A 72  ? SER A 72  . ? 1_555 ? 
8  AC3 6 SER A 60  ? SER A 60  . ? 1_555 ? 
9  AC3 6 CYS A 64  ? CYS A 64  . ? 1_555 ? 
10 AC3 6 SER A 72  ? SER A 72  . ? 1_555 ? 
11 AC3 6 ARG A 73  ? ARG A 73  . ? 1_555 ? 
12 AC3 6 HOH H .   ? HOH A 315 . ? 1_555 ? 
13 AC3 6 HOH H .   ? HOH A 319 . ? 1_555 ? 
14 AC4 4 MET A 12  ? MET A 12  . ? 1_555 ? 
15 AC4 4 ILE A 55  ? ILE A 55  . ? 1_555 ? 
16 AC4 4 LEU A 56  ? LEU A 56  . ? 1_555 ? 
17 AC4 4 VAL A 92  ? VAL A 92  . ? 1_555 ? 
18 AC5 3 THR A 43  ? THR A 43  . ? 1_555 ? 
19 AC5 3 THR A 43  ? THR A 43  . ? 7_556 ? 
20 AC5 3 ARG A 45  ? ARG A 45  . ? 1_555 ? 
# 
_pdbx_entry_details.entry_id                   1VAU 
_pdbx_entry_details.compound_details           ? 
_pdbx_entry_details.source_details             ? 
_pdbx_entry_details.nonpolymer_details         ? 
_pdbx_entry_details.sequence_details           ? 
_pdbx_entry_details.has_ligand_of_interest     ? 
_pdbx_entry_details.has_protein_modification   Y 
# 
_pdbx_validate_symm_contact.id                1 
_pdbx_validate_symm_contact.PDB_model_num     1 
_pdbx_validate_symm_contact.auth_atom_id_1    O 
_pdbx_validate_symm_contact.auth_asym_id_1    A 
_pdbx_validate_symm_contact.auth_comp_id_1    LEU 
_pdbx_validate_symm_contact.auth_seq_id_1     129 
_pdbx_validate_symm_contact.PDB_ins_code_1    ? 
_pdbx_validate_symm_contact.label_alt_id_1    ? 
_pdbx_validate_symm_contact.site_symmetry_1   1_555 
_pdbx_validate_symm_contact.auth_atom_id_2    O 
_pdbx_validate_symm_contact.auth_asym_id_2    A 
_pdbx_validate_symm_contact.auth_comp_id_2    LEU 
_pdbx_validate_symm_contact.auth_seq_id_2     129 
_pdbx_validate_symm_contact.PDB_ins_code_2    ? 
_pdbx_validate_symm_contact.label_alt_id_2    ? 
_pdbx_validate_symm_contact.site_symmetry_2   8_555 
_pdbx_validate_symm_contact.dist              1.98 
# 
_pdbx_SG_project.id                    1 
_pdbx_SG_project.project_name          ? 
_pdbx_SG_project.full_name_of_center   'RIKEN Structural Genomics/Proteomics Initiative' 
_pdbx_SG_project.initial_of_center     RSGI 
# 
_pdbx_struct_special_symmetry.id              1 
_pdbx_struct_special_symmetry.PDB_model_num   1 
_pdbx_struct_special_symmetry.auth_asym_id    A 
_pdbx_struct_special_symmetry.auth_comp_id    HOH 
_pdbx_struct_special_symmetry.auth_seq_id     427 
_pdbx_struct_special_symmetry.PDB_ins_code    ? 
_pdbx_struct_special_symmetry.label_asym_id   H 
_pdbx_struct_special_symmetry.label_comp_id   HOH 
_pdbx_struct_special_symmetry.label_seq_id    . 
# 
loop_
_chem_comp_atom.comp_id 
_chem_comp_atom.atom_id 
_chem_comp_atom.type_symbol 
_chem_comp_atom.pdbx_aromatic_flag 
_chem_comp_atom.pdbx_stereo_config 
_chem_comp_atom.pdbx_ordinal 
ALA N    N  N N 1   
ALA CA   C  N S 2   
ALA C    C  N N 3   
ALA O    O  N N 4   
ALA CB   C  N N 5   
ALA OXT  O  N N 6   
ALA H    H  N N 7   
ALA H2   H  N N 8   
ALA HA   H  N N 9   
ALA HB1  H  N N 10  
ALA HB2  H  N N 11  
ALA HB3  H  N N 12  
ALA HXT  H  N N 13  
ARG N    N  N N 14  
ARG CA   C  N S 15  
ARG C    C  N N 16  
ARG O    O  N N 17  
ARG CB   C  N N 18  
ARG CG   C  N N 19  
ARG CD   C  N N 20  
ARG NE   N  N N 21  
ARG CZ   C  N N 22  
ARG NH1  N  N N 23  
ARG NH2  N  N N 24  
ARG OXT  O  N N 25  
ARG H    H  N N 26  
ARG H2   H  N N 27  
ARG HA   H  N N 28  
ARG HB2  H  N N 29  
ARG HB3  H  N N 30  
ARG HG2  H  N N 31  
ARG HG3  H  N N 32  
ARG HD2  H  N N 33  
ARG HD3  H  N N 34  
ARG HE   H  N N 35  
ARG HH11 H  N N 36  
ARG HH12 H  N N 37  
ARG HH21 H  N N 38  
ARG HH22 H  N N 39  
ARG HXT  H  N N 40  
ASN N    N  N N 41  
ASN CA   C  N S 42  
ASN C    C  N N 43  
ASN O    O  N N 44  
ASN CB   C  N N 45  
ASN CG   C  N N 46  
ASN OD1  O  N N 47  
ASN ND2  N  N N 48  
ASN OXT  O  N N 49  
ASN H    H  N N 50  
ASN H2   H  N N 51  
ASN HA   H  N N 52  
ASN HB2  H  N N 53  
ASN HB3  H  N N 54  
ASN HD21 H  N N 55  
ASN HD22 H  N N 56  
ASN HXT  H  N N 57  
ASP N    N  N N 58  
ASP CA   C  N S 59  
ASP C    C  N N 60  
ASP O    O  N N 61  
ASP CB   C  N N 62  
ASP CG   C  N N 63  
ASP OD1  O  N N 64  
ASP OD2  O  N N 65  
ASP OXT  O  N N 66  
ASP H    H  N N 67  
ASP H2   H  N N 68  
ASP HA   H  N N 69  
ASP HB2  H  N N 70  
ASP HB3  H  N N 71  
ASP HD2  H  N N 72  
ASP HXT  H  N N 73  
CL  CL   CL N N 74  
CYS N    N  N N 75  
CYS CA   C  N R 76  
CYS C    C  N N 77  
CYS O    O  N N 78  
CYS CB   C  N N 79  
CYS SG   S  N N 80  
CYS OXT  O  N N 81  
CYS H    H  N N 82  
CYS H2   H  N N 83  
CYS HA   H  N N 84  
CYS HB2  H  N N 85  
CYS HB3  H  N N 86  
CYS HG   H  N N 87  
CYS HXT  H  N N 88  
GLN N    N  N N 89  
GLN CA   C  N S 90  
GLN C    C  N N 91  
GLN O    O  N N 92  
GLN CB   C  N N 93  
GLN CG   C  N N 94  
GLN CD   C  N N 95  
GLN OE1  O  N N 96  
GLN NE2  N  N N 97  
GLN OXT  O  N N 98  
GLN H    H  N N 99  
GLN H2   H  N N 100 
GLN HA   H  N N 101 
GLN HB2  H  N N 102 
GLN HB3  H  N N 103 
GLN HG2  H  N N 104 
GLN HG3  H  N N 105 
GLN HE21 H  N N 106 
GLN HE22 H  N N 107 
GLN HXT  H  N N 108 
GLU N    N  N N 109 
GLU CA   C  N S 110 
GLU C    C  N N 111 
GLU O    O  N N 112 
GLU CB   C  N N 113 
GLU CG   C  N N 114 
GLU CD   C  N N 115 
GLU OE1  O  N N 116 
GLU OE2  O  N N 117 
GLU OXT  O  N N 118 
GLU H    H  N N 119 
GLU H2   H  N N 120 
GLU HA   H  N N 121 
GLU HB2  H  N N 122 
GLU HB3  H  N N 123 
GLU HG2  H  N N 124 
GLU HG3  H  N N 125 
GLU HE2  H  N N 126 
GLU HXT  H  N N 127 
GLY N    N  N N 128 
GLY CA   C  N N 129 
GLY C    C  N N 130 
GLY O    O  N N 131 
GLY OXT  O  N N 132 
GLY H    H  N N 133 
GLY H2   H  N N 134 
GLY HA2  H  N N 135 
GLY HA3  H  N N 136 
GLY HXT  H  N N 137 
HIS N    N  N N 138 
HIS CA   C  N S 139 
HIS C    C  N N 140 
HIS O    O  N N 141 
HIS CB   C  N N 142 
HIS CG   C  Y N 143 
HIS ND1  N  Y N 144 
HIS CD2  C  Y N 145 
HIS CE1  C  Y N 146 
HIS NE2  N  Y N 147 
HIS OXT  O  N N 148 
HIS H    H  N N 149 
HIS H2   H  N N 150 
HIS HA   H  N N 151 
HIS HB2  H  N N 152 
HIS HB3  H  N N 153 
HIS HD1  H  N N 154 
HIS HD2  H  N N 155 
HIS HE1  H  N N 156 
HIS HE2  H  N N 157 
HIS HXT  H  N N 158 
HOH O    O  N N 159 
HOH H1   H  N N 160 
HOH H2   H  N N 161 
ILE N    N  N N 162 
ILE CA   C  N S 163 
ILE C    C  N N 164 
ILE O    O  N N 165 
ILE CB   C  N S 166 
ILE CG1  C  N N 167 
ILE CG2  C  N N 168 
ILE CD1  C  N N 169 
ILE OXT  O  N N 170 
ILE H    H  N N 171 
ILE H2   H  N N 172 
ILE HA   H  N N 173 
ILE HB   H  N N 174 
ILE HG12 H  N N 175 
ILE HG13 H  N N 176 
ILE HG21 H  N N 177 
ILE HG22 H  N N 178 
ILE HG23 H  N N 179 
ILE HD11 H  N N 180 
ILE HD12 H  N N 181 
ILE HD13 H  N N 182 
ILE HXT  H  N N 183 
LEU N    N  N N 184 
LEU CA   C  N S 185 
LEU C    C  N N 186 
LEU O    O  N N 187 
LEU CB   C  N N 188 
LEU CG   C  N N 189 
LEU CD1  C  N N 190 
LEU CD2  C  N N 191 
LEU OXT  O  N N 192 
LEU H    H  N N 193 
LEU H2   H  N N 194 
LEU HA   H  N N 195 
LEU HB2  H  N N 196 
LEU HB3  H  N N 197 
LEU HG   H  N N 198 
LEU HD11 H  N N 199 
LEU HD12 H  N N 200 
LEU HD13 H  N N 201 
LEU HD21 H  N N 202 
LEU HD22 H  N N 203 
LEU HD23 H  N N 204 
LEU HXT  H  N N 205 
LYS N    N  N N 206 
LYS CA   C  N S 207 
LYS C    C  N N 208 
LYS O    O  N N 209 
LYS CB   C  N N 210 
LYS CG   C  N N 211 
LYS CD   C  N N 212 
LYS CE   C  N N 213 
LYS NZ   N  N N 214 
LYS OXT  O  N N 215 
LYS H    H  N N 216 
LYS H2   H  N N 217 
LYS HA   H  N N 218 
LYS HB2  H  N N 219 
LYS HB3  H  N N 220 
LYS HG2  H  N N 221 
LYS HG3  H  N N 222 
LYS HD2  H  N N 223 
LYS HD3  H  N N 224 
LYS HE2  H  N N 225 
LYS HE3  H  N N 226 
LYS HZ1  H  N N 227 
LYS HZ2  H  N N 228 
LYS HZ3  H  N N 229 
LYS HXT  H  N N 230 
MET N    N  N N 231 
MET CA   C  N S 232 
MET C    C  N N 233 
MET O    O  N N 234 
MET CB   C  N N 235 
MET CG   C  N N 236 
MET SD   S  N N 237 
MET CE   C  N N 238 
MET OXT  O  N N 239 
MET H    H  N N 240 
MET H2   H  N N 241 
MET HA   H  N N 242 
MET HB2  H  N N 243 
MET HB3  H  N N 244 
MET HG2  H  N N 245 
MET HG3  H  N N 246 
MET HE1  H  N N 247 
MET HE2  H  N N 248 
MET HE3  H  N N 249 
MET HXT  H  N N 250 
NA  NA   NA N N 251 
PHE N    N  N N 252 
PHE CA   C  N S 253 
PHE C    C  N N 254 
PHE O    O  N N 255 
PHE CB   C  N N 256 
PHE CG   C  Y N 257 
PHE CD1  C  Y N 258 
PHE CD2  C  Y N 259 
PHE CE1  C  Y N 260 
PHE CE2  C  Y N 261 
PHE CZ   C  Y N 262 
PHE OXT  O  N N 263 
PHE H    H  N N 264 
PHE H2   H  N N 265 
PHE HA   H  N N 266 
PHE HB2  H  N N 267 
PHE HB3  H  N N 268 
PHE HD1  H  N N 269 
PHE HD2  H  N N 270 
PHE HE1  H  N N 271 
PHE HE2  H  N N 272 
PHE HZ   H  N N 273 
PHE HXT  H  N N 274 
PRO N    N  N N 275 
PRO CA   C  N S 276 
PRO C    C  N N 277 
PRO O    O  N N 278 
PRO CB   C  N N 279 
PRO CG   C  N N 280 
PRO CD   C  N N 281 
PRO OXT  O  N N 282 
PRO H    H  N N 283 
PRO HA   H  N N 284 
PRO HB2  H  N N 285 
PRO HB3  H  N N 286 
PRO HG2  H  N N 287 
PRO HG3  H  N N 288 
PRO HD2  H  N N 289 
PRO HD3  H  N N 290 
PRO HXT  H  N N 291 
SER N    N  N N 292 
SER CA   C  N S 293 
SER C    C  N N 294 
SER O    O  N N 295 
SER CB   C  N N 296 
SER OG   O  N N 297 
SER OXT  O  N N 298 
SER H    H  N N 299 
SER H2   H  N N 300 
SER HA   H  N N 301 
SER HB2  H  N N 302 
SER HB3  H  N N 303 
SER HG   H  N N 304 
SER HXT  H  N N 305 
THR N    N  N N 306 
THR CA   C  N S 307 
THR C    C  N N 308 
THR O    O  N N 309 
THR CB   C  N R 310 
THR OG1  O  N N 311 
THR CG2  C  N N 312 
THR OXT  O  N N 313 
THR H    H  N N 314 
THR H2   H  N N 315 
THR HA   H  N N 316 
THR HB   H  N N 317 
THR HG1  H  N N 318 
THR HG21 H  N N 319 
THR HG22 H  N N 320 
THR HG23 H  N N 321 
THR HXT  H  N N 322 
TRP N    N  N N 323 
TRP CA   C  N S 324 
TRP C    C  N N 325 
TRP O    O  N N 326 
TRP CB   C  N N 327 
TRP CG   C  Y N 328 
TRP CD1  C  Y N 329 
TRP CD2  C  Y N 330 
TRP NE1  N  Y N 331 
TRP CE2  C  Y N 332 
TRP CE3  C  Y N 333 
TRP CZ2  C  Y N 334 
TRP CZ3  C  Y N 335 
TRP CH2  C  Y N 336 
TRP OXT  O  N N 337 
TRP H    H  N N 338 
TRP H2   H  N N 339 
TRP HA   H  N N 340 
TRP HB2  H  N N 341 
TRP HB3  H  N N 342 
TRP HD1  H  N N 343 
TRP HE1  H  N N 344 
TRP HE3  H  N N 345 
TRP HZ2  H  N N 346 
TRP HZ3  H  N N 347 
TRP HH2  H  N N 348 
TRP HXT  H  N N 349 
TYR N    N  N N 350 
TYR CA   C  N S 351 
TYR C    C  N N 352 
TYR O    O  N N 353 
TYR CB   C  N N 354 
TYR CG   C  Y N 355 
TYR CD1  C  Y N 356 
TYR CD2  C  Y N 357 
TYR CE1  C  Y N 358 
TYR CE2  C  Y N 359 
TYR CZ   C  Y N 360 
TYR OH   O  N N 361 
TYR OXT  O  N N 362 
TYR H    H  N N 363 
TYR H2   H  N N 364 
TYR HA   H  N N 365 
TYR HB2  H  N N 366 
TYR HB3  H  N N 367 
TYR HD1  H  N N 368 
TYR HD2  H  N N 369 
TYR HE1  H  N N 370 
TYR HE2  H  N N 371 
TYR HH   H  N N 372 
TYR HXT  H  N N 373 
VAL N    N  N N 374 
VAL CA   C  N S 375 
VAL C    C  N N 376 
VAL O    O  N N 377 
VAL CB   C  N N 378 
VAL CG1  C  N N 379 
VAL CG2  C  N N 380 
VAL OXT  O  N N 381 
VAL H    H  N N 382 
VAL H2   H  N N 383 
VAL HA   H  N N 384 
VAL HB   H  N N 385 
VAL HG11 H  N N 386 
VAL HG12 H  N N 387 
VAL HG13 H  N N 388 
VAL HG21 H  N N 389 
VAL HG22 H  N N 390 
VAL HG23 H  N N 391 
VAL HXT  H  N N 392 
XE  XE   XE N N 393 
# 
loop_
_chem_comp_bond.comp_id 
_chem_comp_bond.atom_id_1 
_chem_comp_bond.atom_id_2 
_chem_comp_bond.value_order 
_chem_comp_bond.pdbx_aromatic_flag 
_chem_comp_bond.pdbx_stereo_config 
_chem_comp_bond.pdbx_ordinal 
ALA N   CA   sing N N 1   
ALA N   H    sing N N 2   
ALA N   H2   sing N N 3   
ALA CA  C    sing N N 4   
ALA CA  CB   sing N N 5   
ALA CA  HA   sing N N 6   
ALA C   O    doub N N 7   
ALA C   OXT  sing N N 8   
ALA CB  HB1  sing N N 9   
ALA CB  HB2  sing N N 10  
ALA CB  HB3  sing N N 11  
ALA OXT HXT  sing N N 12  
ARG N   CA   sing N N 13  
ARG N   H    sing N N 14  
ARG N   H2   sing N N 15  
ARG CA  C    sing N N 16  
ARG CA  CB   sing N N 17  
ARG CA  HA   sing N N 18  
ARG C   O    doub N N 19  
ARG C   OXT  sing N N 20  
ARG CB  CG   sing N N 21  
ARG CB  HB2  sing N N 22  
ARG CB  HB3  sing N N 23  
ARG CG  CD   sing N N 24  
ARG CG  HG2  sing N N 25  
ARG CG  HG3  sing N N 26  
ARG CD  NE   sing N N 27  
ARG CD  HD2  sing N N 28  
ARG CD  HD3  sing N N 29  
ARG NE  CZ   sing N N 30  
ARG NE  HE   sing N N 31  
ARG CZ  NH1  sing N N 32  
ARG CZ  NH2  doub N N 33  
ARG NH1 HH11 sing N N 34  
ARG NH1 HH12 sing N N 35  
ARG NH2 HH21 sing N N 36  
ARG NH2 HH22 sing N N 37  
ARG OXT HXT  sing N N 38  
ASN N   CA   sing N N 39  
ASN N   H    sing N N 40  
ASN N   H2   sing N N 41  
ASN CA  C    sing N N 42  
ASN CA  CB   sing N N 43  
ASN CA  HA   sing N N 44  
ASN C   O    doub N N 45  
ASN C   OXT  sing N N 46  
ASN CB  CG   sing N N 47  
ASN CB  HB2  sing N N 48  
ASN CB  HB3  sing N N 49  
ASN CG  OD1  doub N N 50  
ASN CG  ND2  sing N N 51  
ASN ND2 HD21 sing N N 52  
ASN ND2 HD22 sing N N 53  
ASN OXT HXT  sing N N 54  
ASP N   CA   sing N N 55  
ASP N   H    sing N N 56  
ASP N   H2   sing N N 57  
ASP CA  C    sing N N 58  
ASP CA  CB   sing N N 59  
ASP CA  HA   sing N N 60  
ASP C   O    doub N N 61  
ASP C   OXT  sing N N 62  
ASP CB  CG   sing N N 63  
ASP CB  HB2  sing N N 64  
ASP CB  HB3  sing N N 65  
ASP CG  OD1  doub N N 66  
ASP CG  OD2  sing N N 67  
ASP OD2 HD2  sing N N 68  
ASP OXT HXT  sing N N 69  
CYS N   CA   sing N N 70  
CYS N   H    sing N N 71  
CYS N   H2   sing N N 72  
CYS CA  C    sing N N 73  
CYS CA  CB   sing N N 74  
CYS CA  HA   sing N N 75  
CYS C   O    doub N N 76  
CYS C   OXT  sing N N 77  
CYS CB  SG   sing N N 78  
CYS CB  HB2  sing N N 79  
CYS CB  HB3  sing N N 80  
CYS SG  HG   sing N N 81  
CYS OXT HXT  sing N N 82  
GLN N   CA   sing N N 83  
GLN N   H    sing N N 84  
GLN N   H2   sing N N 85  
GLN CA  C    sing N N 86  
GLN CA  CB   sing N N 87  
GLN CA  HA   sing N N 88  
GLN C   O    doub N N 89  
GLN C   OXT  sing N N 90  
GLN CB  CG   sing N N 91  
GLN CB  HB2  sing N N 92  
GLN CB  HB3  sing N N 93  
GLN CG  CD   sing N N 94  
GLN CG  HG2  sing N N 95  
GLN CG  HG3  sing N N 96  
GLN CD  OE1  doub N N 97  
GLN CD  NE2  sing N N 98  
GLN NE2 HE21 sing N N 99  
GLN NE2 HE22 sing N N 100 
GLN OXT HXT  sing N N 101 
GLU N   CA   sing N N 102 
GLU N   H    sing N N 103 
GLU N   H2   sing N N 104 
GLU CA  C    sing N N 105 
GLU CA  CB   sing N N 106 
GLU CA  HA   sing N N 107 
GLU C   O    doub N N 108 
GLU C   OXT  sing N N 109 
GLU CB  CG   sing N N 110 
GLU CB  HB2  sing N N 111 
GLU CB  HB3  sing N N 112 
GLU CG  CD   sing N N 113 
GLU CG  HG2  sing N N 114 
GLU CG  HG3  sing N N 115 
GLU CD  OE1  doub N N 116 
GLU CD  OE2  sing N N 117 
GLU OE2 HE2  sing N N 118 
GLU OXT HXT  sing N N 119 
GLY N   CA   sing N N 120 
GLY N   H    sing N N 121 
GLY N   H2   sing N N 122 
GLY CA  C    sing N N 123 
GLY CA  HA2  sing N N 124 
GLY CA  HA3  sing N N 125 
GLY C   O    doub N N 126 
GLY C   OXT  sing N N 127 
GLY OXT HXT  sing N N 128 
HIS N   CA   sing N N 129 
HIS N   H    sing N N 130 
HIS N   H2   sing N N 131 
HIS CA  C    sing N N 132 
HIS CA  CB   sing N N 133 
HIS CA  HA   sing N N 134 
HIS C   O    doub N N 135 
HIS C   OXT  sing N N 136 
HIS CB  CG   sing N N 137 
HIS CB  HB2  sing N N 138 
HIS CB  HB3  sing N N 139 
HIS CG  ND1  sing Y N 140 
HIS CG  CD2  doub Y N 141 
HIS ND1 CE1  doub Y N 142 
HIS ND1 HD1  sing N N 143 
HIS CD2 NE2  sing Y N 144 
HIS CD2 HD2  sing N N 145 
HIS CE1 NE2  sing Y N 146 
HIS CE1 HE1  sing N N 147 
HIS NE2 HE2  sing N N 148 
HIS OXT HXT  sing N N 149 
HOH O   H1   sing N N 150 
HOH O   H2   sing N N 151 
ILE N   CA   sing N N 152 
ILE N   H    sing N N 153 
ILE N   H2   sing N N 154 
ILE CA  C    sing N N 155 
ILE CA  CB   sing N N 156 
ILE CA  HA   sing N N 157 
ILE C   O    doub N N 158 
ILE C   OXT  sing N N 159 
ILE CB  CG1  sing N N 160 
ILE CB  CG2  sing N N 161 
ILE CB  HB   sing N N 162 
ILE CG1 CD1  sing N N 163 
ILE CG1 HG12 sing N N 164 
ILE CG1 HG13 sing N N 165 
ILE CG2 HG21 sing N N 166 
ILE CG2 HG22 sing N N 167 
ILE CG2 HG23 sing N N 168 
ILE CD1 HD11 sing N N 169 
ILE CD1 HD12 sing N N 170 
ILE CD1 HD13 sing N N 171 
ILE OXT HXT  sing N N 172 
LEU N   CA   sing N N 173 
LEU N   H    sing N N 174 
LEU N   H2   sing N N 175 
LEU CA  C    sing N N 176 
LEU CA  CB   sing N N 177 
LEU CA  HA   sing N N 178 
LEU C   O    doub N N 179 
LEU C   OXT  sing N N 180 
LEU CB  CG   sing N N 181 
LEU CB  HB2  sing N N 182 
LEU CB  HB3  sing N N 183 
LEU CG  CD1  sing N N 184 
LEU CG  CD2  sing N N 185 
LEU CG  HG   sing N N 186 
LEU CD1 HD11 sing N N 187 
LEU CD1 HD12 sing N N 188 
LEU CD1 HD13 sing N N 189 
LEU CD2 HD21 sing N N 190 
LEU CD2 HD22 sing N N 191 
LEU CD2 HD23 sing N N 192 
LEU OXT HXT  sing N N 193 
LYS N   CA   sing N N 194 
LYS N   H    sing N N 195 
LYS N   H2   sing N N 196 
LYS CA  C    sing N N 197 
LYS CA  CB   sing N N 198 
LYS CA  HA   sing N N 199 
LYS C   O    doub N N 200 
LYS C   OXT  sing N N 201 
LYS CB  CG   sing N N 202 
LYS CB  HB2  sing N N 203 
LYS CB  HB3  sing N N 204 
LYS CG  CD   sing N N 205 
LYS CG  HG2  sing N N 206 
LYS CG  HG3  sing N N 207 
LYS CD  CE   sing N N 208 
LYS CD  HD2  sing N N 209 
LYS CD  HD3  sing N N 210 
LYS CE  NZ   sing N N 211 
LYS CE  HE2  sing N N 212 
LYS CE  HE3  sing N N 213 
LYS NZ  HZ1  sing N N 214 
LYS NZ  HZ2  sing N N 215 
LYS NZ  HZ3  sing N N 216 
LYS OXT HXT  sing N N 217 
MET N   CA   sing N N 218 
MET N   H    sing N N 219 
MET N   H2   sing N N 220 
MET CA  C    sing N N 221 
MET CA  CB   sing N N 222 
MET CA  HA   sing N N 223 
MET C   O    doub N N 224 
MET C   OXT  sing N N 225 
MET CB  CG   sing N N 226 
MET CB  HB2  sing N N 227 
MET CB  HB3  sing N N 228 
MET CG  SD   sing N N 229 
MET CG  HG2  sing N N 230 
MET CG  HG3  sing N N 231 
MET SD  CE   sing N N 232 
MET CE  HE1  sing N N 233 
MET CE  HE2  sing N N 234 
MET CE  HE3  sing N N 235 
MET OXT HXT  sing N N 236 
PHE N   CA   sing N N 237 
PHE N   H    sing N N 238 
PHE N   H2   sing N N 239 
PHE CA  C    sing N N 240 
PHE CA  CB   sing N N 241 
PHE CA  HA   sing N N 242 
PHE C   O    doub N N 243 
PHE C   OXT  sing N N 244 
PHE CB  CG   sing N N 245 
PHE CB  HB2  sing N N 246 
PHE CB  HB3  sing N N 247 
PHE CG  CD1  doub Y N 248 
PHE CG  CD2  sing Y N 249 
PHE CD1 CE1  sing Y N 250 
PHE CD1 HD1  sing N N 251 
PHE CD2 CE2  doub Y N 252 
PHE CD2 HD2  sing N N 253 
PHE CE1 CZ   doub Y N 254 
PHE CE1 HE1  sing N N 255 
PHE CE2 CZ   sing Y N 256 
PHE CE2 HE2  sing N N 257 
PHE CZ  HZ   sing N N 258 
PHE OXT HXT  sing N N 259 
PRO N   CA   sing N N 260 
PRO N   CD   sing N N 261 
PRO N   H    sing N N 262 
PRO CA  C    sing N N 263 
PRO CA  CB   sing N N 264 
PRO CA  HA   sing N N 265 
PRO C   O    doub N N 266 
PRO C   OXT  sing N N 267 
PRO CB  CG   sing N N 268 
PRO CB  HB2  sing N N 269 
PRO CB  HB3  sing N N 270 
PRO CG  CD   sing N N 271 
PRO CG  HG2  sing N N 272 
PRO CG  HG3  sing N N 273 
PRO CD  HD2  sing N N 274 
PRO CD  HD3  sing N N 275 
PRO OXT HXT  sing N N 276 
SER N   CA   sing N N 277 
SER N   H    sing N N 278 
SER N   H2   sing N N 279 
SER CA  C    sing N N 280 
SER CA  CB   sing N N 281 
SER CA  HA   sing N N 282 
SER C   O    doub N N 283 
SER C   OXT  sing N N 284 
SER CB  OG   sing N N 285 
SER CB  HB2  sing N N 286 
SER CB  HB3  sing N N 287 
SER OG  HG   sing N N 288 
SER OXT HXT  sing N N 289 
THR N   CA   sing N N 290 
THR N   H    sing N N 291 
THR N   H2   sing N N 292 
THR CA  C    sing N N 293 
THR CA  CB   sing N N 294 
THR CA  HA   sing N N 295 
THR C   O    doub N N 296 
THR C   OXT  sing N N 297 
THR CB  OG1  sing N N 298 
THR CB  CG2  sing N N 299 
THR CB  HB   sing N N 300 
THR OG1 HG1  sing N N 301 
THR CG2 HG21 sing N N 302 
THR CG2 HG22 sing N N 303 
THR CG2 HG23 sing N N 304 
THR OXT HXT  sing N N 305 
TRP N   CA   sing N N 306 
TRP N   H    sing N N 307 
TRP N   H2   sing N N 308 
TRP CA  C    sing N N 309 
TRP CA  CB   sing N N 310 
TRP CA  HA   sing N N 311 
TRP C   O    doub N N 312 
TRP C   OXT  sing N N 313 
TRP CB  CG   sing N N 314 
TRP CB  HB2  sing N N 315 
TRP CB  HB3  sing N N 316 
TRP CG  CD1  doub Y N 317 
TRP CG  CD2  sing Y N 318 
TRP CD1 NE1  sing Y N 319 
TRP CD1 HD1  sing N N 320 
TRP CD2 CE2  doub Y N 321 
TRP CD2 CE3  sing Y N 322 
TRP NE1 CE2  sing Y N 323 
TRP NE1 HE1  sing N N 324 
TRP CE2 CZ2  sing Y N 325 
TRP CE3 CZ3  doub Y N 326 
TRP CE3 HE3  sing N N 327 
TRP CZ2 CH2  doub Y N 328 
TRP CZ2 HZ2  sing N N 329 
TRP CZ3 CH2  sing Y N 330 
TRP CZ3 HZ3  sing N N 331 
TRP CH2 HH2  sing N N 332 
TRP OXT HXT  sing N N 333 
TYR N   CA   sing N N 334 
TYR N   H    sing N N 335 
TYR N   H2   sing N N 336 
TYR CA  C    sing N N 337 
TYR CA  CB   sing N N 338 
TYR CA  HA   sing N N 339 
TYR C   O    doub N N 340 
TYR C   OXT  sing N N 341 
TYR CB  CG   sing N N 342 
TYR CB  HB2  sing N N 343 
TYR CB  HB3  sing N N 344 
TYR CG  CD1  doub Y N 345 
TYR CG  CD2  sing Y N 346 
TYR CD1 CE1  sing Y N 347 
TYR CD1 HD1  sing N N 348 
TYR CD2 CE2  doub Y N 349 
TYR CD2 HD2  sing N N 350 
TYR CE1 CZ   doub Y N 351 
TYR CE1 HE1  sing N N 352 
TYR CE2 CZ   sing Y N 353 
TYR CE2 HE2  sing N N 354 
TYR CZ  OH   sing N N 355 
TYR OH  HH   sing N N 356 
TYR OXT HXT  sing N N 357 
VAL N   CA   sing N N 358 
VAL N   H    sing N N 359 
VAL N   H2   sing N N 360 
VAL CA  C    sing N N 361 
VAL CA  CB   sing N N 362 
VAL CA  HA   sing N N 363 
VAL C   O    doub N N 364 
VAL C   OXT  sing N N 365 
VAL CB  CG1  sing N N 366 
VAL CB  CG2  sing N N 367 
VAL CB  HB   sing N N 368 
VAL CG1 HG11 sing N N 369 
VAL CG1 HG12 sing N N 370 
VAL CG1 HG13 sing N N 371 
VAL CG2 HG21 sing N N 372 
VAL CG2 HG22 sing N N 373 
VAL CG2 HG23 sing N N 374 
VAL OXT HXT  sing N N 375 
# 
_atom_sites.entry_id                    1VAU 
_atom_sites.fract_transf_matrix[1][1]   -0.00255197 
_atom_sites.fract_transf_matrix[1][2]   0.00343837 
_atom_sites.fract_transf_matrix[1][3]   0.01202752 
_atom_sites.fract_transf_matrix[2][1]   0.00944437 
_atom_sites.fract_transf_matrix[2][2]   -0.00751982 
_atom_sites.fract_transf_matrix[2][3]   0.00415362 
_atom_sites.fract_transf_matrix[3][1]   0.01739334 
_atom_sites.fract_transf_matrix[3][2]   0.02062629 
_atom_sites.fract_transf_matrix[3][3]   -0.00220607 
_atom_sites.fract_transf_vector[1]      -0.009191 
_atom_sites.fract_transf_vector[2]      0.254918 
_atom_sites.fract_transf_vector[3]      0.512651 
# 
loop_
_atom_type.symbol 
C  
CL 
N  
NA 
O  
S  
XE 
# 
loop_
_atom_site.group_PDB 
_atom_site.id 
_atom_site.type_symbol 
_atom_site.label_atom_id 
_atom_site.label_alt_id 
_atom_site.label_comp_id 
_atom_site.label_asym_id 
_atom_site.label_entity_id 
_atom_site.label_seq_id 
_atom_site.pdbx_PDB_ins_code 
_atom_site.Cartn_x 
_atom_site.Cartn_y 
_atom_site.Cartn_z 
_atom_site.occupancy 
_atom_site.B_iso_or_equiv 
_atom_site.pdbx_formal_charge 
_atom_site.auth_seq_id 
_atom_site.auth_comp_id 
_atom_site.auth_asym_id 
_atom_site.auth_atom_id 
_atom_site.pdbx_PDB_model_num 
ATOM   1    N  N   . LYS A 1 1   ? -14.142 0.213   0.558   1.00 11.48 ? 1   LYS A N   1 
ATOM   2    C  CA  . LYS A 1 1   ? -14.360 -1.084  -0.137  1.00 11.50 ? 1   LYS A CA  1 
ATOM   3    C  C   . LYS A 1 1   ? -13.396 -2.151  0.356   1.00 11.51 ? 1   LYS A C   1 
ATOM   4    O  O   . LYS A 1 1   ? -12.198 -1.904  0.493   1.00 11.47 ? 1   LYS A O   1 
ATOM   5    C  CB  . LYS A 1 1   ? -14.177 -0.911  -1.648  1.00 12.17 ? 1   LYS A CB  1 
ATOM   6    C  CG  . LYS A 1 1   ? -14.205 -2.223  -2.420  1.00 13.26 ? 1   LYS A CG  1 
ATOM   7    C  CD  . LYS A 1 1   ? -14.015 -2.004  -3.908  1.00 15.56 ? 1   LYS A CD  1 
ATOM   8    C  CE  . LYS A 1 1   ? -14.004 -3.329  -4.652  1.00 17.88 ? 1   LYS A CE  1 
ATOM   9    N  NZ  . LYS A 1 1   ? -13.940 -3.147  -6.124  1.00 20.04 ? 1   LYS A NZ  1 
ATOM   10   N  N   . VAL A 1 2   ? -13.930 -3.334  0.638   1.00 11.44 ? 2   VAL A N   1 
ATOM   11   C  CA  . VAL A 1 2   ? -13.100 -4.444  1.069   1.00 11.51 ? 2   VAL A CA  1 
ATOM   12   C  C   . VAL A 1 2   ? -12.957 -5.366  -0.136  1.00 11.63 ? 2   VAL A C   1 
ATOM   13   O  O   . VAL A 1 2   ? -13.926 -5.995  -0.565  1.00 11.91 ? 2   VAL A O   1 
ATOM   14   C  CB  . VAL A 1 2   ? -13.736 -5.221  2.238   1.00 11.24 ? 2   VAL A CB  1 
ATOM   15   C  CG1 . VAL A 1 2   ? -12.878 -6.430  2.587   1.00 11.67 ? 2   VAL A CG1 1 
ATOM   16   C  CG2 . VAL A 1 2   ? -13.866 -4.314  3.450   1.00 10.23 ? 2   VAL A CG2 1 
ATOM   17   N  N   . PHE A 1 3   ? -11.751 -5.417  -0.692  1.00 11.55 ? 3   PHE A N   1 
ATOM   18   C  CA  . PHE A 1 3   ? -11.462 -6.249  -1.858  1.00 11.68 ? 3   PHE A CA  1 
ATOM   19   C  C   . PHE A 1 3   ? -11.323 -7.720  -1.519  1.00 11.80 ? 3   PHE A C   1 
ATOM   20   O  O   . PHE A 1 3   ? -10.965 -8.084  -0.401  1.00 11.89 ? 3   PHE A O   1 
ATOM   21   C  CB  . PHE A 1 3   ? -10.142 -5.837  -2.513  1.00 11.31 ? 3   PHE A CB  1 
ATOM   22   C  CG  . PHE A 1 3   ? -10.246 -4.676  -3.451  1.00 11.62 ? 3   PHE A CG  1 
ATOM   23   C  CD1 . PHE A 1 3   ? -10.318 -3.373  -2.970  1.00 12.10 ? 3   PHE A CD1 1 
ATOM   24   C  CD2 . PHE A 1 3   ? -10.232 -4.883  -4.829  1.00 11.14 ? 3   PHE A CD2 1 
ATOM   25   C  CE1 . PHE A 1 3   ? -10.372 -2.292  -3.849  1.00 12.64 ? 3   PHE A CE1 1 
ATOM   26   C  CE2 . PHE A 1 3   ? -10.285 -3.814  -5.711  1.00 11.63 ? 3   PHE A CE2 1 
ATOM   27   C  CZ  . PHE A 1 3   ? -10.354 -2.515  -5.221  1.00 12.71 ? 3   PHE A CZ  1 
ATOM   28   N  N   . GLY A 1 4   ? -11.608 -8.564  -2.504  1.00 12.01 ? 4   GLY A N   1 
ATOM   29   C  CA  . GLY A 1 4   ? -11.422 -9.986  -2.320  1.00 12.03 ? 4   GLY A CA  1 
ATOM   30   C  C   . GLY A 1 4   ? -9.946  -10.173 -2.639  1.00 12.04 ? 4   GLY A C   1 
ATOM   31   O  O   . GLY A 1 4   ? -9.361  -9.332  -3.328  1.00 12.07 ? 4   GLY A O   1 
ATOM   32   N  N   . ARG A 1 5   ? -9.335  -11.247 -2.151  1.00 12.07 ? 5   ARG A N   1 
ATOM   33   C  CA  . ARG A 1 5   ? -7.918  -11.502 -2.401  1.00 12.09 ? 5   ARG A CA  1 
ATOM   34   C  C   . ARG A 1 5   ? -7.566  -11.440 -3.889  1.00 12.18 ? 5   ARG A C   1 
ATOM   35   O  O   . ARG A 1 5   ? -6.743  -10.627 -4.313  1.00 12.24 ? 5   ARG A O   1 
ATOM   36   C  CB  . ARG A 1 5   ? -7.529  -12.870 -1.831  1.00 12.43 ? 5   ARG A CB  1 
ATOM   37   C  CG  . ARG A 1 5   ? -6.080  -13.273 -2.078  1.00 13.27 ? 5   ARG A CG  1 
ATOM   38   C  CD  . ARG A 1 5   ? -5.756  -14.597 -1.396  1.00 14.98 ? 5   ARG A CD  1 
ATOM   39   N  NE  . ARG A 1 5   ? -6.538  -15.715 -1.925  1.00 16.60 ? 5   ARG A NE  1 
ATOM   40   C  CZ  . ARG A 1 5   ? -6.190  -16.446 -2.980  1.00 15.88 ? 5   ARG A CZ  1 
ATOM   41   N  NH1 . ARG A 1 5   ? -5.065  -16.188 -3.634  1.00 14.93 ? 5   ARG A NH1 1 
ATOM   42   N  NH2 . ARG A 1 5   ? -6.966  -17.448 -3.374  1.00 17.00 ? 5   ARG A NH2 1 
ATOM   43   N  N   . CYS A 1 6   ? -8.196  -12.297 -4.682  1.00 12.18 ? 6   CYS A N   1 
ATOM   44   C  CA  . CYS A 1 6   ? -7.927  -12.329 -6.113  1.00 12.18 ? 6   CYS A CA  1 
ATOM   45   C  C   . CYS A 1 6   ? -8.390  -11.071 -6.847  1.00 12.00 ? 6   CYS A C   1 
ATOM   46   O  O   . CYS A 1 6   ? -7.812  -10.690 -7.865  1.00 12.05 ? 6   CYS A O   1 
ATOM   47   C  CB  . CYS A 1 6   ? -8.572  -13.563 -6.731  1.00 13.75 ? 6   CYS A CB  1 
ATOM   48   S  SG  . CYS A 1 6   ? -7.772  -15.138 -6.287  1.00 16.67 ? 6   CYS A SG  1 
ATOM   49   N  N   . GLU A 1 7   ? -9.436  -10.432 -6.333  1.00 11.85 ? 7   GLU A N   1 
ATOM   50   C  CA  . GLU A 1 7   ? -9.944  -9.209  -6.944  1.00 11.65 ? 7   GLU A CA  1 
ATOM   51   C  C   . GLU A 1 7   ? -8.879  -8.119  -6.835  1.00 11.42 ? 7   GLU A C   1 
ATOM   52   O  O   . GLU A 1 7   ? -8.630  -7.381  -7.789  1.00 11.48 ? 7   GLU A O   1 
ATOM   53   C  CB  . GLU A 1 7   ? -11.226 -8.754  -6.244  1.00 12.34 ? 7   GLU A CB  1 
ATOM   54   C  CG  . GLU A 1 7   ? -11.722 -7.390  -6.693  1.00 14.13 ? 7   GLU A CG  1 
ATOM   55   C  CD  . GLU A 1 7   ? -12.949 -6.933  -5.925  1.00 14.95 ? 7   GLU A CD  1 
ATOM   56   O  OE1 . GLU A 1 7   ? -13.086 -7.304  -4.742  1.00 16.08 ? 7   GLU A OE1 1 
ATOM   57   O  OE2 . GLU A 1 7   ? -13.770 -6.194  -6.508  1.00 17.27 ? 7   GLU A OE2 1 
ATOM   58   N  N   . LEU A 1 8   ? -8.252  -8.020  -5.667  1.00 11.30 ? 8   LEU A N   1 
ATOM   59   C  CA  . LEU A 1 8   ? -7.208  -7.025  -5.466  1.00 11.10 ? 8   LEU A CA  1 
ATOM   60   C  C   . LEU A 1 8   ? -5.981  -7.365  -6.306  1.00 11.10 ? 8   LEU A C   1 
ATOM   61   O  O   . LEU A 1 8   ? -5.350  -6.479  -6.879  1.00 10.97 ? 8   LEU A O   1 
ATOM   62   C  CB  . LEU A 1 8   ? -6.815  -6.941  -3.988  1.00 10.25 ? 8   LEU A CB  1 
ATOM   63   C  CG  . LEU A 1 8   ? -5.715  -5.928  -3.645  1.00 10.90 ? 8   LEU A CG  1 
ATOM   64   C  CD1 . LEU A 1 8   ? -6.176  -4.526  -4.008  1.00 11.49 ? 8   LEU A CD1 1 
ATOM   65   C  CD2 . LEU A 1 8   ? -5.385  -6.007  -2.164  1.00 11.24 ? 8   LEU A CD2 1 
ATOM   66   N  N   . ALA A 1 9   ? -5.643  -8.649  -6.381  1.00 11.12 ? 9   ALA A N   1 
ATOM   67   C  CA  . ALA A 1 9   ? -4.486  -9.065  -7.168  1.00 11.11 ? 9   ALA A CA  1 
ATOM   68   C  C   . ALA A 1 9   ? -4.669  -8.613  -8.614  1.00 11.09 ? 9   ALA A C   1 
ATOM   69   O  O   . ALA A 1 9   ? -3.737  -8.118  -9.244  1.00 11.00 ? 9   ALA A O   1 
ATOM   70   C  CB  . ALA A 1 9   ? -4.320  -10.579 -7.108  1.00 11.00 ? 9   ALA A CB  1 
ATOM   71   N  N   . ALA A 1 10  ? -5.884  -8.775  -9.129  1.00 11.17 ? 10  ALA A N   1 
ATOM   72   C  CA  . ALA A 1 10  ? -6.190  -8.378  -10.498 1.00 11.30 ? 10  ALA A CA  1 
ATOM   73   C  C   . ALA A 1 10  ? -6.110  -6.864  -10.678 1.00 11.47 ? 10  ALA A C   1 
ATOM   74   O  O   . ALA A 1 10  ? -5.587  -6.379  -11.679 1.00 11.51 ? 10  ALA A O   1 
ATOM   75   C  CB  . ALA A 1 10  ? -7.579  -8.882  -10.890 1.00 11.24 ? 10  ALA A CB  1 
ATOM   76   N  N   . ALA A 1 11  ? -6.627  -6.117  -9.706  1.00 11.67 ? 11  ALA A N   1 
ATOM   77   C  CA  . ALA A 1 11  ? -6.598  -4.660  -9.776  1.00 11.87 ? 11  ALA A CA  1 
ATOM   78   C  C   . ALA A 1 11  ? -5.163  -4.145  -9.726  1.00 11.95 ? 11  ALA A C   1 
ATOM   79   O  O   . ALA A 1 11  ? -4.800  -3.226  -10.453 1.00 12.01 ? 11  ALA A O   1 
ATOM   80   C  CB  . ALA A 1 11  ? -7.408  -4.060  -8.632  1.00 12.27 ? 11  ALA A CB  1 
ATOM   81   N  N   . MET A 1 12  ? -4.344  -4.743  -8.869  1.00 12.20 ? 12  MET A N   1 
ATOM   82   C  CA  . MET A 1 12  ? -2.954  -4.326  -8.753  1.00 12.37 ? 12  MET A CA  1 
ATOM   83   C  C   . MET A 1 12  ? -2.180  -4.634  -10.031 1.00 12.65 ? 12  MET A C   1 
ATOM   84   O  O   . MET A 1 12  ? -1.350  -3.836  -10.466 1.00 12.68 ? 12  MET A O   1 
ATOM   85   C  CB  . MET A 1 12  ? -2.283  -5.022  -7.571  1.00 12.43 ? 12  MET A CB  1 
ATOM   86   C  CG  . MET A 1 12  ? -2.855  -4.632  -6.225  1.00 11.37 ? 12  MET A CG  1 
ATOM   87   S  SD  . MET A 1 12  ? -1.981  -5.452  -4.884  1.00 11.49 ? 12  MET A SD  1 
ATOM   88   C  CE  . MET A 1 12  ? -1.859  -4.120  -3.698  1.00 11.31 ? 12  MET A CE  1 
ATOM   89   N  N   . LYS A 1 13  ? -2.458  -5.790  -10.630 1.00 12.88 ? 13  LYS A N   1 
ATOM   90   C  CA  . LYS A 1 13  ? -1.772  -6.180  -11.855 1.00 13.27 ? 13  LYS A CA  1 
ATOM   91   C  C   . LYS A 1 13  ? -2.138  -5.246  -13.004 1.00 13.50 ? 13  LYS A C   1 
ATOM   92   O  O   . LYS A 1 13  ? -1.269  -4.833  -13.774 1.00 13.59 ? 13  LYS A O   1 
ATOM   93   C  CB  . LYS A 1 13  ? -2.118  -7.628  -12.221 1.00 13.95 ? 13  LYS A CB  1 
ATOM   94   C  CG  . LYS A 1 13  ? -1.343  -8.156  -13.424 1.00 16.11 ? 13  LYS A CG  1 
ATOM   95   C  CD  . LYS A 1 13  ? -1.522  -9.658  -13.586 1.00 18.75 ? 13  LYS A CD  1 
ATOM   96   C  CE  . LYS A 1 13  ? -0.780  -10.177 -14.811 1.00 20.77 ? 13  LYS A CE  1 
ATOM   97   N  NZ  . LYS A 1 13  ? 0.677   -9.862  -14.758 1.00 22.76 ? 13  LYS A NZ  1 
ATOM   98   N  N   . ARG A 1 14  ? -3.420  -4.908  -13.113 1.00 13.69 ? 14  ARG A N   1 
ATOM   99   C  CA  . ARG A 1 14  ? -3.876  -4.015  -14.174 1.00 13.99 ? 14  ARG A CA  1 
ATOM   100  C  C   . ARG A 1 14  ? -3.229  -2.640  -14.025 1.00 14.15 ? 14  ARG A C   1 
ATOM   101  O  O   . ARG A 1 14  ? -3.033  -1.926  -15.009 1.00 14.21 ? 14  ARG A O   1 
ATOM   102  C  CB  . ARG A 1 14  ? -5.401  -3.868  -14.135 1.00 15.73 ? 14  ARG A CB  1 
ATOM   103  C  CG  . ARG A 1 14  ? -5.953  -2.920  -15.191 1.00 19.32 ? 14  ARG A CG  1 
ATOM   104  C  CD  . ARG A 1 14  ? -7.474  -2.951  -15.232 1.00 21.91 ? 14  ARG A CD  1 
ATOM   105  N  NE  . ARG A 1 14  ? -8.084  -2.378  -14.036 1.00 23.49 ? 14  ARG A NE  1 
ATOM   106  C  CZ  . ARG A 1 14  ? -8.212  -1.075  -13.807 1.00 22.97 ? 14  ARG A CZ  1 
ATOM   107  N  NH1 . ARG A 1 14  ? -7.771  -0.195  -14.694 1.00 24.09 ? 14  ARG A NH1 1 
ATOM   108  N  NH2 . ARG A 1 14  ? -8.790  -0.651  -12.692 1.00 25.08 ? 14  ARG A NH2 1 
ATOM   109  N  N   . HIS A 1 15  ? -2.896  -2.274  -12.790 1.00 14.20 ? 15  HIS A N   1 
ATOM   110  C  CA  . HIS A 1 15  ? -2.268  -0.988  -12.515 1.00 14.30 ? 15  HIS A CA  1 
ATOM   111  C  C   . HIS A 1 15  ? -0.744  -1.034  -12.600 1.00 14.34 ? 15  HIS A C   1 
ATOM   112  O  O   . HIS A 1 15  ? -0.067  -0.068  -12.247 1.00 14.39 ? 15  HIS A O   1 
ATOM   113  C  CB  . HIS A 1 15  ? -2.714  -0.468  -11.145 1.00 14.66 ? 15  HIS A CB  1 
ATOM   114  C  CG  . HIS A 1 15  ? -4.071  0.168   -11.156 1.00 16.02 ? 15  HIS A CG  1 
ATOM   115  N  ND1 . HIS A 1 15  ? -4.298  1.422   -11.682 1.00 18.85 ? 15  HIS A ND1 1 
ATOM   116  C  CD2 . HIS A 1 15  ? -5.276  -0.288  -10.738 1.00 17.42 ? 15  HIS A CD2 1 
ATOM   117  C  CE1 . HIS A 1 15  ? -5.584  1.709   -11.589 1.00 17.80 ? 15  HIS A CE1 1 
ATOM   118  N  NE2 . HIS A 1 15  ? -6.199  0.689   -11.020 1.00 18.26 ? 15  HIS A NE2 1 
ATOM   119  N  N   . GLY A 1 16  ? -0.209  -2.161  -13.064 1.00 14.35 ? 16  GLY A N   1 
ATOM   120  C  CA  . GLY A 1 16  ? 1.230   -2.292  -13.237 1.00 14.35 ? 16  GLY A CA  1 
ATOM   121  C  C   . GLY A 1 16  ? 2.121   -2.569  -12.036 1.00 14.36 ? 16  GLY A C   1 
ATOM   122  O  O   . GLY A 1 16  ? 3.312   -2.258  -12.083 1.00 14.44 ? 16  GLY A O   1 
ATOM   123  N  N   . LEU A 1 17  ? 1.578   -3.156  -10.975 1.00 14.38 ? 17  LEU A N   1 
ATOM   124  C  CA  . LEU A 1 17  ? 2.390   -3.453  -9.799  1.00 14.33 ? 17  LEU A CA  1 
ATOM   125  C  C   . LEU A 1 17  ? 3.128   -4.785  -9.864  1.00 14.33 ? 17  LEU A C   1 
ATOM   126  O  O   . LEU A 1 17  ? 4.130   -4.969  -9.172  1.00 14.28 ? 17  LEU A O   1 
ATOM   127  C  CB  . LEU A 1 17  ? 1.540   -3.416  -8.526  1.00 13.90 ? 17  LEU A CB  1 
ATOM   128  C  CG  . LEU A 1 17  ? 1.273   -2.055  -7.881  1.00 14.10 ? 17  LEU A CG  1 
ATOM   129  C  CD1 . LEU A 1 17  ? 0.489   -2.268  -6.595  1.00 12.90 ? 17  LEU A CD1 1 
ATOM   130  C  CD2 . LEU A 1 17  ? 2.588   -1.344  -7.573  1.00 13.57 ? 17  LEU A CD2 1 
ATOM   131  N  N   . ASP A 1 18  ? 2.641   -5.717  -10.681 1.00 14.31 ? 18  ASP A N   1 
ATOM   132  C  CA  . ASP A 1 18  ? 3.291   -7.021  -10.794 1.00 14.28 ? 18  ASP A CA  1 
ATOM   133  C  C   . ASP A 1 18  ? 4.717   -6.850  -11.307 1.00 14.11 ? 18  ASP A C   1 
ATOM   134  O  O   . ASP A 1 18  ? 4.941   -6.452  -12.454 1.00 14.22 ? 18  ASP A O   1 
ATOM   135  C  CB  . ASP A 1 18  ? 2.506   -7.937  -11.740 1.00 15.52 ? 18  ASP A CB  1 
ATOM   136  C  CG  . ASP A 1 18  ? 3.034   -9.367  -11.753 1.00 18.44 ? 18  ASP A CG  1 
ATOM   137  O  OD1 . ASP A 1 18  ? 2.568   -10.163 -12.596 1.00 20.68 ? 18  ASP A OD1 1 
ATOM   138  O  OD2 . ASP A 1 18  ? 3.909   -9.702  -10.924 1.00 19.55 ? 18  ASP A OD2 1 
ATOM   139  N  N   . ASN A 1 19  ? 5.673   -7.139  -10.431 1.00 13.90 ? 19  ASN A N   1 
ATOM   140  C  CA  . ASN A 1 19  ? 7.097   -7.042  -10.724 1.00 13.61 ? 19  ASN A CA  1 
ATOM   141  C  C   . ASN A 1 19  ? 7.616   -5.607  -10.801 1.00 13.22 ? 19  ASN A C   1 
ATOM   142  O  O   . ASN A 1 19  ? 8.713   -5.365  -11.302 1.00 13.25 ? 19  ASN A O   1 
ATOM   143  C  CB  . ASN A 1 19  ? 7.432   -7.792  -12.016 1.00 15.85 ? 19  ASN A CB  1 
ATOM   144  C  CG  . ASN A 1 19  ? 8.841   -8.337  -12.014 1.00 20.75 ? 19  ASN A CG  1 
ATOM   145  O  OD1 . ASN A 1 19  ? 9.256   -9.001  -11.061 1.00 24.50 ? 19  ASN A OD1 1 
ATOM   146  N  ND2 . ASN A 1 19  ? 9.586   -8.069  -13.082 1.00 23.88 ? 19  ASN A ND2 1 
ATOM   147  N  N   . TYR A 1 20  ? 6.837   -4.652  -10.296 1.00 12.86 ? 20  TYR A N   1 
ATOM   148  C  CA  . TYR A 1 20  ? 7.276   -3.261  -10.306 1.00 12.40 ? 20  TYR A CA  1 
ATOM   149  C  C   . TYR A 1 20  ? 8.459   -3.168  -9.343  1.00 12.22 ? 20  TYR A C   1 
ATOM   150  O  O   . TYR A 1 20  ? 8.364   -3.595  -8.191  1.00 12.01 ? 20  TYR A O   1 
ATOM   151  C  CB  . TYR A 1 20  ? 6.144   -2.331  -9.860  1.00 12.00 ? 20  TYR A CB  1 
ATOM   152  C  CG  . TYR A 1 20  ? 6.473   -0.868  -10.039 1.00 10.95 ? 20  TYR A CG  1 
ATOM   153  C  CD1 . TYR A 1 20  ? 7.091   -0.140  -9.024  1.00 11.05 ? 20  TYR A CD1 1 
ATOM   154  C  CD2 . TYR A 1 20  ? 6.212   -0.223  -11.244 1.00 12.39 ? 20  TYR A CD2 1 
ATOM   155  C  CE1 . TYR A 1 20  ? 7.440   1.200   -9.205  1.00 12.55 ? 20  TYR A CE1 1 
ATOM   156  C  CE2 . TYR A 1 20  ? 6.555   1.115   -11.438 1.00 13.30 ? 20  TYR A CE2 1 
ATOM   157  C  CZ  . TYR A 1 20  ? 7.170   1.818   -10.417 1.00 12.74 ? 20  TYR A CZ  1 
ATOM   158  O  OH  . TYR A 1 20  ? 7.526   3.133   -10.603 1.00 14.42 ? 20  TYR A OH  1 
ATOM   159  N  N   . ARG A 1 21  ? 9.568   -2.613  -9.824  1.00 11.91 ? 21  ARG A N   1 
ATOM   160  C  CA  . ARG A 1 21  ? 10.791  -2.502  -9.037  1.00 11.72 ? 21  ARG A CA  1 
ATOM   161  C  C   . ARG A 1 21  ? 11.260  -3.890  -8.606  1.00 11.34 ? 21  ARG A C   1 
ATOM   162  O  O   . ARG A 1 21  ? 11.969  -4.043  -7.611  1.00 11.37 ? 21  ARG A O   1 
ATOM   163  C  CB  . ARG A 1 21  ? 10.577  -1.600  -7.817  1.00 13.54 ? 21  ARG A CB  1 
ATOM   164  C  CG  . ARG A 1 21  ? 10.524  -0.118  -8.156  1.00 17.91 ? 21  ARG A CG  1 
ATOM   165  C  CD  . ARG A 1 21  ? 11.910  0.433   -8.466  1.00 21.86 ? 21  ARG A CD  1 
ATOM   166  N  NE  . ARG A 1 21  ? 11.856  1.791   -9.004  1.00 24.71 ? 21  ARG A NE  1 
ATOM   167  C  CZ  . ARG A 1 21  ? 12.922  2.562   -9.199  1.00 25.96 ? 21  ARG A CZ  1 
ATOM   168  N  NH1 . ARG A 1 21  ? 14.134  2.114   -8.896  1.00 27.47 ? 21  ARG A NH1 1 
ATOM   169  N  NH2 . ARG A 1 21  ? 12.775  3.780   -9.701  1.00 26.44 ? 21  ARG A NH2 1 
ATOM   170  N  N   . GLY A 1 22  ? 10.846  -4.901  -9.367  1.00 11.04 ? 22  GLY A N   1 
ATOM   171  C  CA  . GLY A 1 22  ? 11.246  -6.265  -9.074  1.00 10.74 ? 22  GLY A CA  1 
ATOM   172  C  C   . GLY A 1 22  ? 10.417  -7.028  -8.061  1.00 10.51 ? 22  GLY A C   1 
ATOM   173  O  O   . GLY A 1 22  ? 10.762  -8.153  -7.700  1.00 10.61 ? 22  GLY A O   1 
ATOM   174  N  N   . TYR A 1 23  ? 9.321   -6.436  -7.603  1.00 10.28 ? 23  TYR A N   1 
ATOM   175  C  CA  . TYR A 1 23  ? 8.471   -7.094  -6.618  1.00 10.02 ? 23  TYR A CA  1 
ATOM   176  C  C   . TYR A 1 23  ? 7.271   -7.780  -7.252  1.00 9.99  ? 23  TYR A C   1 
ATOM   177  O  O   . TYR A 1 23  ? 6.367   -7.122  -7.759  1.00 10.01 ? 23  TYR A O   1 
ATOM   178  C  CB  . TYR A 1 23  ? 8.010   -6.077  -5.572  1.00 9.30  ? 23  TYR A CB  1 
ATOM   179  C  CG  . TYR A 1 23  ? 9.137   -5.605  -4.682  1.00 8.33  ? 23  TYR A CG  1 
ATOM   180  C  CD1 . TYR A 1 23  ? 9.535   -6.355  -3.574  1.00 9.03  ? 23  TYR A CD1 1 
ATOM   181  C  CD2 . TYR A 1 23  ? 9.841   -4.436  -4.972  1.00 8.62  ? 23  TYR A CD2 1 
ATOM   182  C  CE1 . TYR A 1 23  ? 10.606  -5.955  -2.774  1.00 8.93  ? 23  TYR A CE1 1 
ATOM   183  C  CE2 . TYR A 1 23  ? 10.919  -4.028  -4.179  1.00 9.01  ? 23  TYR A CE2 1 
ATOM   184  C  CZ  . TYR A 1 23  ? 11.293  -4.792  -3.084  1.00 8.34  ? 23  TYR A CZ  1 
ATOM   185  O  OH  . TYR A 1 23  ? 12.347  -4.393  -2.294  1.00 9.67  ? 23  TYR A OH  1 
ATOM   186  N  N   . SER A 1 24  ? 7.274   -9.111  -7.225  1.00 9.83  ? 24  SER A N   1 
ATOM   187  C  CA  . SER A 1 24  ? 6.181   -9.893  -7.795  1.00 9.77  ? 24  SER A CA  1 
ATOM   188  C  C   . SER A 1 24  ? 4.852   -9.528  -7.143  1.00 9.72  ? 24  SER A C   1 
ATOM   189  O  O   . SER A 1 24  ? 4.810   -9.049  -6.011  1.00 9.71  ? 24  SER A O   1 
ATOM   190  C  CB  . SER A 1 24  ? 6.444   -11.388 -7.609  1.00 11.02 ? 24  SER A CB  1 
ATOM   191  O  OG  . SER A 1 24  ? 6.494   -11.720 -6.234  1.00 12.49 ? 24  SER A OG  1 
ATOM   192  N  N   . LEU A 1 25  ? 3.768   -9.784  -7.865  1.00 9.50  ? 25  LEU A N   1 
ATOM   193  C  CA  . LEU A 1 25  ? 2.423   -9.478  -7.399  1.00 9.28  ? 25  LEU A CA  1 
ATOM   194  C  C   . LEU A 1 25  ? 2.113   -9.987  -5.990  1.00 9.15  ? 25  LEU A C   1 
ATOM   195  O  O   . LEU A 1 25  ? 1.487   -9.278  -5.198  1.00 9.06  ? 25  LEU A O   1 
ATOM   196  C  CB  . LEU A 1 25  ? 1.400   -10.032 -8.392  1.00 9.96  ? 25  LEU A CB  1 
ATOM   197  C  CG  . LEU A 1 25  ? -0.054  -9.575  -8.248  1.00 9.82  ? 25  LEU A CG  1 
ATOM   198  C  CD1 . LEU A 1 25  ? -0.133  -8.054  -8.243  1.00 11.71 ? 25  LEU A CD1 1 
ATOM   199  C  CD2 . LEU A 1 25  ? -0.865  -10.140 -9.405  1.00 10.83 ? 25  LEU A CD2 1 
ATOM   200  N  N   . GLY A 1 26  ? 2.547   -11.207 -5.678  1.00 8.97  ? 26  GLY A N   1 
ATOM   201  C  CA  . GLY A 1 26  ? 2.303   -11.775 -4.361  1.00 8.76  ? 26  GLY A CA  1 
ATOM   202  C  C   . GLY A 1 26  ? 2.812   -10.912 -3.220  1.00 8.65  ? 26  GLY A C   1 
ATOM   203  O  O   . GLY A 1 26  ? 2.221   -10.891 -2.141  1.00 8.55  ? 26  GLY A O   1 
ATOM   204  N  N   . ASN A 1 27  ? 3.919   -10.211 -3.446  1.00 8.47  ? 27  ASN A N   1 
ATOM   205  C  CA  . ASN A 1 27  ? 4.479   -9.334  -2.420  1.00 8.22  ? 27  ASN A CA  1 
ATOM   206  C  C   . ASN A 1 27  ? 3.522   -8.197  -2.102  1.00 8.14  ? 27  ASN A C   1 
ATOM   207  O  O   . ASN A 1 27  ? 3.341   -7.838  -0.941  1.00 7.96  ? 27  ASN A O   1 
ATOM   208  C  CB  . ASN A 1 27  ? 5.814   -8.749  -2.885  1.00 8.03  ? 27  ASN A CB  1 
ATOM   209  C  CG  . ASN A 1 27  ? 6.963   -9.705  -2.696  1.00 8.05  ? 27  ASN A CG  1 
ATOM   210  O  OD1 . ASN A 1 27  ? 7.430   -9.909  -1.576  1.00 7.59  ? 27  ASN A OD1 1 
ATOM   211  N  ND2 . ASN A 1 27  ? 7.424   -10.307 -3.791  1.00 9.09  ? 27  ASN A ND2 1 
ATOM   212  N  N   . TRP A 1 28  ? 2.915   -7.633  -3.142  1.00 7.96  ? 28  TRP A N   1 
ATOM   213  C  CA  . TRP A 1 28  ? 1.981   -6.526  -2.972  1.00 7.92  ? 28  TRP A CA  1 
ATOM   214  C  C   . TRP A 1 28  ? 0.688   -6.954  -2.296  1.00 7.89  ? 28  TRP A C   1 
ATOM   215  O  O   . TRP A 1 28  ? 0.138   -6.221  -1.473  1.00 8.01  ? 28  TRP A O   1 
ATOM   216  C  CB  . TRP A 1 28  ? 1.680   -5.880  -4.325  1.00 7.52  ? 28  TRP A CB  1 
ATOM   217  C  CG  . TRP A 1 28  ? 2.896   -5.262  -4.937  1.00 7.72  ? 28  TRP A CG  1 
ATOM   218  C  CD1 . TRP A 1 28  ? 3.667   -5.778  -5.939  1.00 8.57  ? 28  TRP A CD1 1 
ATOM   219  C  CD2 . TRP A 1 28  ? 3.508   -4.024  -4.555  1.00 8.28  ? 28  TRP A CD2 1 
ATOM   220  N  NE1 . TRP A 1 28  ? 4.723   -4.935  -6.205  1.00 8.83  ? 28  TRP A NE1 1 
ATOM   221  C  CE2 . TRP A 1 28  ? 4.648   -3.853  -5.369  1.00 8.63  ? 28  TRP A CE2 1 
ATOM   222  C  CE3 . TRP A 1 28  ? 3.201   -3.044  -3.600  1.00 9.20  ? 28  TRP A CE3 1 
ATOM   223  C  CZ2 . TRP A 1 28  ? 5.486   -2.735  -5.259  1.00 9.16  ? 28  TRP A CZ2 1 
ATOM   224  C  CZ3 . TRP A 1 28  ? 4.035   -1.932  -3.490  1.00 9.42  ? 28  TRP A CZ3 1 
ATOM   225  C  CH2 . TRP A 1 28  ? 5.163   -1.788  -4.318  1.00 9.55  ? 28  TRP A CH2 1 
ATOM   226  N  N   . VAL A 1 29  ? 0.208   -8.142  -2.644  1.00 7.85  ? 29  VAL A N   1 
ATOM   227  C  CA  . VAL A 1 29  ? -1.019  -8.661  -2.054  1.00 7.89  ? 29  VAL A CA  1 
ATOM   228  C  C   . VAL A 1 29  ? -0.783  -8.994  -0.581  1.00 7.93  ? 29  VAL A C   1 
ATOM   229  O  O   . VAL A 1 29  ? -1.623  -8.712  0.275   1.00 8.03  ? 29  VAL A O   1 
ATOM   230  C  CB  . VAL A 1 29  ? -1.513  -9.914  -2.812  1.00 7.98  ? 29  VAL A CB  1 
ATOM   231  C  CG1 . VAL A 1 29  ? -2.746  -10.484 -2.127  1.00 8.27  ? 29  VAL A CG1 1 
ATOM   232  C  CG2 . VAL A 1 29  ? -1.843  -9.552  -4.253  1.00 9.45  ? 29  VAL A CG2 1 
ATOM   233  N  N   . CYS A 1 30  ? 0.373   -9.581  -0.290  1.00 8.03  ? 30  CYS A N   1 
ATOM   234  C  CA  . CYS A 1 30  ? 0.719   -9.934  1.082   1.00 8.07  ? 30  CYS A CA  1 
ATOM   235  C  C   . CYS A 1 30  ? 0.814   -8.661  1.930   1.00 8.08  ? 30  CYS A C   1 
ATOM   236  O  O   . CYS A 1 30  ? 0.298   -8.606  3.048   1.00 8.11  ? 30  CYS A O   1 
ATOM   237  C  CB  . CYS A 1 30  ? 2.054   -10.693 1.111   1.00 8.75  ? 30  CYS A CB  1 
ATOM   238  S  SG  . CYS A 1 30  ? 2.582   -11.225 2.770   1.00 11.28 ? 30  CYS A SG  1 
ATOM   239  N  N   . ALA A 1 31  ? 1.461   -7.631  1.393   1.00 7.87  ? 31  ALA A N   1 
ATOM   240  C  CA  . ALA A 1 31  ? 1.595   -6.371  2.116   1.00 7.91  ? 31  ALA A CA  1 
ATOM   241  C  C   . ALA A 1 31  ? 0.219   -5.775  2.408   1.00 7.90  ? 31  ALA A C   1 
ATOM   242  O  O   . ALA A 1 31  ? -0.048  -5.330  3.523   1.00 8.18  ? 31  ALA A O   1 
ATOM   243  C  CB  . ALA A 1 31  ? 2.425   -5.393  1.309   1.00 7.72  ? 31  ALA A CB  1 
ATOM   244  N  N   . ALA A 1 32  ? -0.652  -5.765  1.405   1.00 7.93  ? 32  ALA A N   1 
ATOM   245  C  CA  . ALA A 1 32  ? -1.990  -5.212  1.577   1.00 7.85  ? 32  ALA A CA  1 
ATOM   246  C  C   . ALA A 1 32  ? -2.785  -5.989  2.619   1.00 7.87  ? 32  ALA A C   1 
ATOM   247  O  O   . ALA A 1 32  ? -3.550  -5.410  3.391   1.00 7.98  ? 32  ALA A O   1 
ATOM   248  C  CB  . ALA A 1 32  ? -2.731  -5.213  0.248   1.00 8.04  ? 32  ALA A CB  1 
ATOM   249  N  N   . LYS A 1 33  ? -2.608  -7.305  2.637   1.00 7.87  ? 33  LYS A N   1 
ATOM   250  C  CA  . LYS A 1 33  ? -3.320  -8.143  3.589   1.00 7.94  ? 33  LYS A CA  1 
ATOM   251  C  C   . LYS A 1 33  ? -3.027  -7.725  5.025   1.00 8.02  ? 33  LYS A C   1 
ATOM   252  O  O   . LYS A 1 33  ? -3.940  -7.497  5.818   1.00 8.04  ? 33  LYS A O   1 
ATOM   253  C  CB  . LYS A 1 33  ? -2.926  -9.613  3.401   1.00 8.31  ? 33  LYS A CB  1 
ATOM   254  C  CG  . LYS A 1 33  ? -3.474  -10.552 4.471   1.00 10.45 ? 33  LYS A CG  1 
ATOM   255  C  CD  . LYS A 1 33  ? -4.986  -10.653 4.413   1.00 10.60 ? 33  LYS A CD  1 
ATOM   256  C  CE  . LYS A 1 33  ? -5.503  -11.639 5.448   1.00 12.72 ? 33  LYS A CE  1 
ATOM   257  N  NZ  . LYS A 1 33  ? -6.986  -11.767 5.382   1.00 14.55 ? 33  LYS A NZ  1 
ATOM   258  N  N   . PHE A 1 34  ? -1.748  -7.608  5.356   1.00 8.15  ? 34  PHE A N   1 
ATOM   259  C  CA  . PHE A 1 34  ? -1.373  -7.255  6.713   1.00 8.30  ? 34  PHE A CA  1 
ATOM   260  C  C   . PHE A 1 34  ? -1.442  -5.774  7.047   1.00 8.49  ? 34  PHE A C   1 
ATOM   261  O  O   . PHE A 1 34  ? -1.521  -5.402  8.218   1.00 8.70  ? 34  PHE A O   1 
ATOM   262  C  CB  . PHE A 1 34  ? 0.004   -7.840  7.020   1.00 8.27  ? 34  PHE A CB  1 
ATOM   263  C  CG  . PHE A 1 34  ? 0.030   -9.338  6.949   1.00 9.71  ? 34  PHE A CG  1 
ATOM   264  C  CD1 . PHE A 1 34  ? -0.876  -10.092 7.695   1.00 10.39 ? 34  PHE A CD1 1 
ATOM   265  C  CD2 . PHE A 1 34  ? 0.925   -9.998  6.113   1.00 11.18 ? 34  PHE A CD2 1 
ATOM   266  C  CE1 . PHE A 1 34  ? -0.891  -11.481 7.603   1.00 12.31 ? 34  PHE A CE1 1 
ATOM   267  C  CE2 . PHE A 1 34  ? 0.917   -11.388 6.016   1.00 13.24 ? 34  PHE A CE2 1 
ATOM   268  C  CZ  . PHE A 1 34  ? 0.006   -12.132 6.764   1.00 12.22 ? 34  PHE A CZ  1 
ATOM   269  N  N   . GLU A 1 35  ? -1.426  -4.926  6.027   1.00 8.52  ? 35  GLU A N   1 
ATOM   270  C  CA  . GLU A 1 35  ? -1.525  -3.494  6.274   1.00 8.57  ? 35  GLU A CA  1 
ATOM   271  C  C   . GLU A 1 35  ? -2.978  -3.076  6.492   1.00 8.79  ? 35  GLU A C   1 
ATOM   272  O  O   . GLU A 1 35  ? -3.280  -2.314  7.408   1.00 8.80  ? 35  GLU A O   1 
ATOM   273  C  CB  . GLU A 1 35  ? -0.966  -2.691  5.094   1.00 8.40  ? 35  GLU A CB  1 
ATOM   274  C  CG  . GLU A 1 35  ? 0.540   -2.777  4.910   1.00 8.10  ? 35  GLU A CG  1 
ATOM   275  C  CD  . GLU A 1 35  ? 1.320   -2.075  6.002   1.00 8.52  ? 35  GLU A CD  1 
ATOM   276  O  OE1 . GLU A 1 35  ? 0.704   -1.523  6.939   1.00 8.98  ? 35  GLU A OE1 1 
ATOM   277  O  OE2 . GLU A 1 35  ? 2.563   -2.081  5.920   1.00 9.68  ? 35  GLU A OE2 1 
ATOM   278  N  N   . SER A 1 36  ? -3.881  -3.610  5.674   1.00 8.71  ? 36  SER A N   1 
ATOM   279  C  CA  . SER A 1 36  ? -5.286  -3.206  5.726   1.00 8.89  ? 36  SER A CA  1 
ATOM   280  C  C   . SER A 1 36  ? -6.339  -4.304  5.663   1.00 8.95  ? 36  SER A C   1 
ATOM   281  O  O   . SER A 1 36  ? -7.538  -4.010  5.729   1.00 9.14  ? 36  SER A O   1 
ATOM   282  C  CB  . SER A 1 36  ? -5.556  -2.281  4.550   1.00 8.60  ? 36  SER A CB  1 
ATOM   283  O  OG  . SER A 1 36  ? -5.485  -3.037  3.347   1.00 8.61  ? 36  SER A OG  1 
ATOM   284  N  N   . ASN A 1 37  ? -5.909  -5.550  5.515   1.00 9.05  ? 37  ASN A N   1 
ATOM   285  C  CA  . ASN A 1 37  ? -6.833  -6.670  5.374   1.00 9.05  ? 37  ASN A CA  1 
ATOM   286  C  C   . ASN A 1 37  ? -7.708  -6.431  4.141   1.00 9.00  ? 37  ASN A C   1 
ATOM   287  O  O   . ASN A 1 37  ? -8.879  -6.821  4.104   1.00 9.06  ? 37  ASN A O   1 
ATOM   288  C  CB  . ASN A 1 37  ? -7.706  -6.862  6.626   1.00 10.08 ? 37  ASN A CB  1 
ATOM   289  C  CG  . ASN A 1 37  ? -8.360  -8.233  6.666   1.00 12.05 ? 37  ASN A CG  1 
ATOM   290  O  OD1 . ASN A 1 37  ? -7.858  -9.187  6.067   1.00 13.08 ? 37  ASN A OD1 1 
ATOM   291  N  ND2 . ASN A 1 37  ? -9.468  -8.346  7.388   1.00 16.39 ? 37  ASN A ND2 1 
ATOM   292  N  N   . PHE A 1 38  ? -7.120  -5.769  3.143   1.00 8.89  ? 38  PHE A N   1 
ATOM   293  C  CA  . PHE A 1 38  ? -7.772  -5.474  1.864   1.00 8.73  ? 38  PHE A CA  1 
ATOM   294  C  C   . PHE A 1 38  ? -8.875  -4.409  1.904   1.00 8.69  ? 38  PHE A C   1 
ATOM   295  O  O   . PHE A 1 38  ? -9.667  -4.296  0.964   1.00 8.72  ? 38  PHE A O   1 
ATOM   296  C  CB  . PHE A 1 38  ? -8.351  -6.764  1.265   1.00 8.33  ? 38  PHE A CB  1 
ATOM   297  C  CG  . PHE A 1 38  ? -7.339  -7.869  1.069   1.00 8.54  ? 38  PHE A CG  1 
ATOM   298  C  CD1 . PHE A 1 38  ? -7.741  -9.200  1.127   1.00 9.91  ? 38  PHE A CD1 1 
ATOM   299  C  CD2 . PHE A 1 38  ? -6.003  -7.589  0.801   1.00 8.42  ? 38  PHE A CD2 1 
ATOM   300  C  CE1 . PHE A 1 38  ? -6.830  -10.233 0.920   1.00 9.20  ? 38  PHE A CE1 1 
ATOM   301  C  CE2 . PHE A 1 38  ? -5.082  -8.618  0.591   1.00 8.15  ? 38  PHE A CE2 1 
ATOM   302  C  CZ  . PHE A 1 38  ? -5.499  -9.943  0.651   1.00 8.93  ? 38  PHE A CZ  1 
ATOM   303  N  N   . ASN A 1 39  ? -8.912  -3.625  2.977   1.00 8.60  ? 39  ASN A N   1 
ATOM   304  C  CA  . ASN A 1 39  ? -9.916  -2.576  3.157   1.00 8.60  ? 39  ASN A CA  1 
ATOM   305  C  C   . ASN A 1 39  ? -9.374  -1.202  2.744   1.00 8.59  ? 39  ASN A C   1 
ATOM   306  O  O   . ASN A 1 39  ? -8.461  -0.678  3.380   1.00 8.69  ? 39  ASN A O   1 
ATOM   307  C  CB  . ASN A 1 39  ? -10.335 -2.547  4.630   1.00 8.81  ? 39  ASN A CB  1 
ATOM   308  C  CG  . ASN A 1 39  ? -11.527 -1.649  4.890   1.00 8.78  ? 39  ASN A CG  1 
ATOM   309  O  OD1 . ASN A 1 39  ? -11.923 -0.848  4.045   1.00 8.01  ? 39  ASN A OD1 1 
ATOM   310  N  ND2 . ASN A 1 39  ? -12.097 -1.768  6.084   1.00 12.63 ? 39  ASN A ND2 1 
ATOM   311  N  N   . THR A 1 40  ? -9.939  -0.611  1.693   1.00 8.60  ? 40  THR A N   1 
ATOM   312  C  CA  . THR A 1 40  ? -9.472  0.699   1.237   1.00 8.64  ? 40  THR A CA  1 
ATOM   313  C  C   . THR A 1 40  ? -9.704  1.802   2.266   1.00 8.71  ? 40  THR A C   1 
ATOM   314  O  O   . THR A 1 40  ? -9.006  2.811   2.247   1.00 8.76  ? 40  THR A O   1 
ATOM   315  C  CB  . THR A 1 40  ? -10.150 1.160   -0.081  1.00 8.78  ? 40  THR A CB  1 
ATOM   316  O  OG1 . THR A 1 40  ? -11.533 1.443   0.157   1.00 9.22  ? 40  THR A OG1 1 
ATOM   317  C  CG2 . THR A 1 40  ? -10.027 0.102   -1.161  1.00 9.26  ? 40  THR A CG2 1 
ATOM   318  N  N   . GLN A 1 41  ? -10.670 1.610   3.162   1.00 8.76  ? 41  GLN A N   1 
ATOM   319  C  CA  . GLN A 1 41  ? -10.973 2.626   4.166   1.00 9.01  ? 41  GLN A CA  1 
ATOM   320  C  C   . GLN A 1 41  ? -10.172 2.525   5.455   1.00 9.14  ? 41  GLN A C   1 
ATOM   321  O  O   . GLN A 1 41  ? -10.412 3.274   6.402   1.00 9.34  ? 41  GLN A O   1 
ATOM   322  C  CB  . GLN A 1 41  ? -12.468 2.610   4.498   1.00 7.95  ? 41  GLN A CB  1 
ATOM   323  C  CG  . GLN A 1 41  ? -13.354 2.891   3.299   1.00 8.64  ? 41  GLN A CG  1 
ATOM   324  C  CD  . GLN A 1 41  ? -14.756 3.288   3.698   1.00 9.45  ? 41  GLN A CD  1 
ATOM   325  O  OE1 . GLN A 1 41  ? -14.997 4.417   4.125   1.00 10.77 ? 41  GLN A OE1 1 
ATOM   326  N  NE2 . GLN A 1 41  ? -15.690 2.355   3.574   1.00 9.72  ? 41  GLN A NE2 1 
ATOM   327  N  N   . ALA A 1 42  ? -9.208  1.617   5.493   1.00 9.19  ? 42  ALA A N   1 
ATOM   328  C  CA  . ALA A 1 42  ? -8.392  1.448   6.688   1.00 9.43  ? 42  ALA A CA  1 
ATOM   329  C  C   . ALA A 1 42  ? -7.555  2.685   7.015   1.00 9.68  ? 42  ALA A C   1 
ATOM   330  O  O   . ALA A 1 42  ? -6.969  3.309   6.127   1.00 9.59  ? 42  ALA A O   1 
ATOM   331  C  CB  . ALA A 1 42  ? -7.473  0.243   6.523   1.00 9.11  ? 42  ALA A CB  1 
ATOM   332  N  N   . THR A 1 43  ? -7.518  3.037   8.297   1.00 10.00 ? 43  THR A N   1 
ATOM   333  C  CA  . THR A 1 43  ? -6.718  4.166   8.770   1.00 10.49 ? 43  THR A CA  1 
ATOM   334  C  C   . THR A 1 43  ? -6.122  3.772   10.109  1.00 10.97 ? 43  THR A C   1 
ATOM   335  O  O   . THR A 1 43  ? -6.674  2.939   10.829  1.00 11.06 ? 43  THR A O   1 
ATOM   336  C  CB  . THR A 1 43  ? -7.549  5.453   8.997   1.00 10.33 ? 43  THR A CB  1 
ATOM   337  O  OG1 . THR A 1 43  ? -8.548  5.207   9.995   1.00 12.30 ? 43  THR A OG1 1 
ATOM   338  C  CG2 . THR A 1 43  ? -8.193  5.913   7.703   1.00 9.78  ? 43  THR A CG2 1 
ATOM   339  N  N   . ASN A 1 44  ? -4.983  4.366   10.438  1.00 11.29 ? 44  ASN A N   1 
ATOM   340  C  CA  . ASN A 1 44  ? -4.314  4.092   11.697  1.00 11.93 ? 44  ASN A CA  1 
ATOM   341  C  C   . ASN A 1 44  ? -3.444  5.272   12.090  1.00 12.36 ? 44  ASN A C   1 
ATOM   342  O  O   . ASN A 1 44  ? -2.682  5.803   11.284  1.00 12.24 ? 44  ASN A O   1 
ATOM   343  C  CB  . ASN A 1 44  ? -3.469  2.819   11.593  1.00 13.14 ? 44  ASN A CB  1 
ATOM   344  C  CG  . ASN A 1 44  ? -4.308  1.558   11.706  1.00 15.73 ? 44  ASN A CG  1 
ATOM   345  O  OD1 . ASN A 1 44  ? -4.867  1.261   12.766  1.00 18.81 ? 44  ASN A OD1 1 
ATOM   346  N  ND2 . ASN A 1 44  ? -4.405  0.809   10.614  1.00 18.04 ? 44  ASN A ND2 1 
ATOM   347  N  N   . ARG A 1 45  ? -3.573  5.676   13.346  1.00 13.00 ? 45  ARG A N   1 
ATOM   348  C  CA  . ARG A 1 45  ? -2.826  6.801   13.886  1.00 13.78 ? 45  ARG A CA  1 
ATOM   349  C  C   . ARG A 1 45  ? -1.469  6.335   14.406  1.00 14.41 ? 45  ARG A C   1 
ATOM   350  O  O   . ARG A 1 45  ? -1.393  5.383   15.181  1.00 14.55 ? 45  ARG A O   1 
ATOM   351  C  CB  . ARG A 1 45  ? -3.651  7.439   15.010  1.00 14.20 ? 45  ARG A CB  1 
ATOM   352  C  CG  . ARG A 1 45  ? -3.024  8.639   15.700  1.00 15.90 ? 45  ARG A CG  1 
ATOM   353  C  CD  . ARG A 1 45  ? -2.612  9.712   14.712  1.00 17.06 ? 45  ARG A CD  1 
ATOM   354  N  NE  . ARG A 1 45  ? -3.632  10.004  13.707  1.00 18.23 ? 45  ARG A NE  1 
ATOM   355  C  CZ  . ARG A 1 45  ? -4.840  10.498  13.961  1.00 18.51 ? 45  ARG A CZ  1 
ATOM   356  N  NH1 . ARG A 1 45  ? -5.212  10.765  15.207  1.00 18.41 ? 45  ARG A NH1 1 
ATOM   357  N  NH2 . ARG A 1 45  ? -5.673  10.746  12.959  1.00 17.97 ? 45  ARG A NH2 1 
ATOM   358  N  N   . ASN A 1 46  ? -0.401  6.996   13.966  1.00 14.97 ? 46  ASN A N   1 
ATOM   359  C  CA  . ASN A 1 46  ? 0.946   6.645   14.404  1.00 15.84 ? 46  ASN A CA  1 
ATOM   360  C  C   . ASN A 1 46  ? 1.307   7.433   15.658  1.00 16.35 ? 46  ASN A C   1 
ATOM   361  O  O   . ASN A 1 46  ? 0.680   8.443   15.974  1.00 16.48 ? 46  ASN A O   1 
ATOM   362  C  CB  . ASN A 1 46  ? 1.967   6.946   13.304  1.00 15.92 ? 46  ASN A CB  1 
ATOM   363  C  CG  . ASN A 1 46  ? 1.699   6.167   12.029  1.00 16.12 ? 46  ASN A CG  1 
ATOM   364  O  OD1 . ASN A 1 46  ? 1.514   4.953   12.061  1.00 18.91 ? 46  ASN A OD1 1 
ATOM   365  N  ND2 . ASN A 1 46  ? 1.678   6.865   10.900  1.00 17.25 ? 46  ASN A ND2 1 
ATOM   366  N  N   A THR A 1 47  ? 2.324   6.964   16.373  0.50 16.53 ? 47  THR A N   1 
ATOM   367  N  N   B THR A 1 47  ? 2.334   6.977   16.369  0.50 16.53 ? 47  THR A N   1 
ATOM   368  C  CA  A THR A 1 47  ? 2.760   7.611   17.604  0.50 16.72 ? 47  THR A CA  1 
ATOM   369  C  CA  B THR A 1 47  ? 2.759   7.604   17.617  0.50 16.72 ? 47  THR A CA  1 
ATOM   370  C  C   A THR A 1 47  ? 3.193   9.059   17.404  0.50 16.64 ? 47  THR A C   1 
ATOM   371  C  C   B THR A 1 47  ? 3.185   9.053   17.405  0.50 16.64 ? 47  THR A C   1 
ATOM   372  O  O   A THR A 1 47  ? 2.953   9.902   18.272  0.50 16.75 ? 47  THR A O   1 
ATOM   373  O  O   B THR A 1 47  ? 2.951   9.905   18.266  0.50 16.76 ? 47  THR A O   1 
ATOM   374  C  CB  A THR A 1 47  ? 3.931   6.835   18.251  0.50 18.17 ? 47  THR A CB  1 
ATOM   375  C  CB  B THR A 1 47  ? 3.932   6.835   18.253  0.50 18.17 ? 47  THR A CB  1 
ATOM   376  O  OG1 A THR A 1 47  ? 5.031   6.775   17.337  0.50 20.11 ? 47  THR A OG1 1 
ATOM   377  O  OG1 B THR A 1 47  ? 3.504   5.512   18.592  0.50 20.29 ? 47  THR A OG1 1 
ATOM   378  C  CG2 A THR A 1 47  ? 3.503   5.421   18.609  0.50 19.51 ? 47  THR A CG2 1 
ATOM   379  C  CG2 B THR A 1 47  ? 4.412   7.544   19.511  0.50 19.19 ? 47  THR A CG2 1 
ATOM   380  N  N   . ASP A 1 48  ? 3.813   9.353   16.263  1.00 16.48 ? 48  ASP A N   1 
ATOM   381  C  CA  . ASP A 1 48  ? 4.295   10.705  15.994  1.00 16.14 ? 48  ASP A CA  1 
ATOM   382  C  C   . ASP A 1 48  ? 3.211   11.688  15.565  1.00 15.65 ? 48  ASP A C   1 
ATOM   383  O  O   . ASP A 1 48  ? 3.497   12.857  15.319  1.00 15.94 ? 48  ASP A O   1 
ATOM   384  C  CB  . ASP A 1 48  ? 5.405   10.670  14.935  1.00 17.63 ? 48  ASP A CB  1 
ATOM   385  C  CG  . ASP A 1 48  ? 4.893   10.282  13.556  1.00 19.21 ? 48  ASP A CG  1 
ATOM   386  O  OD1 . ASP A 1 48  ? 5.688   10.346  12.594  1.00 21.39 ? 48  ASP A OD1 1 
ATOM   387  O  OD2 . ASP A 1 48  ? 3.706   9.920   13.430  1.00 20.26 ? 48  ASP A OD2 1 
ATOM   388  N  N   . GLY A 1 49  ? 1.971   11.219  15.470  1.00 15.03 ? 49  GLY A N   1 
ATOM   389  C  CA  . GLY A 1 49  ? 0.893   12.105  15.073  1.00 14.20 ? 49  GLY A CA  1 
ATOM   390  C  C   . GLY A 1 49  ? 0.453   11.948  13.631  1.00 13.50 ? 49  GLY A C   1 
ATOM   391  O  O   . GLY A 1 49  ? -0.610  12.438  13.240  1.00 13.53 ? 49  GLY A O   1 
ATOM   392  N  N   . SER A 1 50  ? 1.272   11.275  12.831  1.00 12.71 ? 50  SER A N   1 
ATOM   393  C  CA  . SER A 1 50  ? 0.937   11.053  11.433  1.00 11.76 ? 50  SER A CA  1 
ATOM   394  C  C   . SER A 1 50  ? -0.115  9.947   11.363  1.00 11.12 ? 50  SER A C   1 
ATOM   395  O  O   . SER A 1 50  ? -0.392  9.283   12.362  1.00 11.11 ? 50  SER A O   1 
ATOM   396  C  CB  . SER A 1 50  ? 2.182   10.647  10.639  1.00 11.49 ? 50  SER A CB  1 
ATOM   397  O  OG  . SER A 1 50  ? 2.719   9.424   11.111  1.00 11.66 ? 50  SER A OG  1 
ATOM   398  N  N   . THR A 1 51  ? -0.695  9.756   10.184  1.00 10.39 ? 51  THR A N   1 
ATOM   399  C  CA  . THR A 1 51  ? -1.722  8.739   9.994   1.00 9.75  ? 51  THR A CA  1 
ATOM   400  C  C   . THR A 1 51  ? -1.438  7.927   8.730   1.00 9.41  ? 51  THR A C   1 
ATOM   401  O  O   . THR A 1 51  ? -0.903  8.455   7.756   1.00 9.28  ? 51  THR A O   1 
ATOM   402  C  CB  . THR A 1 51  ? -3.121  9.396   9.872   1.00 9.13  ? 51  THR A CB  1 
ATOM   403  O  OG1 . THR A 1 51  ? -3.371  10.192  11.037  1.00 9.15  ? 51  THR A OG1 1 
ATOM   404  C  CG2 . THR A 1 51  ? -4.217  8.342   9.751   1.00 10.49 ? 51  THR A CG2 1 
ATOM   405  N  N   . ASP A 1 52  ? -1.793  6.642   8.768   1.00 9.10  ? 52  ASP A N   1 
ATOM   406  C  CA  . ASP A 1 52  ? -1.616  5.728   7.635   1.00 8.98  ? 52  ASP A CA  1 
ATOM   407  C  C   . ASP A 1 52  ? -2.979  5.557   6.971   1.00 8.73  ? 52  ASP A C   1 
ATOM   408  O  O   . ASP A 1 52  ? -3.982  5.368   7.655   1.00 8.72  ? 52  ASP A O   1 
ATOM   409  C  CB  . ASP A 1 52  ? -1.111  4.366   8.114   1.00 9.68  ? 52  ASP A CB  1 
ATOM   410  C  CG  . ASP A 1 52  ? 0.317   4.413   8.627   1.00 13.97 ? 52  ASP A CG  1 
ATOM   411  O  OD1 . ASP A 1 52  ? 0.734   3.439   9.287   1.00 18.16 ? 52  ASP A OD1 1 
ATOM   412  O  OD2 . ASP A 1 52  ? 1.025   5.408   8.367   1.00 14.52 ? 52  ASP A OD2 1 
ATOM   413  N  N   . TYR A 1 53  ? -3.007  5.584   5.642   1.00 8.66  ? 53  TYR A N   1 
ATOM   414  C  CA  . TYR A 1 53  ? -4.267  5.491   4.903   1.00 8.65  ? 53  TYR A CA  1 
ATOM   415  C  C   . TYR A 1 53  ? -4.317  4.462   3.781   1.00 8.74  ? 53  TYR A C   1 
ATOM   416  O  O   . TYR A 1 53  ? -3.347  4.285   3.057   1.00 8.88  ? 53  TYR A O   1 
ATOM   417  C  CB  . TYR A 1 53  ? -4.577  6.844   4.256   1.00 8.29  ? 53  TYR A CB  1 
ATOM   418  C  CG  . TYR A 1 53  ? -4.691  8.013   5.194   1.00 8.23  ? 53  TYR A CG  1 
ATOM   419  C  CD1 . TYR A 1 53  ? -5.936  8.437   5.656   1.00 9.10  ? 53  TYR A CD1 1 
ATOM   420  C  CD2 . TYR A 1 53  ? -3.558  8.716   5.602   1.00 8.23  ? 53  TYR A CD2 1 
ATOM   421  C  CE1 . TYR A 1 53  ? -6.053  9.537   6.498   1.00 7.61  ? 53  TYR A CE1 1 
ATOM   422  C  CE2 . TYR A 1 53  ? -3.660  9.817   6.448   1.00 8.05  ? 53  TYR A CE2 1 
ATOM   423  C  CZ  . TYR A 1 53  ? -4.913  10.221  6.890   1.00 9.59  ? 53  TYR A CZ  1 
ATOM   424  O  OH  . TYR A 1 53  ? -5.029  11.307  7.719   1.00 9.28  ? 53  TYR A OH  1 
ATOM   425  N  N   . GLY A 1 54  ? -5.469  3.810   3.634   1.00 8.85  ? 54  GLY A N   1 
ATOM   426  C  CA  . GLY A 1 54  ? -5.669  2.873   2.540   1.00 9.00  ? 54  GLY A CA  1 
ATOM   427  C  C   . GLY A 1 54  ? -5.179  1.446   2.624   1.00 9.17  ? 54  GLY A C   1 
ATOM   428  O  O   . GLY A 1 54  ? -4.684  0.995   3.653   1.00 9.05  ? 54  GLY A O   1 
ATOM   429  N  N   A ILE A 1 55  ? -5.300  0.751   1.501   0.78 9.26  ? 55  ILE A N   1 
ATOM   430  N  N   B ILE A 1 55  ? -5.329  0.735   1.507   0.22 9.21  ? 55  ILE A N   1 
ATOM   431  C  CA  A ILE A 1 55  ? -4.957  -0.658  1.475   0.78 9.40  ? 55  ILE A CA  1 
ATOM   432  C  CA  B ILE A 1 55  ? -4.934  -0.666  1.441   0.22 9.36  ? 55  ILE A CA  1 
ATOM   433  C  C   A ILE A 1 55  ? -3.474  -0.924  1.714   0.78 9.28  ? 55  ILE A C   1 
ATOM   434  C  C   B ILE A 1 55  ? -3.453  -0.925  1.730   0.22 9.26  ? 55  ILE A C   1 
ATOM   435  O  O   A ILE A 1 55  ? -3.095  -2.000  2.178   0.78 9.36  ? 55  ILE A O   1 
ATOM   436  O  O   B ILE A 1 55  ? -3.087  -2.014  2.181   0.22 9.19  ? 55  ILE A O   1 
ATOM   437  C  CB  A ILE A 1 55  ? -5.315  -1.267  0.128   0.78 11.69 ? 55  ILE A CB  1 
ATOM   438  C  CB  B ILE A 1 55  ? -5.294  -1.268  0.075   0.22 11.18 ? 55  ILE A CB  1 
ATOM   439  C  CG1 A ILE A 1 55  ? -4.827  -0.382  -0.974  0.78 13.62 ? 55  ILE A CG1 1 
ATOM   440  C  CG1 B ILE A 1 55  ? -5.322  -0.178  -0.991  0.22 13.74 ? 55  ILE A CG1 1 
ATOM   441  C  CG2 A ILE A 1 55  ? -6.801  -1.473  -0.002  0.78 13.16 ? 55  ILE A CG2 1 
ATOM   442  C  CG2 B ILE A 1 55  ? -6.650  -1.949  0.159   0.22 12.82 ? 55  ILE A CG2 1 
ATOM   443  C  CD1 A ILE A 1 55  ? -4.476  -1.220  -2.013  0.78 18.27 ? 55  ILE A CD1 1 
ATOM   444  C  CD1 B ILE A 1 55  ? -6.121  -0.581  -2.208  0.22 17.62 ? 55  ILE A CD1 1 
ATOM   445  N  N   . LEU A 1 56  ? -2.603  0.068   1.462   1.00 9.21  ? 56  LEU A N   1 
ATOM   446  C  CA  . LEU A 1 56  ? -1.181  -0.087  1.729   1.00 9.08  ? 56  LEU A CA  1 
ATOM   447  C  C   . LEU A 1 56  ? -0.700  0.822   2.868   1.00 9.16  ? 56  LEU A C   1 
ATOM   448  O  O   . LEU A 1 56  ? 0.500   1.011   3.076   1.00 9.17  ? 56  LEU A O   1 
ATOM   449  C  CB  . LEU A 1 56  ? -0.368  0.140   0.446   1.00 8.55  ? 56  LEU A CB  1 
ATOM   450  C  CG  . LEU A 1 56  ? -0.454  -1.018  -0.561  1.00 8.32  ? 56  LEU A CG  1 
ATOM   451  C  CD1 . LEU A 1 56  ? 0.199   -0.628  -1.883  1.00 10.21 ? 56  LEU A CD1 1 
ATOM   452  C  CD2 . LEU A 1 56  ? 0.225   -2.257  0.022   1.00 9.59  ? 56  LEU A CD2 1 
ATOM   453  N  N   . GLN A 1 57  ? -1.657  1.384   3.600   1.00 9.03  ? 57  GLN A N   1 
ATOM   454  C  CA  . GLN A 1 57  ? -1.364  2.229   4.753   1.00 9.18  ? 57  GLN A CA  1 
ATOM   455  C  C   . GLN A 1 57  ? -0.246  3.242   4.536   1.00 9.35  ? 57  GLN A C   1 
ATOM   456  O  O   . GLN A 1 57  ? 0.742   3.276   5.278   1.00 9.39  ? 57  GLN A O   1 
ATOM   457  C  CB  . GLN A 1 57  ? -1.044  1.330   5.952   1.00 8.64  ? 57  GLN A CB  1 
ATOM   458  C  CG  . GLN A 1 57  ? -2.252  0.554   6.453   1.00 7.95  ? 57  GLN A CG  1 
ATOM   459  C  CD  . GLN A 1 57  ? -3.240  1.458   7.160   1.00 9.24  ? 57  GLN A CD  1 
ATOM   460  O  OE1 . GLN A 1 57  ? -3.058  1.795   8.331   1.00 9.61  ? 57  GLN A OE1 1 
ATOM   461  N  NE2 . GLN A 1 57  ? -4.282  1.872   6.448   1.00 8.98  ? 57  GLN A NE2 1 
ATOM   462  N  N   . ILE A 1 58  ? -0.420  4.074   3.518   1.00 9.45  ? 58  ILE A N   1 
ATOM   463  C  CA  . ILE A 1 58  ? 0.550   5.099   3.180   1.00 9.75  ? 58  ILE A CA  1 
ATOM   464  C  C   . ILE A 1 58  ? 0.466   6.221   4.220   1.00 10.08 ? 58  ILE A C   1 
ATOM   465  O  O   . ILE A 1 58  ? -0.623  6.671   4.590   1.00 9.88  ? 58  ILE A O   1 
ATOM   466  C  CB  . ILE A 1 58  ? 0.290   5.579   1.738   1.00 9.46  ? 58  ILE A CB  1 
ATOM   467  C  CG1 . ILE A 1 58  ? 0.643   4.433   0.784   1.00 9.96  ? 58  ILE A CG1 1 
ATOM   468  C  CG2 . ILE A 1 58  ? 1.095   6.827   1.424   1.00 10.12 ? 58  ILE A CG2 1 
ATOM   469  C  CD1 . ILE A 1 58  ? 0.318   4.680   -0.669  1.00 11.82 ? 58  ILE A CD1 1 
ATOM   470  N  N   . ASN A 1 59  ? 1.631   6.650   4.699   1.00 10.38 ? 59  ASN A N   1 
ATOM   471  C  CA  . ASN A 1 59  ? 1.749   7.655   5.757   1.00 10.96 ? 59  ASN A CA  1 
ATOM   472  C  C   . ASN A 1 59  ? 1.709   9.122   5.339   1.00 11.09 ? 59  ASN A C   1 
ATOM   473  O  O   . ASN A 1 59  ? 2.258   9.509   4.310   1.00 11.32 ? 59  ASN A O   1 
ATOM   474  C  CB  . ASN A 1 59  ? 3.042   7.385   6.533   1.00 13.66 ? 59  ASN A CB  1 
ATOM   475  C  CG  . ASN A 1 59  ? 3.070   8.061   7.886   1.00 18.60 ? 59  ASN A CG  1 
ATOM   476  O  OD1 . ASN A 1 59  ? 2.906   9.275   7.993   1.00 23.82 ? 59  ASN A OD1 1 
ATOM   477  N  ND2 . ASN A 1 59  ? 3.281   7.273   8.934   1.00 23.88 ? 59  ASN A ND2 1 
ATOM   478  N  N   . SER A 1 60  ? 1.078   9.941   6.177   1.00 11.20 ? 60  SER A N   1 
ATOM   479  C  CA  . SER A 1 60  ? 0.947   11.371  5.926   1.00 11.43 ? 60  SER A CA  1 
ATOM   480  C  C   . SER A 1 60  ? 2.217   12.161  6.238   1.00 11.76 ? 60  SER A C   1 
ATOM   481  O  O   . SER A 1 60  ? 2.313   13.336  5.895   1.00 11.85 ? 60  SER A O   1 
ATOM   482  C  CB  . SER A 1 60  ? -0.212  11.944  6.746   1.00 10.88 ? 60  SER A CB  1 
ATOM   483  O  OG  . SER A 1 60  ? 0.021   11.791  8.135   1.00 10.27 ? 60  SER A OG  1 
ATOM   484  N  N   . ARG A 1 61  ? 3.181   11.520  6.890   1.00 12.00 ? 61  ARG A N   1 
ATOM   485  C  CA  . ARG A 1 61  ? 4.430   12.185  7.240   1.00 12.28 ? 61  ARG A CA  1 
ATOM   486  C  C   . ARG A 1 61  ? 5.194   12.607  5.991   1.00 12.21 ? 61  ARG A C   1 
ATOM   487  O  O   . ARG A 1 61  ? 5.852   13.648  5.977   1.00 12.23 ? 61  ARG A O   1 
ATOM   488  C  CB  . ARG A 1 61  ? 5.311   11.250  8.077   1.00 14.15 ? 61  ARG A CB  1 
ATOM   489  C  CG  . ARG A 1 61  ? 6.695   11.807  8.402   1.00 18.77 ? 61  ARG A CG  1 
ATOM   490  C  CD  . ARG A 1 61  ? 6.596   13.059  9.256   1.00 23.21 ? 61  ARG A CD  1 
ATOM   491  N  NE  . ARG A 1 61  ? 5.896   12.796  10.511  1.00 27.38 ? 61  ARG A NE  1 
ATOM   492  C  CZ  . ARG A 1 61  ? 5.580   13.734  11.398  1.00 28.64 ? 61  ARG A CZ  1 
ATOM   493  N  NH1 . ARG A 1 61  ? 5.901   15.000  11.166  1.00 30.26 ? 61  ARG A NH1 1 
ATOM   494  N  NH2 . ARG A 1 61  ? 4.938   13.405  12.510  1.00 29.01 ? 61  ARG A NH2 1 
ATOM   495  N  N   . TRP A 1 62  ? 5.096   11.805  4.936   1.00 12.09 ? 62  TRP A N   1 
ATOM   496  C  CA  . TRP A 1 62  ? 5.816   12.101  3.704   1.00 11.84 ? 62  TRP A CA  1 
ATOM   497  C  C   . TRP A 1 62  ? 5.041   12.085  2.401   1.00 11.51 ? 62  TRP A C   1 
ATOM   498  O  O   . TRP A 1 62  ? 5.319   12.872  1.496   1.00 11.54 ? 62  TRP A O   1 
ATOM   499  C  CB  . TRP A 1 62  ? 6.968   11.109  3.516   1.00 13.93 ? 62  TRP A CB  1 
ATOM   500  C  CG  . TRP A 1 62  ? 8.132   11.319  4.398   1.00 18.23 ? 62  TRP A CG  1 
ATOM   501  C  CD1 . TRP A 1 62  ? 8.432   10.639  5.541   1.00 21.38 ? 62  TRP A CD1 1 
ATOM   502  C  CD2 . TRP A 1 62  ? 9.173   12.281  4.213   1.00 20.45 ? 62  TRP A CD2 1 
ATOM   503  N  NE1 . TRP A 1 62  ? 9.601   11.118  6.079   1.00 22.44 ? 62  TRP A NE1 1 
ATOM   504  C  CE2 . TRP A 1 62  ? 10.078  12.127  5.282   1.00 22.30 ? 62  TRP A CE2 1 
ATOM   505  C  CE3 . TRP A 1 62  ? 9.431   13.261  3.244   1.00 22.15 ? 62  TRP A CE3 1 
ATOM   506  C  CZ2 . TRP A 1 62  ? 11.226  12.914  5.413   1.00 22.80 ? 62  TRP A CZ2 1 
ATOM   507  C  CZ3 . TRP A 1 62  ? 10.571  14.046  3.370   1.00 23.00 ? 62  TRP A CZ3 1 
ATOM   508  C  CH2 . TRP A 1 62  ? 11.456  13.866  4.450   1.00 23.26 ? 62  TRP A CH2 1 
ATOM   509  N  N   . TRP A 1 63  ? 4.056   11.201  2.307   1.00 11.19 ? 63  TRP A N   1 
ATOM   510  C  CA  . TRP A 1 63  ? 3.358   10.999  1.047   1.00 10.83 ? 63  TRP A CA  1 
ATOM   511  C  C   . TRP A 1 63  ? 2.049   11.670  0.676   1.00 10.58 ? 63  TRP A C   1 
ATOM   512  O  O   . TRP A 1 63  ? 1.775   11.838  -0.507  1.00 10.68 ? 63  TRP A O   1 
ATOM   513  C  CB  . TRP A 1 63  ? 3.226   9.491   0.842   1.00 10.22 ? 63  TRP A CB  1 
ATOM   514  C  CG  . TRP A 1 63  ? 4.494   8.783   1.211   1.00 10.18 ? 63  TRP A CG  1 
ATOM   515  C  CD1 . TRP A 1 63  ? 4.745   8.085   2.361   1.00 10.45 ? 63  TRP A CD1 1 
ATOM   516  C  CD2 . TRP A 1 63  ? 5.717   8.777   0.463   1.00 9.96  ? 63  TRP A CD2 1 
ATOM   517  N  NE1 . TRP A 1 63  ? 6.049   7.651   2.374   1.00 10.67 ? 63  TRP A NE1 1 
ATOM   518  C  CE2 . TRP A 1 63  ? 6.668   8.061   1.224   1.00 10.12 ? 63  TRP A CE2 1 
ATOM   519  C  CE3 . TRP A 1 63  ? 6.103   9.310   -0.773  1.00 10.79 ? 63  TRP A CE3 1 
ATOM   520  C  CZ2 . TRP A 1 63  ? 7.985   7.862   0.785   1.00 11.74 ? 63  TRP A CZ2 1 
ATOM   521  C  CZ3 . TRP A 1 63  ? 7.410   9.113   -1.208  1.00 11.41 ? 63  TRP A CZ3 1 
ATOM   522  C  CH2 . TRP A 1 63  ? 8.333   8.395   -0.429  1.00 11.51 ? 63  TRP A CH2 1 
ATOM   523  N  N   . CYS A 1 64  ? 1.235   12.039  1.653   1.00 10.30 ? 64  CYS A N   1 
ATOM   524  C  CA  . CYS A 1 64  ? -0.038  12.677  1.338   1.00 10.09 ? 64  CYS A CA  1 
ATOM   525  C  C   . CYS A 1 64  ? -0.357  13.780  2.334   1.00 9.90  ? 64  CYS A C   1 
ATOM   526  O  O   . CYS A 1 64  ? 0.233   13.841  3.408   1.00 9.91  ? 64  CYS A O   1 
ATOM   527  C  CB  . CYS A 1 64  ? -1.169  11.638  1.327   1.00 9.30  ? 64  CYS A CB  1 
ATOM   528  S  SG  . CYS A 1 64  ? -1.465  10.814  2.926   1.00 9.47  ? 64  CYS A SG  1 
ATOM   529  N  N   . ASN A 1 65  ? -1.289  14.654  1.973   1.00 9.94  ? 65  ASN A N   1 
ATOM   530  C  CA  . ASN A 1 65  ? -1.666  15.732  2.866   1.00 9.94  ? 65  ASN A CA  1 
ATOM   531  C  C   . ASN A 1 65  ? -2.995  15.483  3.562   1.00 9.94  ? 65  ASN A C   1 
ATOM   532  O  O   . ASN A 1 65  ? -4.003  15.206  2.909   1.00 9.98  ? 65  ASN A O   1 
ATOM   533  C  CB  . ASN A 1 65  ? -1.765  17.058  2.115   1.00 10.17 ? 65  ASN A CB  1 
ATOM   534  C  CG  . ASN A 1 65  ? -2.315  18.164  2.987   1.00 10.94 ? 65  ASN A CG  1 
ATOM   535  O  OD1 . ASN A 1 65  ? -3.344  18.768  2.677   1.00 15.95 ? 65  ASN A OD1 1 
ATOM   536  N  ND2 . ASN A 1 65  ? -1.638  18.425  4.097   1.00 10.25 ? 65  ASN A ND2 1 
ATOM   537  N  N   . ASP A 1 66  ? -2.993  15.577  4.888   1.00 9.98  ? 66  ASP A N   1 
ATOM   538  C  CA  . ASP A 1 66  ? -4.230  15.419  5.640   1.00 10.22 ? 66  ASP A CA  1 
ATOM   539  C  C   . ASP A 1 66  ? -4.490  16.643  6.513   1.00 10.50 ? 66  ASP A C   1 
ATOM   540  O  O   . ASP A 1 66  ? -5.454  16.681  7.277   1.00 10.60 ? 66  ASP A O   1 
ATOM   541  C  CB  . ASP A 1 66  ? -4.242  14.119  6.471   1.00 9.74  ? 66  ASP A CB  1 
ATOM   542  C  CG  . ASP A 1 66  ? -3.181  14.074  7.568   1.00 8.55  ? 66  ASP A CG  1 
ATOM   543  O  OD1 . ASP A 1 66  ? -2.495  15.084  7.829   1.00 9.89  ? 66  ASP A OD1 1 
ATOM   544  O  OD2 . ASP A 1 66  ? -3.053  12.995  8.187   1.00 9.11  ? 66  ASP A OD2 1 
ATOM   545  N  N   . GLY A 1 67  ? -3.626  17.648  6.369   1.00 10.71 ? 67  GLY A N   1 
ATOM   546  C  CA  . GLY A 1 67  ? -3.766  18.891  7.112   1.00 11.08 ? 67  GLY A CA  1 
ATOM   547  C  C   . GLY A 1 67  ? -3.547  18.835  8.612   1.00 11.48 ? 67  GLY A C   1 
ATOM   548  O  O   . GLY A 1 67  ? -3.713  19.852  9.296   1.00 11.57 ? 67  GLY A O   1 
ATOM   549  N  N   . ARG A 1 68  ? -3.173  17.671  9.135   1.00 11.74 ? 68  ARG A N   1 
ATOM   550  C  CA  . ARG A 1 68  ? -2.961  17.535  10.572  1.00 12.05 ? 68  ARG A CA  1 
ATOM   551  C  C   . ARG A 1 68  ? -1.679  16.801  10.952  1.00 12.27 ? 68  ARG A C   1 
ATOM   552  O  O   . ARG A 1 68  ? -1.624  16.143  11.990  1.00 12.42 ? 68  ARG A O   1 
ATOM   553  C  CB  . ARG A 1 68  ? -4.157  16.827  11.219  1.00 12.57 ? 68  ARG A CB  1 
ATOM   554  C  CG  . ARG A 1 68  ? -4.481  15.453  10.637  1.00 13.26 ? 68  ARG A CG  1 
ATOM   555  C  CD  . ARG A 1 68  ? -5.073  14.540  11.702  1.00 15.67 ? 68  ARG A CD  1 
ATOM   556  N  NE  . ARG A 1 68  ? -4.039  14.066  12.617  1.00 18.35 ? 68  ARG A NE  1 
ATOM   557  C  CZ  . ARG A 1 68  ? -4.230  13.827  13.911  1.00 18.48 ? 68  ARG A CZ  1 
ATOM   558  N  NH1 . ARG A 1 68  ? -5.423  14.016  14.460  1.00 19.79 ? 68  ARG A NH1 1 
ATOM   559  N  NH2 . ARG A 1 68  ? -3.221  13.403  14.664  1.00 17.41 ? 68  ARG A NH2 1 
ATOM   560  N  N   . THR A 1 69  ? -0.655  16.909  10.115  1.00 12.36 ? 69  THR A N   1 
ATOM   561  C  CA  . THR A 1 69  ? 0.618   16.260  10.396  1.00 12.73 ? 69  THR A CA  1 
ATOM   562  C  C   . THR A 1 69  ? 1.724   17.301  10.271  1.00 13.17 ? 69  THR A C   1 
ATOM   563  O  O   . THR A 1 69  ? 2.372   17.418  9.232   1.00 13.38 ? 69  THR A O   1 
ATOM   564  C  CB  . THR A 1 69  ? 0.879   15.107  9.409   1.00 11.95 ? 69  THR A CB  1 
ATOM   565  O  OG1 . THR A 1 69  ? -0.260  14.238  9.384   1.00 10.47 ? 69  THR A OG1 1 
ATOM   566  C  CG2 . THR A 1 69  ? 2.100   14.307  9.840   1.00 11.19 ? 69  THR A CG2 1 
ATOM   567  N  N   . PRO A 1 70  ? 1.953   18.073  11.343  1.00 13.66 ? 70  PRO A N   1 
ATOM   568  C  CA  . PRO A 1 70  ? 2.975   19.124  11.386  1.00 14.07 ? 70  PRO A CA  1 
ATOM   569  C  C   . PRO A 1 70  ? 4.353   18.753  10.849  1.00 14.46 ? 70  PRO A C   1 
ATOM   570  O  O   . PRO A 1 70  ? 4.915   17.715  11.205  1.00 14.67 ? 70  PRO A O   1 
ATOM   571  C  CB  . PRO A 1 70  ? 3.011   19.498  12.865  1.00 14.19 ? 70  PRO A CB  1 
ATOM   572  C  CG  . PRO A 1 70  ? 1.582   19.326  13.268  1.00 14.61 ? 70  PRO A CG  1 
ATOM   573  C  CD  . PRO A 1 70  ? 1.238   17.999  12.629  1.00 13.72 ? 70  PRO A CD  1 
ATOM   574  N  N   . GLY A 1 71  ? 4.879   19.618  9.984   1.00 14.62 ? 71  GLY A N   1 
ATOM   575  C  CA  . GLY A 1 71  ? 6.196   19.414  9.406   1.00 14.92 ? 71  GLY A CA  1 
ATOM   576  C  C   . GLY A 1 71  ? 6.297   18.297  8.388   1.00 15.09 ? 71  GLY A C   1 
ATOM   577  O  O   . GLY A 1 71  ? 7.398   17.910  7.999   1.00 15.38 ? 71  GLY A O   1 
ATOM   578  N  N   . SER A 1 72  ? 5.155   17.781  7.947   1.00 15.16 ? 72  SER A N   1 
ATOM   579  C  CA  . SER A 1 72  ? 5.142   16.694  6.978   1.00 15.07 ? 72  SER A CA  1 
ATOM   580  C  C   . SER A 1 72  ? 5.253   17.183  5.543   1.00 15.02 ? 72  SER A C   1 
ATOM   581  O  O   . SER A 1 72  ? 5.304   18.385  5.275   1.00 15.23 ? 72  SER A O   1 
ATOM   582  C  CB  . SER A 1 72  ? 3.859   15.870  7.125   1.00 15.02 ? 72  SER A CB  1 
ATOM   583  O  OG  . SER A 1 72  ? 2.729   16.610  6.694   1.00 14.26 ? 72  SER A OG  1 
ATOM   584  N  N   . ARG A 1 73  ? 5.297   16.228  4.623   1.00 14.78 ? 73  ARG A N   1 
ATOM   585  C  CA  . ARG A 1 73  ? 5.378   16.519  3.201   1.00 14.49 ? 73  ARG A CA  1 
ATOM   586  C  C   . ARG A 1 73  ? 4.216   15.809  2.513   1.00 14.30 ? 73  ARG A C   1 
ATOM   587  O  O   . ARG A 1 73  ? 3.479   15.047  3.144   1.00 14.35 ? 73  ARG A O   1 
ATOM   588  C  CB  . ARG A 1 73  ? 6.709   16.025  2.626   1.00 14.63 ? 73  ARG A CB  1 
ATOM   589  C  CG  . ARG A 1 73  ? 7.928   16.756  3.179   1.00 15.33 ? 73  ARG A CG  1 
ATOM   590  C  CD  . ARG A 1 73  ? 7.949   18.218  2.749   1.00 17.25 ? 73  ARG A CD  1 
ATOM   591  N  NE  . ARG A 1 73  ? 8.309   18.368  1.342   1.00 17.62 ? 73  ARG A NE  1 
ATOM   592  C  CZ  . ARG A 1 73  ? 9.551   18.281  0.873   1.00 18.43 ? 73  ARG A CZ  1 
ATOM   593  N  NH1 . ARG A 1 73  ? 10.561  18.050  1.702   1.00 18.75 ? 73  ARG A NH1 1 
ATOM   594  N  NH2 . ARG A 1 73  ? 9.784   18.419  -0.424  1.00 19.28 ? 73  ARG A NH2 1 
ATOM   595  N  N   . ASN A 1 74  ? 4.059   16.080  1.225   1.00 14.03 ? 74  ASN A N   1 
ATOM   596  C  CA  . ASN A 1 74  ? 3.006   15.492  0.410   1.00 13.75 ? 74  ASN A CA  1 
ATOM   597  C  C   . ASN A 1 74  ? 3.648   15.162  -0.932  1.00 13.69 ? 74  ASN A C   1 
ATOM   598  O  O   . ASN A 1 74  ? 3.286   15.719  -1.964  1.00 13.70 ? 74  ASN A O   1 
ATOM   599  C  CB  . ASN A 1 74  ? 1.869   16.506  0.235   1.00 12.84 ? 74  ASN A CB  1 
ATOM   600  C  CG  . ASN A 1 74  ? 0.756   15.995  -0.656  1.00 12.65 ? 74  ASN A CG  1 
ATOM   601  O  OD1 . ASN A 1 74  ? 0.650   14.798  -0.916  1.00 12.75 ? 74  ASN A OD1 1 
ATOM   602  N  ND2 . ASN A 1 74  ? -0.094  16.907  -1.118  1.00 12.52 ? 74  ASN A ND2 1 
ATOM   603  N  N   . LEU A 1 75  ? 4.609   14.246  -0.903  1.00 13.62 ? 75  LEU A N   1 
ATOM   604  C  CA  . LEU A 1 75  ? 5.345   13.858  -2.098  1.00 13.59 ? 75  LEU A CA  1 
ATOM   605  C  C   . LEU A 1 75  ? 4.518   13.238  -3.219  1.00 13.55 ? 75  LEU A C   1 
ATOM   606  O  O   . LEU A 1 75  ? 4.899   13.314  -4.387  1.00 13.71 ? 75  LEU A O   1 
ATOM   607  C  CB  . LEU A 1 75  ? 6.501   12.930  -1.710  1.00 14.22 ? 75  LEU A CB  1 
ATOM   608  C  CG  . LEU A 1 75  ? 7.514   13.583  -0.758  1.00 14.71 ? 75  LEU A CG  1 
ATOM   609  C  CD1 . LEU A 1 75  ? 8.607   12.594  -0.407  1.00 16.14 ? 75  LEU A CD1 1 
ATOM   610  C  CD2 . LEU A 1 75  ? 8.102   14.831  -1.411  1.00 16.95 ? 75  LEU A CD2 1 
ATOM   611  N  N   . CYS A 1 76  ? 3.392   12.624  -2.875  1.00 13.44 ? 76  CYS A N   1 
ATOM   612  C  CA  . CYS A 1 76  ? 2.544   12.025  -3.898  1.00 13.41 ? 76  CYS A CA  1 
ATOM   613  C  C   . CYS A 1 76  ? 1.546   13.049  -4.434  1.00 13.44 ? 76  CYS A C   1 
ATOM   614  O  O   . CYS A 1 76  ? 0.761   12.758  -5.338  1.00 13.55 ? 76  CYS A O   1 
ATOM   615  C  CB  . CYS A 1 76  ? 1.818   10.798  -3.337  1.00 12.97 ? 76  CYS A CB  1 
ATOM   616  S  SG  . CYS A 1 76  ? 2.939   9.375   -3.124  1.00 12.63 ? 76  CYS A SG  1 
ATOM   617  N  N   . ASN A 1 77  ? 1.595   14.251  -3.867  1.00 13.48 ? 77  ASN A N   1 
ATOM   618  C  CA  . ASN A 1 77  ? 0.734   15.362  -4.259  1.00 13.40 ? 77  ASN A CA  1 
ATOM   619  C  C   . ASN A 1 77  ? -0.741  14.984  -4.313  1.00 13.17 ? 77  ASN A C   1 
ATOM   620  O  O   . ASN A 1 77  ? -1.412  15.172  -5.330  1.00 13.28 ? 77  ASN A O   1 
ATOM   621  C  CB  . ASN A 1 77  ? 1.191   15.912  -5.614  1.00 16.13 ? 77  ASN A CB  1 
ATOM   622  C  CG  . ASN A 1 77  ? 0.572   17.258  -5.930  1.00 19.99 ? 77  ASN A CG  1 
ATOM   623  O  OD1 . ASN A 1 77  ? 0.567   18.163  -5.091  1.00 22.77 ? 77  ASN A OD1 1 
ATOM   624  N  ND2 . ASN A 1 77  ? 0.064   17.407  -7.147  1.00 22.72 ? 77  ASN A ND2 1 
ATOM   625  N  N   . ILE A 1 78  ? -1.247  14.464  -3.202  1.00 12.82 ? 78  ILE A N   1 
ATOM   626  C  CA  . ILE A 1 78  ? -2.642  14.052  -3.124  1.00 12.43 ? 78  ILE A CA  1 
ATOM   627  C  C   . ILE A 1 78  ? -3.183  14.174  -1.708  1.00 12.09 ? 78  ILE A C   1 
ATOM   628  O  O   . ILE A 1 78  ? -2.428  14.126  -0.735  1.00 12.04 ? 78  ILE A O   1 
ATOM   629  C  CB  . ILE A 1 78  ? -2.822  12.569  -3.515  1.00 13.21 ? 78  ILE A CB  1 
ATOM   630  C  CG1 . ILE A 1 78  ? -1.904  11.704  -2.647  1.00 13.43 ? 78  ILE A CG1 1 
ATOM   631  C  CG2 . ILE A 1 78  ? -2.546  12.372  -4.996  1.00 15.40 ? 78  ILE A CG2 1 
ATOM   632  C  CD1 . ILE A 1 78  ? -2.116  10.209  -2.799  1.00 15.58 ? 78  ILE A CD1 1 
ATOM   633  N  N   . PRO A 1 79  ? -4.501  14.362  -1.576  1.00 11.73 ? 79  PRO A N   1 
ATOM   634  C  CA  . PRO A 1 79  ? -5.076  14.461  -0.235  1.00 11.31 ? 79  PRO A CA  1 
ATOM   635  C  C   . PRO A 1 79  ? -5.083  13.016  0.263   1.00 10.99 ? 79  PRO A C   1 
ATOM   636  O  O   . PRO A 1 79  ? -5.314  12.093  -0.520  1.00 10.89 ? 79  PRO A O   1 
ATOM   637  C  CB  . PRO A 1 79  ? -6.475  15.008  -0.501  1.00 10.45 ? 79  PRO A CB  1 
ATOM   638  C  CG  . PRO A 1 79  ? -6.795  14.475  -1.865  1.00 11.75 ? 79  PRO A CG  1 
ATOM   639  C  CD  . PRO A 1 79  ? -5.502  14.663  -2.614  1.00 11.67 ? 79  PRO A CD  1 
ATOM   640  N  N   . CYS A 1 80  ? -4.813  12.799  1.543   1.00 10.64 ? 80  CYS A N   1 
ATOM   641  C  CA  . CYS A 1 80  ? -4.790  11.433  2.051   1.00 10.33 ? 80  CYS A CA  1 
ATOM   642  C  C   . CYS A 1 80  ? -6.114  10.704  1.851   1.00 10.33 ? 80  CYS A C   1 
ATOM   643  O  O   . CYS A 1 80  ? -6.143  9.483   1.729   1.00 10.17 ? 80  CYS A O   1 
ATOM   644  C  CB  . CYS A 1 80  ? -4.400  11.418  3.529   1.00 9.63  ? 80  CYS A CB  1 
ATOM   645  S  SG  . CYS A 1 80  ? -2.739  12.068  3.897   1.00 9.45  ? 80  CYS A SG  1 
ATOM   646  N  N   . SER A 1 81  ? -7.210  11.452  1.823   1.00 10.21 ? 81  SER A N   1 
ATOM   647  C  CA  . SER A 1 81  ? -8.524  10.851  1.628   1.00 10.26 ? 81  SER A CA  1 
ATOM   648  C  C   . SER A 1 81  ? -8.621  10.097  0.301   1.00 10.28 ? 81  SER A C   1 
ATOM   649  O  O   . SER A 1 81  ? -9.425  9.175   0.163   1.00 10.35 ? 81  SER A O   1 
ATOM   650  C  CB  . SER A 1 81  ? -9.618  11.921  1.693   1.00 9.92  ? 81  SER A CB  1 
ATOM   651  O  OG  . SER A 1 81  ? -9.445  12.894  0.675   1.00 11.08 ? 81  SER A OG  1 
ATOM   652  N  N   . ALA A 1 82  ? -7.803  10.485  -0.674  1.00 10.30 ? 82  ALA A N   1 
ATOM   653  C  CA  . ALA A 1 82  ? -7.816  9.827   -1.977  1.00 10.39 ? 82  ALA A CA  1 
ATOM   654  C  C   . ALA A 1 82  ? -7.348  8.384   -1.851  1.00 10.44 ? 82  ALA A C   1 
ATOM   655  O  O   . ALA A 1 82  ? -7.661  7.540   -2.691  1.00 10.56 ? 82  ALA A O   1 
ATOM   656  C  CB  . ALA A 1 82  ? -6.922  10.575  -2.955  1.00 10.57 ? 82  ALA A CB  1 
ATOM   657  N  N   . LEU A 1 83  ? -6.596  8.110   -0.792  1.00 10.36 ? 83  LEU A N   1 
ATOM   658  C  CA  . LEU A 1 83  ? -6.072  6.774   -0.550  1.00 10.39 ? 83  LEU A CA  1 
ATOM   659  C  C   . LEU A 1 83  ? -7.115  5.849   0.072   1.00 10.59 ? 83  LEU A C   1 
ATOM   660  O  O   . LEU A 1 83  ? -6.843  4.674   0.311   1.00 10.58 ? 83  LEU A O   1 
ATOM   661  C  CB  . LEU A 1 83  ? -4.845  6.858   0.361   1.00 9.80  ? 83  LEU A CB  1 
ATOM   662  C  CG  . LEU A 1 83  ? -3.654  7.649   -0.186  1.00 9.77  ? 83  LEU A CG  1 
ATOM   663  C  CD1 . LEU A 1 83  ? -2.610  7.852   0.910   1.00 10.38 ? 83  LEU A CD1 1 
ATOM   664  C  CD2 . LEU A 1 83  ? -3.053  6.907   -1.375  1.00 11.37 ? 83  LEU A CD2 1 
ATOM   665  N  N   . LEU A 1 84  ? -8.309  6.374   0.331   1.00 10.64 ? 84  LEU A N   1 
ATOM   666  C  CA  . LEU A 1 84  ? -9.369  5.564   0.924   1.00 10.88 ? 84  LEU A CA  1 
ATOM   667  C  C   . LEU A 1 84  ? -10.439 5.198   -0.105  1.00 11.17 ? 84  LEU A C   1 
ATOM   668  O  O   . LEU A 1 84  ? -11.380 4.470   0.202   1.00 11.21 ? 84  LEU A O   1 
ATOM   669  C  CB  . LEU A 1 84  ? -10.009 6.317   2.094   1.00 10.17 ? 84  LEU A CB  1 
ATOM   670  C  CG  . LEU A 1 84  ? -9.065  6.781   3.209   1.00 10.27 ? 84  LEU A CG  1 
ATOM   671  C  CD1 . LEU A 1 84  ? -9.862  7.565   4.239   1.00 11.72 ? 84  LEU A CD1 1 
ATOM   672  C  CD2 . LEU A 1 84  ? -8.386  5.586   3.858   1.00 10.35 ? 84  LEU A CD2 1 
ATOM   673  N  N   . SER A 1 85  ? -10.277 5.699   -1.325  1.00 11.47 ? 85  SER A N   1 
ATOM   674  C  CA  . SER A 1 85  ? -11.220 5.452   -2.413  1.00 11.83 ? 85  SER A CA  1 
ATOM   675  C  C   . SER A 1 85  ? -11.371 3.979   -2.798  1.00 12.04 ? 85  SER A C   1 
ATOM   676  O  O   . SER A 1 85  ? -10.471 3.174   -2.578  1.00 12.11 ? 85  SER A O   1 
ATOM   677  C  CB  . SER A 1 85  ? -10.787 6.249   -3.646  1.00 12.18 ? 85  SER A CB  1 
ATOM   678  O  OG  . SER A 1 85  ? -11.670 6.038   -4.736  1.00 12.90 ? 85  SER A OG  1 
ATOM   679  N  N   . SER A 1 86  ? -12.519 3.637   -3.379  1.00 12.26 ? 86  SER A N   1 
ATOM   680  C  CA  . SER A 1 86  ? -12.767 2.270   -3.823  1.00 12.40 ? 86  SER A CA  1 
ATOM   681  C  C   . SER A 1 86  ? -11.888 2.019   -5.049  1.00 12.45 ? 86  SER A C   1 
ATOM   682  O  O   . SER A 1 86  ? -11.594 0.874   -5.397  1.00 12.66 ? 86  SER A O   1 
ATOM   683  C  CB  . SER A 1 86  ? -14.244 2.082   -4.180  1.00 13.66 ? 86  SER A CB  1 
ATOM   684  O  OG  . SER A 1 86  ? -14.660 3.018   -5.158  1.00 17.51 ? 86  SER A OG  1 
ATOM   685  N  N   . ASP A 1 87  ? -11.481 3.108   -5.694  1.00 12.33 ? 87  ASP A N   1 
ATOM   686  C  CA  . ASP A 1 87  ? -10.608 3.072   -6.868  1.00 12.29 ? 87  ASP A CA  1 
ATOM   687  C  C   . ASP A 1 87  ? -9.185  3.178   -6.315  1.00 12.16 ? 87  ASP A C   1 
ATOM   688  O  O   . ASP A 1 87  ? -8.811  4.205   -5.742  1.00 12.21 ? 87  ASP A O   1 
ATOM   689  C  CB  . ASP A 1 87  ? -10.941 4.267   -7.773  1.00 13.50 ? 87  ASP A CB  1 
ATOM   690  C  CG  . ASP A 1 87  ? -10.019 4.383   -8.972  1.00 17.04 ? 87  ASP A CG  1 
ATOM   691  O  OD1 . ASP A 1 87  ? -10.313 5.215   -9.857  1.00 21.11 ? 87  ASP A OD1 1 
ATOM   692  O  OD2 . ASP A 1 87  ? -9.003  3.660   -9.034  1.00 18.21 ? 87  ASP A OD2 1 
ATOM   693  N  N   . ILE A 1 88  ? -8.393  2.123   -6.482  1.00 12.00 ? 88  ILE A N   1 
ATOM   694  C  CA  . ILE A 1 88  ? -7.037  2.105   -5.942  1.00 11.75 ? 88  ILE A CA  1 
ATOM   695  C  C   . ILE A 1 88  ? -5.958  2.847   -6.723  1.00 11.50 ? 88  ILE A C   1 
ATOM   696  O  O   . ILE A 1 88  ? -4.781  2.782   -6.364  1.00 11.31 ? 88  ILE A O   1 
ATOM   697  C  CB  . ILE A 1 88  ? -6.541  0.656   -5.724  1.00 11.38 ? 88  ILE A CB  1 
ATOM   698  C  CG1 . ILE A 1 88  ? -6.340  -0.052  -7.067  1.00 12.80 ? 88  ILE A CG1 1 
ATOM   699  C  CG2 . ILE A 1 88  ? -7.548  -0.109  -4.879  1.00 12.42 ? 88  ILE A CG2 1 
ATOM   700  C  CD1 . ILE A 1 88  ? -5.651  -1.400  -6.942  1.00 13.89 ? 88  ILE A CD1 1 
ATOM   701  N  N   . THR A 1 89  ? -6.341  3.564   -7.775  1.00 11.38 ? 89  THR A N   1 
ATOM   702  C  CA  . THR A 1 89  ? -5.358  4.287   -8.580  1.00 11.20 ? 89  THR A CA  1 
ATOM   703  C  C   . THR A 1 89  ? -4.395  5.151   -7.758  1.00 10.99 ? 89  THR A C   1 
ATOM   704  O  O   . THR A 1 89  ? -3.178  5.039   -7.907  1.00 10.88 ? 89  THR A O   1 
ATOM   705  C  CB  . THR A 1 89  ? -6.046  5.175   -9.638  1.00 11.66 ? 89  THR A CB  1 
ATOM   706  O  OG1 . THR A 1 89  ? -6.810  4.350   -10.527 1.00 13.61 ? 89  THR A OG1 1 
ATOM   707  C  CG2 . THR A 1 89  ? -5.006  5.936   -10.453 1.00 13.17 ? 89  THR A CG2 1 
ATOM   708  N  N   . ALA A 1 90  ? -4.929  6.003   -6.888  1.00 10.84 ? 90  ALA A N   1 
ATOM   709  C  CA  . ALA A 1 90  ? -4.070  6.867   -6.088  1.00 10.70 ? 90  ALA A CA  1 
ATOM   710  C  C   . ALA A 1 90  ? -3.101  6.087   -5.204  1.00 10.59 ? 90  ALA A C   1 
ATOM   711  O  O   . ALA A 1 90  ? -1.925  6.442   -5.101  1.00 10.60 ? 90  ALA A O   1 
ATOM   712  C  CB  . ALA A 1 90  ? -4.911  7.818   -5.235  1.00 11.00 ? 90  ALA A CB  1 
ATOM   713  N  N   . SER A 1 91  ? -3.587  5.026   -4.568  1.00 10.45 ? 91  SER A N   1 
ATOM   714  C  CA  . SER A 1 91  ? -2.731  4.219   -3.705  1.00 10.35 ? 91  SER A CA  1 
ATOM   715  C  C   . SER A 1 91  ? -1.628  3.540   -4.495  1.00 10.39 ? 91  SER A C   1 
ATOM   716  O  O   . SER A 1 91  ? -0.485  3.470   -4.046  1.00 10.34 ? 91  SER A O   1 
ATOM   717  C  CB  . SER A 1 91  ? -3.548  3.162   -2.962  1.00 10.29 ? 91  SER A CB  1 
ATOM   718  O  OG  . SER A 1 91  ? -4.215  3.731   -1.851  1.00 9.98  ? 91  SER A OG  1 
ATOM   719  N  N   . VAL A 1 92  ? -1.974  3.034   -5.672  1.00 10.41 ? 92  VAL A N   1 
ATOM   720  C  CA  . VAL A 1 92  ? -0.990  2.360   -6.506  1.00 10.49 ? 92  VAL A CA  1 
ATOM   721  C  C   . VAL A 1 92  ? 0.081   3.326   -6.995  1.00 10.56 ? 92  VAL A C   1 
ATOM   722  O  O   . VAL A 1 92  ? 1.273   3.040   -6.891  1.00 10.45 ? 92  VAL A O   1 
ATOM   723  C  CB  . VAL A 1 92  ? -1.645  1.689   -7.734  1.00 10.87 ? 92  VAL A CB  1 
ATOM   724  C  CG1 . VAL A 1 92  ? -0.566  1.147   -8.669  1.00 10.93 ? 92  VAL A CG1 1 
ATOM   725  C  CG2 . VAL A 1 92  ? -2.552  0.558   -7.278  1.00 11.94 ? 92  VAL A CG2 1 
ATOM   726  N  N   . ASN A 1 93  ? -0.340  4.472   -7.525  1.00 10.53 ? 93  ASN A N   1 
ATOM   727  C  CA  . ASN A 1 93  ? 0.611   5.454   -8.031  1.00 10.73 ? 93  ASN A CA  1 
ATOM   728  C  C   . ASN A 1 93  ? 1.554   5.935   -6.940  1.00 10.51 ? 93  ASN A C   1 
ATOM   729  O  O   . ASN A 1 93  ? 2.747   6.112   -7.177  1.00 10.65 ? 93  ASN A O   1 
ATOM   730  C  CB  . ASN A 1 93  ? -0.115  6.655   -8.646  1.00 13.13 ? 93  ASN A CB  1 
ATOM   731  C  CG  . ASN A 1 93  ? -0.801  6.314   -9.951  1.00 16.78 ? 93  ASN A CG  1 
ATOM   732  O  OD1 . ASN A 1 93  ? -0.356  5.431   -10.683 1.00 19.97 ? 93  ASN A OD1 1 
ATOM   733  N  ND2 . ASN A 1 93  ? -1.882  7.021   -10.258 1.00 18.37 ? 93  ASN A ND2 1 
ATOM   734  N  N   . CYS A 1 94  ? 1.022   6.144   -5.741  1.00 10.49 ? 94  CYS A N   1 
ATOM   735  C  CA  . CYS A 1 94  ? 1.849   6.603   -4.636  1.00 10.32 ? 94  CYS A CA  1 
ATOM   736  C  C   . CYS A 1 94  ? 2.780   5.483   -4.183  1.00 10.17 ? 94  CYS A C   1 
ATOM   737  O  O   . CYS A 1 94  ? 3.942   5.726   -3.866  1.00 10.12 ? 94  CYS A O   1 
ATOM   738  C  CB  . CYS A 1 94  ? 0.959   7.076   -3.487  1.00 11.14 ? 94  CYS A CB  1 
ATOM   739  S  SG  . CYS A 1 94  ? 1.823   7.976   -2.157  1.00 12.95 ? 94  CYS A SG  1 
ATOM   740  N  N   . ALA A 1 95  ? 2.273   4.253   -4.166  1.00 10.08 ? 95  ALA A N   1 
ATOM   741  C  CA  . ALA A 1 95  ? 3.085   3.107   -3.768  1.00 9.91  ? 95  ALA A CA  1 
ATOM   742  C  C   . ALA A 1 95  ? 4.286   2.952   -4.702  1.00 9.89  ? 95  ALA A C   1 
ATOM   743  O  O   . ALA A 1 95  ? 5.374   2.568   -4.269  1.00 9.77  ? 95  ALA A O   1 
ATOM   744  C  CB  . ALA A 1 95  ? 2.245   1.833   -3.781  1.00 9.42  ? 95  ALA A CB  1 
ATOM   745  N  N   . LYS A 1 96  ? 4.085   3.237   -5.986  1.00 9.85  ? 96  LYS A N   1 
ATOM   746  C  CA  . LYS A 1 96  ? 5.172   3.135   -6.951  1.00 9.93  ? 96  LYS A CA  1 
ATOM   747  C  C   . LYS A 1 96  ? 6.284   4.125   -6.602  1.00 10.04 ? 96  LYS A C   1 
ATOM   748  O  O   . LYS A 1 96  ? 7.467   3.824   -6.755  1.00 10.03 ? 96  LYS A O   1 
ATOM   749  C  CB  . LYS A 1 96  ? 4.655   3.393   -8.369  1.00 9.19  ? 96  LYS A CB  1 
ATOM   750  C  CG  . LYS A 1 96  ? 3.813   2.256   -8.933  1.00 9.78  ? 96  LYS A CG  1 
ATOM   751  C  CD  . LYS A 1 96  ? 3.268   2.583   -10.320 1.00 10.34 ? 96  LYS A CD  1 
ATOM   752  C  CE  . LYS A 1 96  ? 2.528   1.391   -10.920 1.00 10.82 ? 96  LYS A CE  1 
ATOM   753  N  NZ  . LYS A 1 96  ? 1.922   1.724   -12.243 1.00 13.88 ? 96  LYS A NZ  1 
ATOM   754  N  N   . LYS A 1 97  ? 5.906   5.306   -6.123  1.00 10.11 ? 97  LYS A N   1 
ATOM   755  C  CA  . LYS A 1 97  ? 6.900   6.298   -5.750  1.00 10.30 ? 97  LYS A CA  1 
ATOM   756  C  C   . LYS A 1 97  ? 7.611   5.862   -4.470  1.00 10.38 ? 97  LYS A C   1 
ATOM   757  O  O   . LYS A 1 97  ? 8.830   5.988   -4.353  1.00 10.47 ? 97  LYS A O   1 
ATOM   758  C  CB  . LYS A 1 97  ? 6.248   7.667   -5.539  1.00 11.24 ? 97  LYS A CB  1 
ATOM   759  C  CG  . LYS A 1 97  ? 7.254   8.763   -5.216  1.00 15.14 ? 97  LYS A CG  1 
ATOM   760  C  CD  . LYS A 1 97  ? 6.631   10.147  -5.263  1.00 19.45 ? 97  LYS A CD  1 
ATOM   761  C  CE  . LYS A 1 97  ? 7.703   11.215  -5.092  1.00 22.73 ? 97  LYS A CE  1 
ATOM   762  N  NZ  . LYS A 1 97  ? 7.179   12.595  -5.286  1.00 25.31 ? 97  LYS A NZ  1 
ATOM   763  N  N   . ILE A 1 98  ? 6.850   5.338   -3.516  1.00 10.43 ? 98  ILE A N   1 
ATOM   764  C  CA  . ILE A 1 98  ? 7.425   4.894   -2.253  1.00 10.59 ? 98  ILE A CA  1 
ATOM   765  C  C   . ILE A 1 98  ? 8.436   3.766   -2.433  1.00 10.93 ? 98  ILE A C   1 
ATOM   766  O  O   . ILE A 1 98  ? 9.544   3.827   -1.899  1.00 10.90 ? 98  ILE A O   1 
ATOM   767  C  CB  . ILE A 1 98  ? 6.328   4.412   -1.281  1.00 9.71  ? 98  ILE A CB  1 
ATOM   768  C  CG1 . ILE A 1 98  ? 5.390   5.571   -0.937  1.00 9.62  ? 98  ILE A CG1 1 
ATOM   769  C  CG2 . ILE A 1 98  ? 6.965   3.856   -0.013  1.00 10.05 ? 98  ILE A CG2 1 
ATOM   770  C  CD1 . ILE A 1 98  ? 4.191   5.164   -0.103  1.00 9.89  ? 98  ILE A CD1 1 
ATOM   771  N  N   . VAL A 1 99  ? 8.058   2.739   -3.187  1.00 11.20 ? 99  VAL A N   1 
ATOM   772  C  CA  . VAL A 1 99  ? 8.942   1.600   -3.398  1.00 11.66 ? 99  VAL A CA  1 
ATOM   773  C  C   . VAL A 1 99  ? 10.186  1.956   -4.214  1.00 12.15 ? 99  VAL A C   1 
ATOM   774  O  O   . VAL A 1 99  ? 11.139  1.179   -4.275  1.00 12.10 ? 99  VAL A O   1 
ATOM   775  C  CB  . VAL A 1 99  ? 8.185   0.425   -4.073  1.00 10.67 ? 99  VAL A CB  1 
ATOM   776  C  CG1 . VAL A 1 99  ? 7.902   0.735   -5.532  1.00 10.20 ? 99  VAL A CG1 1 
ATOM   777  C  CG2 . VAL A 1 99  ? 8.987   -0.860  -3.927  1.00 10.46 ? 99  VAL A CG2 1 
ATOM   778  N  N   . SER A 1 100 ? 10.177  3.135   -4.828  1.00 12.61 ? 100 SER A N   1 
ATOM   779  C  CA  . SER A 1 100 ? 11.313  3.598   -5.626  1.00 13.26 ? 100 SER A CA  1 
ATOM   780  C  C   . SER A 1 100 ? 12.201  4.545   -4.809  1.00 13.68 ? 100 SER A C   1 
ATOM   781  O  O   . SER A 1 100 ? 13.213  5.042   -5.310  1.00 13.93 ? 100 SER A O   1 
ATOM   782  C  CB  . SER A 1 100 ? 10.818  4.341   -6.872  1.00 13.50 ? 100 SER A CB  1 
ATOM   783  O  OG  . SER A 1 100 ? 10.032  3.507   -7.705  1.00 15.11 ? 100 SER A OG  1 
ATOM   784  N  N   . ASP A 1 101 ? 11.825  4.778   -3.552  1.00 14.00 ? 101 ASP A N   1 
ATOM   785  C  CA  . ASP A 1 101 ? 12.547  5.698   -2.668  1.00 14.30 ? 101 ASP A CA  1 
ATOM   786  C  C   . ASP A 1 101 ? 13.946  5.261   -2.234  1.00 14.31 ? 101 ASP A C   1 
ATOM   787  O  O   . ASP A 1 101 ? 14.715  6.074   -1.721  1.00 14.59 ? 101 ASP A O   1 
ATOM   788  C  CB  . ASP A 1 101 ? 11.686  6.003   -1.435  1.00 16.75 ? 101 ASP A CB  1 
ATOM   789  C  CG  . ASP A 1 101 ? 12.279  7.091   -0.553  1.00 20.07 ? 101 ASP A CG  1 
ATOM   790  O  OD1 . ASP A 1 101 ? 12.821  6.760   0.523   1.00 22.82 ? 101 ASP A OD1 1 
ATOM   791  O  OD2 . ASP A 1 101 ? 12.208  8.277   -0.938  1.00 21.92 ? 101 ASP A OD2 1 
ATOM   792  N  N   . GLY A 1 102 ? 14.280  3.988   -2.426  1.00 14.15 ? 102 GLY A N   1 
ATOM   793  C  CA  . GLY A 1 102 ? 15.608  3.532   -2.049  1.00 13.89 ? 102 GLY A CA  1 
ATOM   794  C  C   . GLY A 1 102 ? 15.667  2.258   -1.231  1.00 13.70 ? 102 GLY A C   1 
ATOM   795  O  O   . GLY A 1 102 ? 16.617  1.483   -1.355  1.00 13.84 ? 102 GLY A O   1 
ATOM   796  N  N   . ASN A 1 103 ? 14.663  2.029   -0.391  1.00 13.29 ? 103 ASN A N   1 
ATOM   797  C  CA  . ASN A 1 103 ? 14.656  0.832   0.438   1.00 12.74 ? 103 ASN A CA  1 
ATOM   798  C  C   . ASN A 1 103 ? 13.667  -0.222  -0.040  1.00 12.16 ? 103 ASN A C   1 
ATOM   799  O  O   . ASN A 1 103 ? 13.363  -1.172  0.683   1.00 12.06 ? 103 ASN A O   1 
ATOM   800  C  CB  . ASN A 1 103 ? 14.368  1.205   1.892   1.00 15.11 ? 103 ASN A CB  1 
ATOM   801  C  CG  . ASN A 1 103 ? 15.441  2.103   2.478   1.00 18.39 ? 103 ASN A CG  1 
ATOM   802  O  OD1 . ASN A 1 103 ? 16.635  1.821   2.353   1.00 21.57 ? 103 ASN A OD1 1 
ATOM   803  N  ND2 . ASN A 1 103 ? 15.025  3.187   3.119   1.00 20.97 ? 103 ASN A ND2 1 
ATOM   804  N  N   . GLY A 1 104 ? 13.176  -0.060  -1.262  1.00 11.60 ? 104 GLY A N   1 
ATOM   805  C  CA  . GLY A 1 104 ? 12.236  -1.021  -1.805  1.00 10.92 ? 104 GLY A CA  1 
ATOM   806  C  C   . GLY A 1 104 ? 11.019  -1.187  -0.922  1.00 10.45 ? 104 GLY A C   1 
ATOM   807  O  O   . GLY A 1 104 ? 10.550  -0.227  -0.309  1.00 10.28 ? 104 GLY A O   1 
ATOM   808  N  N   . MET A 1 105 ? 10.509  -2.409  -0.835  1.00 9.99  ? 105 MET A N   1 
ATOM   809  C  CA  . MET A 1 105 ? 9.327   -2.639  -0.019  1.00 9.66  ? 105 MET A CA  1 
ATOM   810  C  C   . MET A 1 105 ? 9.574   -2.634  1.483   1.00 9.64  ? 105 MET A C   1 
ATOM   811  O  O   . MET A 1 105 ? 8.635   -2.781  2.257   1.00 9.52  ? 105 MET A O   1 
ATOM   812  C  CB  . MET A 1 105 ? 8.623   -3.928  -0.444  1.00 8.21  ? 105 MET A CB  1 
ATOM   813  C  CG  . MET A 1 105 ? 7.857   -3.774  -1.754  1.00 7.80  ? 105 MET A CG  1 
ATOM   814  S  SD  . MET A 1 105 ? 6.700   -5.106  -2.091  1.00 8.79  ? 105 MET A SD  1 
ATOM   815  C  CE  . MET A 1 105 ? 5.293   -4.592  -1.112  1.00 9.29  ? 105 MET A CE  1 
ATOM   816  N  N   . ASN A 1 106 ? 10.824  -2.458  1.901   1.00 9.53  ? 106 ASN A N   1 
ATOM   817  C  CA  . ASN A 1 106 ? 11.111  -2.403  3.329   1.00 9.61  ? 106 ASN A CA  1 
ATOM   818  C  C   . ASN A 1 106 ? 10.461  -1.152  3.916   1.00 9.75  ? 106 ASN A C   1 
ATOM   819  O  O   . ASN A 1 106 ? 10.389  -0.993  5.136   1.00 9.87  ? 106 ASN A O   1 
ATOM   820  C  CB  . ASN A 1 106 ? 12.619  -2.376  3.592   1.00 9.52  ? 106 ASN A CB  1 
ATOM   821  C  CG  . ASN A 1 106 ? 13.308  -3.654  3.162   1.00 10.04 ? 106 ASN A CG  1 
ATOM   822  O  OD1 . ASN A 1 106 ? 14.052  -3.675  2.179   1.00 13.21 ? 106 ASN A OD1 1 
ATOM   823  N  ND2 . ASN A 1 106 ? 13.060  -4.733  3.892   1.00 8.06  ? 106 ASN A ND2 1 
ATOM   824  N  N   . ALA A 1 107 ? 9.999   -0.261  3.040   1.00 9.81  ? 107 ALA A N   1 
ATOM   825  C  CA  . ALA A 1 107 ? 9.328   0.961   3.473   1.00 9.97  ? 107 ALA A CA  1 
ATOM   826  C  C   . ALA A 1 107 ? 8.094   0.562   4.277   1.00 10.15 ? 107 ALA A C   1 
ATOM   827  O  O   . ALA A 1 107 ? 7.656   1.285   5.171   1.00 10.33 ? 107 ALA A O   1 
ATOM   828  C  CB  . ALA A 1 107 ? 8.923   1.798   2.266   1.00 10.58 ? 107 ALA A CB  1 
ATOM   829  N  N   . TRP A 1 108 ? 7.527   -0.592  3.943   1.00 10.17 ? 108 TRP A N   1 
ATOM   830  C  CA  . TRP A 1 108 ? 6.362   -1.109  4.650   1.00 10.26 ? 108 TRP A CA  1 
ATOM   831  C  C   . TRP A 1 108 ? 6.892   -2.088  5.691   1.00 10.50 ? 108 TRP A C   1 
ATOM   832  O  O   . TRP A 1 108 ? 7.264   -3.213  5.361   1.00 10.40 ? 108 TRP A O   1 
ATOM   833  C  CB  . TRP A 1 108 ? 5.425   -1.827  3.673   1.00 9.19  ? 108 TRP A CB  1 
ATOM   834  C  CG  . TRP A 1 108 ? 4.650   -0.902  2.775   1.00 8.58  ? 108 TRP A CG  1 
ATOM   835  C  CD1 . TRP A 1 108 ? 3.468   -0.283  3.062   1.00 8.78  ? 108 TRP A CD1 1 
ATOM   836  C  CD2 . TRP A 1 108 ? 5.022   -0.466  1.459   1.00 8.49  ? 108 TRP A CD2 1 
ATOM   837  N  NE1 . TRP A 1 108 ? 3.076   0.509   2.007   1.00 9.00  ? 108 TRP A NE1 1 
ATOM   838  C  CE2 . TRP A 1 108 ? 4.011   0.413   1.010   1.00 7.54  ? 108 TRP A CE2 1 
ATOM   839  C  CE3 . TRP A 1 108 ? 6.109   -0.738  0.614   1.00 8.48  ? 108 TRP A CE3 1 
ATOM   840  C  CZ2 . TRP A 1 108 ? 4.059   1.029   -0.244  1.00 7.72  ? 108 TRP A CZ2 1 
ATOM   841  C  CZ3 . TRP A 1 108 ? 6.156   -0.124  -0.639  1.00 7.70  ? 108 TRP A CZ3 1 
ATOM   842  C  CH2 . TRP A 1 108 ? 5.133   0.747   -1.054  1.00 8.62  ? 108 TRP A CH2 1 
ATOM   843  N  N   . VAL A 1 109 ? 6.945   -1.653  6.946   1.00 10.64 ? 109 VAL A N   1 
ATOM   844  C  CA  . VAL A 1 109 ? 7.460   -2.505  8.011   1.00 10.91 ? 109 VAL A CA  1 
ATOM   845  C  C   . VAL A 1 109 ? 6.759   -3.857  8.063   1.00 10.90 ? 109 VAL A C   1 
ATOM   846  O  O   . VAL A 1 109 ? 7.406   -4.881  8.293   1.00 10.98 ? 109 VAL A O   1 
ATOM   847  C  CB  . VAL A 1 109 ? 7.346   -1.811  9.385   1.00 12.63 ? 109 VAL A CB  1 
ATOM   848  C  CG1 . VAL A 1 109 ? 7.846   -2.738  10.483  1.00 13.99 ? 109 VAL A CG1 1 
ATOM   849  C  CG2 . VAL A 1 109 ? 8.167   -0.525  9.385   1.00 14.90 ? 109 VAL A CG2 1 
ATOM   850  N  N   . ALA A 1 110 ? 5.448   -3.866  7.838   1.00 10.80 ? 110 ALA A N   1 
ATOM   851  C  CA  . ALA A 1 110 ? 4.686   -5.113  7.862   1.00 10.63 ? 110 ALA A CA  1 
ATOM   852  C  C   . ALA A 1 110 ? 5.153   -6.059  6.760   1.00 10.61 ? 110 ALA A C   1 
ATOM   853  O  O   . ALA A 1 110 ? 5.139   -7.275  6.938   1.00 10.70 ? 110 ALA A O   1 
ATOM   854  C  CB  . ALA A 1 110 ? 3.199   -4.831  7.709   1.00 11.52 ? 110 ALA A CB  1 
ATOM   855  N  N   . TRP A 1 111 ? 5.555   -5.510  5.617   1.00 10.35 ? 111 TRP A N   1 
ATOM   856  C  CA  . TRP A 1 111 ? 6.034   -6.373  4.546   1.00 10.15 ? 111 TRP A CA  1 
ATOM   857  C  C   . TRP A 1 111 ? 7.346   -7.026  4.980   1.00 10.19 ? 111 TRP A C   1 
ATOM   858  O  O   . TRP A 1 111 ? 7.534   -8.229  4.807   1.00 10.10 ? 111 TRP A O   1 
ATOM   859  C  CB  . TRP A 1 111 ? 6.268   -5.589  3.251   1.00 9.46  ? 111 TRP A CB  1 
ATOM   860  C  CG  . TRP A 1 111 ? 6.910   -6.425  2.180   1.00 8.60  ? 111 TRP A CG  1 
ATOM   861  C  CD1 . TRP A 1 111 ? 6.285   -7.298  1.335   1.00 8.73  ? 111 TRP A CD1 1 
ATOM   862  C  CD2 . TRP A 1 111 ? 8.310   -6.522  1.890   1.00 8.57  ? 111 TRP A CD2 1 
ATOM   863  N  NE1 . TRP A 1 111 ? 7.208   -7.933  0.542   1.00 7.35  ? 111 TRP A NE1 1 
ATOM   864  C  CE2 . TRP A 1 111 ? 8.461   -7.477  0.862   1.00 8.04  ? 111 TRP A CE2 1 
ATOM   865  C  CE3 . TRP A 1 111 ? 9.456   -5.896  2.403   1.00 9.00  ? 111 TRP A CE3 1 
ATOM   866  C  CZ2 . TRP A 1 111 ? 9.710   -7.822  0.332   1.00 8.32  ? 111 TRP A CZ2 1 
ATOM   867  C  CZ3 . TRP A 1 111 ? 10.700  -6.238  1.876   1.00 8.61  ? 111 TRP A CZ3 1 
ATOM   868  C  CH2 . TRP A 1 111 ? 10.815  -7.195  0.851   1.00 8.56  ? 111 TRP A CH2 1 
ATOM   869  N  N   . ARG A 1 112 ? 8.252   -6.234  5.549   1.00 10.11 ? 112 ARG A N   1 
ATOM   870  C  CA  . ARG A 1 112 ? 9.536   -6.765  5.987   1.00 10.24 ? 112 ARG A CA  1 
ATOM   871  C  C   . ARG A 1 112 ? 9.369   -7.836  7.057   1.00 10.15 ? 112 ARG A C   1 
ATOM   872  O  O   . ARG A 1 112 ? 10.013  -8.884  7.004   1.00 10.28 ? 112 ARG A O   1 
ATOM   873  C  CB  . ARG A 1 112 ? 10.426  -5.639  6.528   1.00 11.30 ? 112 ARG A CB  1 
ATOM   874  C  CG  . ARG A 1 112 ? 11.771  -6.129  7.052   1.00 14.63 ? 112 ARG A CG  1 
ATOM   875  C  CD  . ARG A 1 112 ? 12.725  -4.977  7.322   1.00 17.12 ? 112 ARG A CD  1 
ATOM   876  N  NE  . ARG A 1 112 ? 12.192  -4.034  8.300   1.00 19.38 ? 112 ARG A NE  1 
ATOM   877  C  CZ  . ARG A 1 112 ? 12.019  -4.305  9.590   1.00 21.04 ? 112 ARG A CZ  1 
ATOM   878  N  NH1 . ARG A 1 112 ? 12.340  -5.499  10.073  1.00 21.85 ? 112 ARG A NH1 1 
ATOM   879  N  NH2 . ARG A 1 112 ? 11.522  -3.379  10.399  1.00 22.32 ? 112 ARG A NH2 1 
ATOM   880  N  N   . ASN A 1 113 ? 8.488   -7.581  8.016   1.00 10.19 ? 113 ASN A N   1 
ATOM   881  C  CA  . ASN A 1 113 ? 8.281   -8.522  9.109   1.00 10.15 ? 113 ASN A CA  1 
ATOM   882  C  C   . ASN A 1 113 ? 7.381   -9.722  8.839   1.00 10.27 ? 113 ASN A C   1 
ATOM   883  O  O   . ASN A 1 113 ? 7.503   -10.741 9.517   1.00 10.31 ? 113 ASN A O   1 
ATOM   884  C  CB  . ASN A 1 113 ? 7.748   -7.786  10.338  1.00 10.17 ? 113 ASN A CB  1 
ATOM   885  C  CG  . ASN A 1 113 ? 8.769   -6.841  10.939  1.00 9.40  ? 113 ASN A CG  1 
ATOM   886  O  OD1 . ASN A 1 113 ? 9.964   -7.123  10.938  1.00 12.67 ? 113 ASN A OD1 1 
ATOM   887  N  ND2 . ASN A 1 113 ? 8.298   -5.722  11.473  1.00 10.55 ? 113 ASN A ND2 1 
ATOM   888  N  N   . ARG A 1 114 ? 6.500   -9.632  7.848   1.00 10.23 ? 114 ARG A N   1 
ATOM   889  C  CA  . ARG A 1 114 ? 5.578   -10.734 7.605   1.00 10.35 ? 114 ARG A CA  1 
ATOM   890  C  C   . ARG A 1 114 ? 5.504   -11.313 6.200   1.00 10.42 ? 114 ARG A C   1 
ATOM   891  O  O   . ARG A 1 114 ? 4.955   -12.398 6.009   1.00 10.56 ? 114 ARG A O   1 
ATOM   892  C  CB  . ARG A 1 114 ? 4.185   -10.298 8.055   1.00 10.58 ? 114 ARG A CB  1 
ATOM   893  C  CG  . ARG A 1 114 ? 4.195   -9.641  9.428   1.00 10.20 ? 114 ARG A CG  1 
ATOM   894  C  CD  . ARG A 1 114 ? 2.833   -9.141  9.841   1.00 10.48 ? 114 ARG A CD  1 
ATOM   895  N  NE  . ARG A 1 114 ? 1.899   -10.227 10.111  1.00 9.18  ? 114 ARG A NE  1 
ATOM   896  C  CZ  . ARG A 1 114 ? 0.683   -10.042 10.611  1.00 9.54  ? 114 ARG A CZ  1 
ATOM   897  N  NH1 . ARG A 1 114 ? 0.264   -8.816  10.888  1.00 9.07  ? 114 ARG A NH1 1 
ATOM   898  N  NH2 . ARG A 1 114 ? -0.109  -11.078 10.845  1.00 9.39  ? 114 ARG A NH2 1 
ATOM   899  N  N   . CYS A 1 115 ? 6.056   -10.607 5.221   1.00 10.52 ? 115 CYS A N   1 
ATOM   900  C  CA  . CYS A 1 115 ? 6.014   -11.080 3.842   1.00 10.60 ? 115 CYS A CA  1 
ATOM   901  C  C   . CYS A 1 115 ? 7.390   -11.401 3.285   1.00 10.74 ? 115 CYS A C   1 
ATOM   902  O  O   . CYS A 1 115 ? 7.583   -12.419 2.617   1.00 10.70 ? 115 CYS A O   1 
ATOM   903  C  CB  . CYS A 1 115 ? 5.355   -10.031 2.948   1.00 9.84  ? 115 CYS A CB  1 
ATOM   904  S  SG  . CYS A 1 115 ? 3.656   -9.636  3.450   1.00 11.38 ? 115 CYS A SG  1 
ATOM   905  N  N   . LYS A 1 116 ? 8.343   -10.516 3.552   1.00 10.90 ? 116 LYS A N   1 
ATOM   906  C  CA  . LYS A 1 116 ? 9.707   -10.676 3.071   1.00 11.24 ? 116 LYS A CA  1 
ATOM   907  C  C   . LYS A 1 116 ? 10.267  -12.070 3.331   1.00 11.55 ? 116 LYS A C   1 
ATOM   908  O  O   . LYS A 1 116 ? 10.265  -12.552 4.466   1.00 11.74 ? 116 LYS A O   1 
ATOM   909  C  CB  . LYS A 1 116 ? 10.604  -9.625  3.730   1.00 10.46 ? 116 LYS A CB  1 
ATOM   910  C  CG  . LYS A 1 116 ? 12.010  -9.559  3.181   1.00 10.47 ? 116 LYS A CG  1 
ATOM   911  C  CD  . LYS A 1 116 ? 12.781  -8.448  3.874   1.00 10.79 ? 116 LYS A CD  1 
ATOM   912  C  CE  . LYS A 1 116 ? 14.155  -8.241  3.258   1.00 11.56 ? 116 LYS A CE  1 
ATOM   913  N  NZ  . LYS A 1 116 ? 14.896  -7.171  3.977   1.00 11.48 ? 116 LYS A NZ  1 
ATOM   914  N  N   . GLY A 1 117 ? 10.736  -12.715 2.264   1.00 11.84 ? 117 GLY A N   1 
ATOM   915  C  CA  . GLY A 1 117 ? 11.323  -14.036 2.391   1.00 12.24 ? 117 GLY A CA  1 
ATOM   916  C  C   . GLY A 1 117 ? 10.365  -15.212 2.434   1.00 12.59 ? 117 GLY A C   1 
ATOM   917  O  O   . GLY A 1 117 ? 10.801  -16.359 2.358   1.00 13.05 ? 117 GLY A O   1 
ATOM   918  N  N   . THR A 1 118 ? 9.069   -14.948 2.554   1.00 12.65 ? 118 THR A N   1 
ATOM   919  C  CA  . THR A 1 118 ? 8.084   -16.023 2.613   1.00 12.82 ? 118 THR A CA  1 
ATOM   920  C  C   . THR A 1 118 ? 7.618   -16.414 1.214   1.00 13.08 ? 118 THR A C   1 
ATOM   921  O  O   . THR A 1 118 ? 8.026   -15.807 0.221   1.00 13.15 ? 118 THR A O   1 
ATOM   922  C  CB  . THR A 1 118 ? 6.854   -15.610 3.439   1.00 12.34 ? 118 THR A CB  1 
ATOM   923  O  OG1 . THR A 1 118 ? 6.122   -14.599 2.736   1.00 11.40 ? 118 THR A OG1 1 
ATOM   924  C  CG2 . THR A 1 118 ? 7.285   -15.064 4.796   1.00 12.98 ? 118 THR A CG2 1 
ATOM   925  N  N   . ASP A 1 119 ? 6.761   -17.429 1.135   1.00 13.30 ? 119 ASP A N   1 
ATOM   926  C  CA  . ASP A 1 119 ? 6.238   -17.887 -0.148  1.00 13.53 ? 119 ASP A CA  1 
ATOM   927  C  C   . ASP A 1 119 ? 5.055   -17.003 -0.535  1.00 13.45 ? 119 ASP A C   1 
ATOM   928  O  O   . ASP A 1 119 ? 3.902   -17.438 -0.521  1.00 13.57 ? 119 ASP A O   1 
ATOM   929  C  CB  . ASP A 1 119 ? 5.808   -19.357 -0.041  1.00 15.33 ? 119 ASP A CB  1 
ATOM   930  C  CG  . ASP A 1 119 ? 5.274   -19.908 -1.350  1.00 18.75 ? 119 ASP A CG  1 
ATOM   931  O  OD1 . ASP A 1 119 ? 5.793   -19.524 -2.417  1.00 21.54 ? 119 ASP A OD1 1 
ATOM   932  O  OD2 . ASP A 1 119 ? 4.338   -20.739 -1.311  1.00 22.37 ? 119 ASP A OD2 1 
ATOM   933  N  N   . VAL A 1 120 ? 5.358   -15.756 -0.882  1.00 13.45 ? 120 VAL A N   1 
ATOM   934  C  CA  . VAL A 1 120 ? 4.341   -14.778 -1.255  1.00 13.34 ? 120 VAL A CA  1 
ATOM   935  C  C   . VAL A 1 120 ? 3.500   -15.184 -2.458  1.00 13.38 ? 120 VAL A C   1 
ATOM   936  O  O   . VAL A 1 120 ? 2.406   -14.662 -2.661  1.00 13.28 ? 120 VAL A O   1 
ATOM   937  C  CB  . VAL A 1 120 ? 4.972   -13.396 -1.544  1.00 12.58 ? 120 VAL A CB  1 
ATOM   938  C  CG1 . VAL A 1 120 ? 5.643   -12.859 -0.288  1.00 13.40 ? 120 VAL A CG1 1 
ATOM   939  C  CG2 . VAL A 1 120 ? 5.976   -13.506 -2.682  1.00 13.20 ? 120 VAL A CG2 1 
ATOM   940  N  N   . GLN A 1 121 ? 4.011   -16.117 -3.255  1.00 13.45 ? 121 GLN A N   1 
ATOM   941  C  CA  . GLN A 1 121 ? 3.296   -16.592 -4.435  1.00 13.55 ? 121 GLN A CA  1 
ATOM   942  C  C   . GLN A 1 121 ? 1.941   -17.167 -4.018  1.00 13.37 ? 121 GLN A C   1 
ATOM   943  O  O   . GLN A 1 121 ? 0.986   -17.157 -4.795  1.00 13.35 ? 121 GLN A O   1 
ATOM   944  C  CB  . GLN A 1 121 ? 4.121   -17.676 -5.141  1.00 15.78 ? 121 GLN A CB  1 
ATOM   945  C  CG  . GLN A 1 121 ? 3.491   -18.237 -6.407  1.00 22.19 ? 121 GLN A CG  1 
ATOM   946  C  CD  . GLN A 1 121 ? 3.723   -17.361 -7.622  1.00 26.76 ? 121 GLN A CD  1 
ATOM   947  O  OE1 . GLN A 1 121 ? 3.356   -17.726 -8.741  1.00 29.55 ? 121 GLN A OE1 1 
ATOM   948  N  NE2 . GLN A 1 121 ? 4.333   -16.199 -7.409  1.00 28.36 ? 121 GLN A NE2 1 
ATOM   949  N  N   . ALA A 1 122 ? 1.868   -17.669 -2.791  1.00 13.24 ? 122 ALA A N   1 
ATOM   950  C  CA  . ALA A 1 122 ? 0.634   -18.253 -2.277  1.00 13.24 ? 122 ALA A CA  1 
ATOM   951  C  C   . ALA A 1 122 ? -0.511  -17.248 -2.262  1.00 13.34 ? 122 ALA A C   1 
ATOM   952  O  O   . ALA A 1 122 ? -1.679  -17.626 -2.341  1.00 13.29 ? 122 ALA A O   1 
ATOM   953  C  CB  . ALA A 1 122 ? 0.864   -18.800 -0.873  1.00 13.12 ? 122 ALA A CB  1 
ATOM   954  N  N   . TRP A 1 123 ? -0.183  -15.964 -2.167  1.00 13.51 ? 123 TRP A N   1 
ATOM   955  C  CA  . TRP A 1 123 ? -1.220  -14.939 -2.124  1.00 13.82 ? 123 TRP A CA  1 
ATOM   956  C  C   . TRP A 1 123 ? -1.974  -14.722 -3.430  1.00 14.19 ? 123 TRP A C   1 
ATOM   957  O  O   . TRP A 1 123 ? -3.031  -14.099 -3.437  1.00 14.12 ? 123 TRP A O   1 
ATOM   958  C  CB  . TRP A 1 123 ? -0.633  -13.618 -1.619  1.00 12.26 ? 123 TRP A CB  1 
ATOM   959  C  CG  . TRP A 1 123 ? -0.264  -13.694 -0.175  1.00 12.51 ? 123 TRP A CG  1 
ATOM   960  C  CD1 . TRP A 1 123 ? 0.978   -13.927 0.346   1.00 13.25 ? 123 TRP A CD1 1 
ATOM   961  C  CD2 . TRP A 1 123 ? -1.162  -13.634 0.938   1.00 13.29 ? 123 TRP A CD2 1 
ATOM   962  N  NE1 . TRP A 1 123 ? 0.908   -14.018 1.717   1.00 14.71 ? 123 TRP A NE1 1 
ATOM   963  C  CE2 . TRP A 1 123 ? -0.396  -13.842 2.108   1.00 13.56 ? 123 TRP A CE2 1 
ATOM   964  C  CE3 . TRP A 1 123 ? -2.544  -13.424 1.063   1.00 13.36 ? 123 TRP A CE3 1 
ATOM   965  C  CZ2 . TRP A 1 123 ? -0.963  -13.853 3.387   1.00 14.08 ? 123 TRP A CZ2 1 
ATOM   966  C  CZ3 . TRP A 1 123 ? -3.109  -13.437 2.338   1.00 13.65 ? 123 TRP A CZ3 1 
ATOM   967  C  CH2 . TRP A 1 123 ? -2.318  -13.649 3.480   1.00 12.91 ? 123 TRP A CH2 1 
ATOM   968  N  N   . ILE A 1 124 ? -1.438  -15.232 -4.534  1.00 14.60 ? 124 ILE A N   1 
ATOM   969  C  CA  . ILE A 1 124 ? -2.112  -15.084 -5.819  1.00 15.33 ? 124 ILE A CA  1 
ATOM   970  C  C   . ILE A 1 124 ? -2.462  -16.437 -6.427  1.00 15.92 ? 124 ILE A C   1 
ATOM   971  O  O   . ILE A 1 124 ? -2.933  -16.513 -7.562  1.00 15.89 ? 124 ILE A O   1 
ATOM   972  C  CB  . ILE A 1 124 ? -1.249  -14.297 -6.835  1.00 15.65 ? 124 ILE A CB  1 
ATOM   973  C  CG1 . ILE A 1 124 ? 0.055   -15.049 -7.116  1.00 16.93 ? 124 ILE A CG1 1 
ATOM   974  C  CG2 . ILE A 1 124 ? -0.970  -12.901 -6.303  1.00 15.52 ? 124 ILE A CG2 1 
ATOM   975  C  CD1 . ILE A 1 124 ? 0.907   -14.411 -8.199  1.00 19.80 ? 124 ILE A CD1 1 
ATOM   976  N  N   . ARG A 1 125 ? -2.242  -17.507 -5.671  1.00 16.61 ? 125 ARG A N   1 
ATOM   977  C  CA  . ARG A 1 125 ? -2.541  -18.843 -6.175  1.00 17.45 ? 125 ARG A CA  1 
ATOM   978  C  C   . ARG A 1 125 ? -4.044  -19.019 -6.371  1.00 17.87 ? 125 ARG A C   1 
ATOM   979  O  O   . ARG A 1 125 ? -4.846  -18.594 -5.539  1.00 17.89 ? 125 ARG A O   1 
ATOM   980  C  CB  . ARG A 1 125 ? -1.996  -19.914 -5.218  1.00 19.41 ? 125 ARG A CB  1 
ATOM   981  C  CG  . ARG A 1 125 ? -3.020  -20.565 -4.295  1.00 24.32 ? 125 ARG A CG  1 
ATOM   982  C  CD  . ARG A 1 125 ? -3.471  -19.637 -3.179  1.00 29.16 ? 125 ARG A CD  1 
ATOM   983  N  NE  . ARG A 1 125 ? -4.487  -20.265 -2.339  1.00 32.66 ? 125 ARG A NE  1 
ATOM   984  C  CZ  . ARG A 1 125 ? -4.988  -19.722 -1.233  1.00 34.50 ? 125 ARG A CZ  1 
ATOM   985  N  NH1 . ARG A 1 125 ? -4.565  -18.534 -0.823  1.00 35.65 ? 125 ARG A NH1 1 
ATOM   986  N  NH2 . ARG A 1 125 ? -5.914  -20.368 -0.536  1.00 35.31 ? 125 ARG A NH2 1 
ATOM   987  N  N   . GLY A 1 126 ? -4.419  -19.634 -7.489  1.00 18.40 ? 126 GLY A N   1 
ATOM   988  C  CA  . GLY A 1 126 ? -5.825  -19.858 -7.779  1.00 18.99 ? 126 GLY A CA  1 
ATOM   989  C  C   . GLY A 1 126 ? -6.499  -18.676 -8.448  1.00 19.46 ? 126 GLY A C   1 
ATOM   990  O  O   . GLY A 1 126 ? -7.622  -18.787 -8.940  1.00 19.71 ? 126 GLY A O   1 
ATOM   991  N  N   . CYS A 1 127 ? -5.819  -17.538 -8.478  1.00 19.77 ? 127 CYS A N   1 
ATOM   992  C  CA  . CYS A 1 127 ? -6.379  -16.344 -9.094  1.00 20.26 ? 127 CYS A CA  1 
ATOM   993  C  C   . CYS A 1 127 ? -6.186  -16.326 -10.602 1.00 20.80 ? 127 CYS A C   1 
ATOM   994  O  O   . CYS A 1 127 ? -5.099  -16.628 -11.095 1.00 20.87 ? 127 CYS A O   1 
ATOM   995  C  CB  . CYS A 1 127 ? -5.715  -15.092 -8.528  1.00 18.88 ? 127 CYS A CB  1 
ATOM   996  S  SG  . CYS A 1 127 ? -5.818  -14.825 -6.728  1.00 16.45 ? 127 CYS A SG  1 
ATOM   997  N  N   . ARG A 1 128 ? -7.233  -15.981 -11.341 1.00 21.25 ? 128 ARG A N   1 
ATOM   998  C  CA  . ARG A 1 128 ? -7.079  -15.893 -12.784 1.00 21.76 ? 128 ARG A CA  1 
ATOM   999  C  C   . ARG A 1 128 ? -6.582  -14.474 -13.039 1.00 22.00 ? 128 ARG A C   1 
ATOM   1000 O  O   . ARG A 1 128 ? -7.279  -13.495 -12.760 1.00 22.10 ? 128 ARG A O   1 
ATOM   1001 C  CB  . ARG A 1 128 ? -8.402  -16.171 -13.510 1.00 23.71 ? 128 ARG A CB  1 
ATOM   1002 C  CG  . ARG A 1 128 ? -9.614  -15.415 -13.016 1.00 26.66 ? 128 ARG A CG  1 
ATOM   1003 C  CD  . ARG A 1 128 ? -10.793 -15.650 -13.961 1.00 29.83 ? 128 ARG A CD  1 
ATOM   1004 N  NE  . ARG A 1 128 ? -11.262 -17.035 -13.966 1.00 31.05 ? 128 ARG A NE  1 
ATOM   1005 C  CZ  . ARG A 1 128 ? -12.338 -17.465 -13.312 1.00 31.72 ? 128 ARG A CZ  1 
ATOM   1006 N  NH1 . ARG A 1 128 ? -13.065 -16.616 -12.595 1.00 32.07 ? 128 ARG A NH1 1 
ATOM   1007 N  NH2 . ARG A 1 128 ? -12.692 -18.741 -13.379 1.00 32.69 ? 128 ARG A NH2 1 
ATOM   1008 N  N   . LEU A 1 129 ? -5.353  -14.372 -13.534 1.00 22.17 ? 129 LEU A N   1 
ATOM   1009 C  CA  . LEU A 1 129 ? -4.725  -13.082 -13.789 1.00 22.41 ? 129 LEU A CA  1 
ATOM   1010 C  C   . LEU A 1 129 ? -4.274  -12.909 -15.233 1.00 22.60 ? 129 LEU A C   1 
ATOM   1011 O  O   . LEU A 1 129 ? -3.806  -11.797 -15.562 1.00 22.73 ? 129 LEU A O   1 
ATOM   1012 C  CB  . LEU A 1 129 ? -3.524  -12.909 -12.857 1.00 22.80 ? 129 LEU A CB  1 
ATOM   1013 C  CG  . LEU A 1 129 ? -3.833  -12.939 -11.360 1.00 23.14 ? 129 LEU A CG  1 
ATOM   1014 C  CD1 . LEU A 1 129 ? -2.537  -13.037 -10.569 1.00 23.49 ? 129 LEU A CD1 1 
ATOM   1015 C  CD2 . LEU A 1 129 ? -4.616  -11.694 -10.971 1.00 24.11 ? 129 LEU A CD2 1 
ATOM   1016 O  OXT . LEU A 1 129 ? -4.377  -13.878 -16.012 1.00 23.89 ? 129 LEU A OXT 1 
HETATM 1017 CL CL  . CL  B 2 .   ? 14.648  -3.501  -4.047  1.00 13.72 ? 301 CL  A CL  1 
HETATM 1018 CL CL  . CL  C 2 .   ? -0.210  18.641  7.445   1.00 16.66 ? 302 CL  A CL  1 
HETATM 1019 NA NA  . NA  D 3 .   ? 1.655   15.229  4.827   1.00 11.77 ? 303 NA  A NA  1 
HETATM 1020 XE XE  . XE  E 4 .   ? -2.930  -0.603  -3.812  0.22 18.86 ? 201 XE  A XE  1 
HETATM 1021 XE XE  . XE  F 4 .   ? -6.985  6.731   12.549  0.23 11.44 ? 202 XE  A XE  1 
HETATM 1022 XE XE  . XE  G 4 .   ? -6.815  -9.676  -14.904 0.32 31.75 ? 203 XE  A XE  1 
HETATM 1023 O  O   . HOH H 5 .   ? 4.167   -13.695 -6.480  1.00 7.26  ? 304 HOH A O   1 
HETATM 1024 O  O   . HOH H 5 .   ? -4.865  18.225  -0.137  1.00 12.18 ? 305 HOH A O   1 
HETATM 1025 O  O   . HOH H 5 .   ? -6.632  5.076   -3.857  1.00 11.93 ? 306 HOH A O   1 
HETATM 1026 O  O   . HOH H 5 .   ? -14.559 -0.319  3.218   1.00 10.38 ? 307 HOH A O   1 
HETATM 1027 O  O   . HOH H 5 .   ? 13.494  -5.808  -6.059  1.00 12.36 ? 308 HOH A O   1 
HETATM 1028 O  O   . HOH H 5 .   ? -10.533 3.759   9.070   1.00 12.79 ? 309 HOH A O   1 
HETATM 1029 O  O   . HOH H 5 .   ? 2.514   -13.099 9.636   1.00 11.73 ? 310 HOH A O   1 
HETATM 1030 O  O   . HOH H 5 .   ? -5.366  20.562  4.280   1.00 11.74 ? 311 HOH A O   1 
HETATM 1031 O  O   . HOH H 5 .   ? -2.788  2.903   0.612   1.00 8.91  ? 312 HOH A O   1 
HETATM 1032 O  O   . HOH H 5 .   ? -6.328  2.330   -0.688  1.00 13.33 ? 313 HOH A O   1 
HETATM 1033 O  O   . HOH H 5 .   ? -2.345  12.658  10.851  1.00 10.73 ? 314 HOH A O   1 
HETATM 1034 O  O   . HOH H 5 .   ? -0.287  15.786  6.103   1.00 11.67 ? 315 HOH A O   1 
HETATM 1035 O  O   . HOH H 5 .   ? -9.601  -0.237  -8.521  1.00 16.16 ? 316 HOH A O   1 
HETATM 1036 O  O   . HOH H 5 .   ? -7.784  6.602   -6.737  1.00 14.79 ? 317 HOH A O   1 
HETATM 1037 O  O   . HOH H 5 .   ? 3.834   -1.441  8.068   1.00 14.84 ? 318 HOH A O   1 
HETATM 1038 O  O   . HOH H 5 .   ? 1.178   17.380  3.865   1.00 14.91 ? 319 HOH A O   1 
HETATM 1039 O  O   . HOH H 5 .   ? -2.868  -10.387 11.455  1.00 12.46 ? 320 HOH A O   1 
HETATM 1040 O  O   . HOH H 5 .   ? -7.825  2.793   -2.741  1.00 11.97 ? 321 HOH A O   1 
HETATM 1041 O  O   . HOH H 5 .   ? 9.060   -11.705 6.921   1.00 16.58 ? 322 HOH A O   1 
HETATM 1042 O  O   . HOH H 5 .   ? -10.706 15.223  1.338   1.00 15.12 ? 323 HOH A O   1 
HETATM 1043 O  O   . HOH H 5 .   ? 0.324   -4.106  9.718   1.00 14.10 ? 324 HOH A O   1 
HETATM 1044 O  O   . HOH H 5 .   ? -11.299 -9.931  1.520   1.00 15.34 ? 325 HOH A O   1 
HETATM 1045 O  O   . HOH H 5 .   ? 5.536   18.234  -0.465  1.00 15.86 ? 326 HOH A O   1 
HETATM 1046 O  O   . HOH H 5 .   ? 13.783  1.554   -3.688  1.00 14.70 ? 327 HOH A O   1 
HETATM 1047 O  O   . HOH H 5 .   ? 9.810   -14.013 -0.946  1.00 20.36 ? 328 HOH A O   1 
HETATM 1048 O  O   . HOH H 5 .   ? 11.413  2.485   -0.381  1.00 14.73 ? 329 HOH A O   1 
HETATM 1049 O  O   . HOH H 5 .   ? 9.707   -11.295 -0.656  1.00 14.76 ? 330 HOH A O   1 
HETATM 1050 O  O   . HOH H 5 .   ? 15.337  -8.409  6.521   1.00 18.84 ? 331 HOH A O   1 
HETATM 1051 O  O   . HOH H 5 .   ? 1.400   -5.561  -13.418 1.00 15.48 ? 332 HOH A O   1 
HETATM 1052 O  O   . HOH H 5 .   ? -15.467 2.377   -0.580  1.00 16.57 ? 333 HOH A O   1 
HETATM 1053 O  O   . HOH H 5 .   ? -16.862 -3.660  0.268   1.00 18.88 ? 334 HOH A O   1 
HETATM 1054 O  O   . HOH H 5 .   ? 6.493   -19.169 3.519   1.00 19.91 ? 335 HOH A O   1 
HETATM 1055 O  O   . HOH H 5 .   ? 9.442   -12.551 -3.644  1.00 15.28 ? 336 HOH A O   1 
HETATM 1056 O  O   . HOH H 5 .   ? -11.733 -12.165 -5.133  1.00 15.95 ? 337 HOH A O   1 
HETATM 1057 O  O   . HOH H 5 .   ? -10.315 -14.444 -3.769  1.00 19.09 ? 338 HOH A O   1 
HETATM 1058 O  O   . HOH H 5 .   ? 3.603   -14.245 7.281   1.00 15.36 ? 339 HOH A O   1 
HETATM 1059 O  O   . HOH H 5 .   ? 5.599   0.788   7.819   1.00 20.36 ? 340 HOH A O   1 
HETATM 1060 O  O   . HOH H 5 .   ? -0.784  1.026   9.754   1.00 17.28 ? 341 HOH A O   1 
HETATM 1061 O  O   . HOH H 5 .   ? -2.914  17.418  -2.395  1.00 18.57 ? 342 HOH A O   1 
HETATM 1062 O  O   . HOH H 5 .   ? -10.235 -9.367  3.979   1.00 17.26 ? 343 HOH A O   1 
HETATM 1063 O  O   . HOH H 5 .   ? 4.066   5.091   4.137   1.00 23.03 ? 344 HOH A O   1 
HETATM 1064 O  O   . HOH H 5 .   ? 3.310   -15.051 2.837   1.00 16.50 ? 345 HOH A O   1 
HETATM 1065 O  O   . HOH H 5 .   ? -1.325  9.061   -6.053  1.00 18.44 ? 346 HOH A O   1 
HETATM 1066 O  O   . HOH H 5 .   ? 6.948   -16.949 -3.501  1.00 20.96 ? 347 HOH A O   1 
HETATM 1067 O  O   . HOH H 5 .   ? -10.500 12.256  -1.893  1.00 22.40 ? 348 HOH A O   1 
HETATM 1068 O  O   . HOH H 5 .   ? 9.739   -1.460  -12.573 1.00 25.89 ? 349 HOH A O   1 
HETATM 1069 O  O   . HOH H 5 .   ? 10.695  7.767   -4.987  1.00 23.98 ? 350 HOH A O   1 
HETATM 1070 O  O   . HOH H 5 .   ? -10.399 -5.978  -9.653  1.00 26.43 ? 351 HOH A O   1 
HETATM 1071 O  O   . HOH H 5 .   ? 6.360   4.534   -12.643 1.00 29.81 ? 352 HOH A O   1 
HETATM 1072 O  O   . HOH H 5 .   ? -2.798  9.402   -8.484  1.00 25.02 ? 353 HOH A O   1 
HETATM 1073 O  O   . HOH H 5 .   ? -12.627 -0.853  -7.170  1.00 30.41 ? 354 HOH A O   1 
HETATM 1074 O  O   . HOH H 5 .   ? -9.880  -15.451 -9.458  1.00 27.46 ? 355 HOH A O   1 
HETATM 1075 O  O   . HOH H 5 .   ? 5.667   7.997   11.154  1.00 34.87 ? 356 HOH A O   1 
HETATM 1076 O  O   . HOH H 5 .   ? 11.354  -14.572 6.085   1.00 27.88 ? 357 HOH A O   1 
HETATM 1077 O  O   . HOH H 5 .   ? -14.788 5.591   -2.945  1.00 22.95 ? 358 HOH A O   1 
HETATM 1078 O  O   . HOH H 5 .   ? -11.255 -4.550  7.616   1.00 23.52 ? 359 HOH A O   1 
HETATM 1079 O  O   . HOH H 5 .   ? -2.692  -17.285 -10.197 1.00 24.86 ? 360 HOH A O   1 
HETATM 1080 O  O   . HOH H 5 .   ? -12.122 8.790   -0.319  1.00 26.01 ? 361 HOH A O   1 
HETATM 1081 O  O   . HOH H 5 .   ? 1.996   -1.889  10.078  1.00 27.19 ? 362 HOH A O   1 
HETATM 1082 O  O   . HOH H 5 .   ? 12.195  -9.816  -9.406  1.00 25.23 ? 363 HOH A O   1 
HETATM 1083 O  O   . HOH H 5 .   ? -7.828  15.458  13.982  1.00 25.83 ? 364 HOH A O   1 
HETATM 1084 O  O   . HOH H 5 .   ? 9.018   -13.613 -6.022  1.00 26.79 ? 365 HOH A O   1 
HETATM 1085 O  O   . HOH H 5 .   ? -8.339  -12.649 -10.096 1.00 22.92 ? 366 HOH A O   1 
HETATM 1086 O  O   . HOH H 5 .   ? -1.728  -1.790  9.873   1.00 30.15 ? 367 HOH A O   1 
HETATM 1087 O  O   . HOH H 5 .   ? 4.679   -1.859  -14.343 1.00 27.48 ? 368 HOH A O   1 
HETATM 1088 O  O   . HOH H 5 .   ? -10.407 -11.423 7.905   1.00 31.05 ? 369 HOH A O   1 
HETATM 1089 O  O   . HOH H 5 .   ? 0.785   -12.150 -12.704 1.00 49.52 ? 370 HOH A O   1 
HETATM 1090 O  O   . HOH H 5 .   ? -8.682  8.881   -5.335  1.00 30.71 ? 371 HOH A O   1 
HETATM 1091 O  O   . HOH H 5 .   ? -5.099  4.134   15.449  1.00 29.33 ? 372 HOH A O   1 
HETATM 1092 O  O   . HOH H 5 .   ? -7.103  4.616   -13.339 1.00 27.94 ? 373 HOH A O   1 
HETATM 1093 O  O   . HOH H 5 .   ? -2.683  6.466   -13.305 1.00 30.80 ? 374 HOH A O   1 
HETATM 1094 O  O   . HOH H 5 .   ? 4.375   15.898  13.039  1.00 40.71 ? 375 HOH A O   1 
HETATM 1095 O  O   . HOH H 5 .   ? 1.160   10.118  -6.607  1.00 22.30 ? 376 HOH A O   1 
HETATM 1096 O  O   . HOH H 5 .   ? -2.009  3.100   -12.186 1.00 32.19 ? 377 HOH A O   1 
HETATM 1097 O  O   . HOH H 5 .   ? -12.584 -4.617  -8.691  1.00 23.31 ? 378 HOH A O   1 
HETATM 1098 O  O   . HOH H 5 .   ? 4.146   1.403   -14.155 1.00 28.60 ? 379 HOH A O   1 
HETATM 1099 O  O   . HOH H 5 .   ? 14.458  -2.543  -7.321  1.00 30.48 ? 380 HOH A O   1 
HETATM 1100 O  O   . HOH H 5 .   ? 0.186   19.685  -0.032  1.00 25.86 ? 381 HOH A O   1 
HETATM 1101 O  O   . HOH H 5 .   ? -9.748  -11.919 4.886   1.00 28.10 ? 382 HOH A O   1 
HETATM 1102 O  O   . HOH H 5 .   ? -3.249  22.654  8.413   1.00 30.58 ? 383 HOH A O   1 
HETATM 1103 O  O   . HOH H 5 .   ? -11.226 -13.403 -1.012  1.00 32.97 ? 384 HOH A O   1 
HETATM 1104 O  O   . HOH H 5 .   ? 11.626  -1.611  7.620   1.00 32.32 ? 385 HOH A O   1 
HETATM 1105 O  O   . HOH H 5 .   ? 8.192   9.793   12.516  1.00 40.98 ? 386 HOH A O   1 
HETATM 1106 O  O   . HOH H 5 .   ? 2.953   18.722  -3.228  1.00 33.25 ? 387 HOH A O   1 
HETATM 1107 O  O   . HOH H 5 .   ? 4.022   7.064   -9.434  1.00 31.46 ? 388 HOH A O   1 
HETATM 1108 O  O   . HOH H 5 .   ? -0.118  15.257  14.300  1.00 31.85 ? 389 HOH A O   1 
HETATM 1109 O  O   . HOH H 5 .   ? 3.618   4.343   15.171  1.00 22.38 ? 390 HOH A O   1 
HETATM 1110 O  O   . HOH H 5 .   ? -17.395 0.086   -4.147  1.00 67.11 ? 391 HOH A O   1 
HETATM 1111 O  O   . HOH H 5 .   ? 8.725   -6.457  -15.454 1.00 40.06 ? 392 HOH A O   1 
HETATM 1112 O  O   . HOH H 5 .   ? 2.709   -17.613 2.167   1.00 29.01 ? 393 HOH A O   1 
HETATM 1113 O  O   . HOH H 5 .   ? 5.176   7.160   14.839  1.00 29.98 ? 394 HOH A O   1 
HETATM 1114 O  O   . HOH H 5 .   ? 12.479  -10.040 7.784   1.00 39.68 ? 395 HOH A O   1 
HETATM 1115 O  O   . HOH H 5 .   ? -2.486  -17.613 1.732   1.00 39.20 ? 396 HOH A O   1 
HETATM 1116 O  O   . HOH H 5 .   ? -10.074 -12.212 1.012   1.00 34.86 ? 397 HOH A O   1 
HETATM 1117 O  O   . HOH H 5 .   ? 10.904  17.723  4.983   1.00 29.59 ? 398 HOH A O   1 
HETATM 1118 O  O   . HOH H 5 .   ? 4.982   2.892   3.747   1.00 35.62 ? 399 HOH A O   1 
HETATM 1119 O  O   . HOH H 5 .   ? 6.118   -20.553 -4.843  1.00 39.42 ? 400 HOH A O   1 
HETATM 1120 O  O   . HOH H 5 .   ? 11.668  10.522  1.433   1.00 36.54 ? 401 HOH A O   1 
HETATM 1121 O  O   . HOH H 5 .   ? -0.806  10.070  18.370  1.00 36.30 ? 402 HOH A O   1 
HETATM 1122 O  O   . HOH H 5 .   ? -5.022  -23.038 0.762   1.00 44.76 ? 403 HOH A O   1 
HETATM 1123 O  O   . HOH H 5 .   ? -10.195 7.573   -6.896  1.00 33.63 ? 404 HOH A O   1 
HETATM 1124 O  O   . HOH H 5 .   ? 11.967  -8.785  11.297  1.00 28.70 ? 405 HOH A O   1 
HETATM 1125 O  O   . HOH H 5 .   ? 1.177   4.451   -12.604 1.00 31.89 ? 406 HOH A O   1 
HETATM 1126 O  O   . HOH H 5 .   ? 9.260   16.275  6.459   1.00 38.58 ? 407 HOH A O   1 
HETATM 1127 O  O   . HOH H 5 .   ? -4.881  -8.809  8.399   1.00 30.68 ? 408 HOH A O   1 
HETATM 1128 O  O   . HOH H 5 .   ? -5.366  -2.249  9.570   1.00 32.21 ? 409 HOH A O   1 
HETATM 1129 O  O   . HOH H 5 .   ? 12.229  4.092   1.692   1.00 36.84 ? 410 HOH A O   1 
HETATM 1130 O  O   . HOH H 5 .   ? -9.151  -2.888  7.817   1.00 25.21 ? 411 HOH A O   1 
HETATM 1131 O  O   . HOH H 5 .   ? 15.260  0.908   -5.967  1.00 35.95 ? 412 HOH A O   1 
HETATM 1132 O  O   . HOH H 5 .   ? 1.387   0.198   8.791   1.00 30.83 ? 413 HOH A O   1 
HETATM 1133 O  O   . HOH H 5 .   ? 13.547  10.811  -2.274  1.00 41.24 ? 414 HOH A O   1 
HETATM 1134 O  O   . HOH H 5 .   ? -15.110 -6.429  -3.071  1.00 26.30 ? 415 HOH A O   1 
HETATM 1135 O  O   . HOH H 5 .   ? 0.309   20.732  9.685   1.00 22.69 ? 416 HOH A O   1 
HETATM 1136 O  O   . HOH H 5 .   ? -13.812 8.143   -2.367  1.00 32.32 ? 417 HOH A O   1 
HETATM 1137 O  O   . HOH H 5 .   ? -7.111  -13.635 2.519   1.00 12.72 ? 418 HOH A O   1 
HETATM 1138 O  O   . HOH H 5 .   ? 12.102  -15.481 -1.124  1.00 22.23 ? 419 HOH A O   1 
HETATM 1139 O  O   . HOH H 5 .   ? 14.510  -14.452 0.202   1.00 23.53 ? 420 HOH A O   1 
HETATM 1140 O  O   . HOH H 5 .   ? 14.162  -12.781 3.688   1.00 19.49 ? 421 HOH A O   1 
HETATM 1141 O  O   . HOH H 5 .   ? 14.247  -11.138 6.156   1.00 19.86 ? 422 HOH A O   1 
HETATM 1142 O  O   . HOH H 5 .   ? 17.484  3.006   -5.372  1.00 30.37 ? 423 HOH A O   1 
HETATM 1143 O  O   . HOH H 5 .   ? 1.965   19.516  2.506   1.00 37.04 ? 424 HOH A O   1 
HETATM 1144 O  O   . HOH H 5 .   ? 16.365  -4.519  4.956   1.00 31.82 ? 425 HOH A O   1 
HETATM 1145 O  O   . HOH H 5 .   ? 2.973   24.037  7.771   1.00 34.33 ? 426 HOH A O   1 
HETATM 1146 O  O   . HOH H 5 .   ? 3.447   21.671  8.641   0.50 15.91 ? 427 HOH A O   1 
# 
